data_1F8M
#
_entry.id   1F8M
#
_cell.length_a   74.310
_cell.length_b   129.037
_cell.length_c   166.165
_cell.angle_alpha   90.00
_cell.angle_beta   90.00
_cell.angle_gamma   90.00
#
_symmetry.space_group_name_H-M   'P 21 21 21'
#
loop_
_entity.id
_entity.type
_entity.pdbx_description
1 polymer 'ISOCITRATE LYASE'
2 non-polymer 'MAGNESIUM ION'
3 non-polymer 'PYRUVIC ACID'
4 water water
#
_entity_poly.entity_id   1
_entity_poly.type   'polypeptide(L)'
_entity_poly.pdbx_seq_one_letter_code
;MASVVGTPKSAEQIQQEWDTNPRWKDVTRTYSAEDVVALQGSVVEEHTLARRGAEVLWEQLHDLEWVNALGALTGNMAVQ
QVRAGLKAIYLSGWQVAGDANLSGHTYPDQSLYPANSVPQVVRRINNALQRADQIAKIEGDTSVENWLAPIVADGEAGFG
GALNVYELQKALIAAGVAGSHWEDQLASEKKCGHLGGKVLIPTQQHIRTLTSARLAADVADVPTVVIARTDAEAATLITS
DVDERDQPFITGERTREGFYRTKNGIEPCIARAKAYAPFADLIWMETGTPDLEAARQFSEAVKAEYPDQMLAYNCSPSFN
WKKHLDDATIAKFQKELAAMGFKFQFITLAGFHALNYSMFDLAYGYAQNQMSAYVELQEREFAAEERGYTATKHQREVGA
GYFDRIATTVDPNSSTTALTGSTEEGQFH
;
_entity_poly.pdbx_strand_id   A,B,C,D
#
loop_
_chem_comp.id
_chem_comp.type
_chem_comp.name
_chem_comp.formula
MG non-polymer 'MAGNESIUM ION' 'Mg 2'
PYR non-polymer 'PYRUVIC ACID' 'C3 H4 O3'
#
# COMPACT_ATOMS: atom_id res chain seq x y z
N ALA A 2 7.49 30.86 8.66
CA ALA A 2 6.10 30.83 9.23
C ALA A 2 5.07 31.49 8.27
N SER A 3 3.81 31.09 8.44
CA SER A 3 2.70 31.59 7.61
C SER A 3 1.44 31.53 8.48
N VAL A 4 0.30 31.96 7.95
CA VAL A 4 -0.94 31.93 8.72
C VAL A 4 -1.89 30.86 8.21
N VAL A 5 -1.48 30.18 7.14
CA VAL A 5 -2.27 29.13 6.51
C VAL A 5 -2.40 27.98 7.51
N GLY A 6 -3.63 27.54 7.78
CA GLY A 6 -3.86 26.45 8.70
C GLY A 6 -3.63 26.78 10.17
N THR A 7 -3.85 28.04 10.54
CA THR A 7 -3.67 28.47 11.93
C THR A 7 -4.82 27.95 12.75
N PRO A 8 -4.52 27.23 13.84
CA PRO A 8 -5.56 26.66 14.69
C PRO A 8 -6.46 27.72 15.31
N LYS A 9 -7.75 27.41 15.41
CA LYS A 9 -8.72 28.31 16.03
C LYS A 9 -8.35 28.39 17.51
N SER A 10 -8.80 29.45 18.18
CA SER A 10 -8.52 29.58 19.60
C SER A 10 -9.59 28.77 20.31
N ALA A 11 -9.33 28.43 21.56
CA ALA A 11 -10.28 27.68 22.37
C ALA A 11 -11.61 28.43 22.44
N GLU A 12 -11.56 29.76 22.49
CA GLU A 12 -12.79 30.56 22.58
C GLU A 12 -13.67 30.38 21.34
N GLN A 13 -13.05 30.44 20.17
CA GLN A 13 -13.82 30.25 18.94
C GLN A 13 -14.50 28.90 18.94
N ILE A 14 -13.77 27.87 19.38
CA ILE A 14 -14.33 26.53 19.43
C ILE A 14 -15.49 26.45 20.42
N GLN A 15 -15.28 27.02 21.61
CA GLN A 15 -16.33 26.99 22.62
C GLN A 15 -17.58 27.64 22.05
N GLN A 16 -17.40 28.79 21.41
CA GLN A 16 -18.48 29.53 20.79
C GLN A 16 -19.33 28.66 19.87
N GLU A 17 -18.68 27.87 19.01
CA GLU A 17 -19.40 26.99 18.09
C GLU A 17 -20.16 25.93 18.88
N TRP A 18 -19.50 25.33 19.86
CA TRP A 18 -20.14 24.31 20.69
C TRP A 18 -21.33 24.96 21.38
N ASP A 19 -21.09 26.14 21.92
CA ASP A 19 -22.14 26.86 22.61
C ASP A 19 -23.29 27.35 21.72
N THR A 20 -23.01 27.69 20.45
CA THR A 20 -24.07 28.25 19.62
C THR A 20 -24.53 27.55 18.34
N ASN A 21 -23.75 26.58 17.84
CA ASN A 21 -24.20 25.88 16.64
C ASN A 21 -25.16 24.77 17.06
N PRO A 22 -26.38 24.78 16.52
CA PRO A 22 -27.40 23.78 16.84
C PRO A 22 -26.88 22.36 16.58
N ARG A 23 -25.83 22.26 15.76
CA ARG A 23 -25.27 20.94 15.47
C ARG A 23 -24.85 20.23 16.76
N TRP A 24 -24.35 21.01 17.72
CA TRP A 24 -23.90 20.47 18.98
C TRP A 24 -24.93 20.56 20.09
N LYS A 25 -26.18 20.80 19.70
CA LYS A 25 -27.26 20.95 20.67
C LYS A 25 -27.25 19.85 21.72
N ASP A 26 -27.39 18.61 21.29
CA ASP A 26 -27.43 17.51 22.26
C ASP A 26 -26.17 16.70 22.40
N VAL A 27 -25.03 17.34 22.27
CA VAL A 27 -23.77 16.63 22.34
C VAL A 27 -22.98 16.92 23.58
N THR A 28 -22.71 15.90 24.36
CA THR A 28 -21.92 16.05 25.58
C THR A 28 -20.45 15.74 25.27
N ARG A 29 -19.58 16.64 25.70
CA ARG A 29 -18.14 16.45 25.57
C ARG A 29 -17.55 16.48 26.97
N THR A 30 -16.95 15.36 27.42
CA THR A 30 -16.37 15.34 28.74
C THR A 30 -14.98 15.97 28.81
N TYR A 31 -14.51 16.51 27.70
CA TYR A 31 -13.20 17.18 27.70
C TYR A 31 -13.52 18.63 27.36
N SER A 32 -12.52 19.51 27.43
CA SER A 32 -12.76 20.93 27.17
C SER A 32 -12.20 21.42 25.85
N ALA A 33 -12.66 22.59 25.42
CA ALA A 33 -12.17 23.21 24.19
C ALA A 33 -10.67 23.36 24.28
N GLU A 34 -10.15 23.74 25.45
CA GLU A 34 -8.70 23.90 25.57
C GLU A 34 -7.98 22.55 25.40
N ASP A 35 -8.64 21.46 25.76
CA ASP A 35 -8.00 20.14 25.63
C ASP A 35 -7.77 19.86 24.14
N VAL A 36 -8.75 20.27 23.33
CA VAL A 36 -8.69 20.10 21.88
C VAL A 36 -7.50 20.88 21.31
N VAL A 37 -7.42 22.17 21.64
CA VAL A 37 -6.32 22.99 21.14
C VAL A 37 -4.95 22.45 21.52
N ALA A 38 -4.84 21.89 22.71
CA ALA A 38 -3.58 21.35 23.20
C ALA A 38 -3.00 20.28 22.25
N LEU A 39 -3.90 19.53 21.65
CA LEU A 39 -3.50 18.43 20.77
C LEU A 39 -3.26 18.79 19.29
N GLN A 40 -3.55 20.04 18.92
CA GLN A 40 -3.41 20.46 17.52
C GLN A 40 -2.12 20.96 16.94
N GLY A 41 -1.08 21.05 17.73
CA GLY A 41 0.16 21.56 17.18
C GLY A 41 -0.06 22.99 16.70
N SER A 42 0.80 23.46 15.80
CA SER A 42 0.63 24.83 15.34
C SER A 42 0.00 24.99 13.97
N VAL A 43 -0.44 23.88 13.36
CA VAL A 43 -1.07 23.88 12.03
C VAL A 43 -2.18 22.82 11.97
N VAL A 44 -3.38 23.20 11.55
CA VAL A 44 -4.51 22.28 11.42
C VAL A 44 -4.90 22.10 9.95
N GLU A 45 -4.77 20.87 9.44
CA GLU A 45 -5.11 20.61 8.04
C GLU A 45 -6.62 20.75 7.81
N GLU A 46 -7.01 21.28 6.67
CA GLU A 46 -8.43 21.41 6.35
C GLU A 46 -8.78 20.09 5.68
N HIS A 47 -9.94 19.53 6.04
CA HIS A 47 -10.44 18.28 5.44
C HIS A 47 -11.75 18.62 4.76
N THR A 48 -11.61 19.22 3.58
CA THR A 48 -12.76 19.63 2.82
C THR A 48 -13.84 18.58 2.68
N LEU A 49 -13.50 17.40 2.17
CA LEU A 49 -14.57 16.44 1.98
C LEU A 49 -15.21 15.95 3.29
N ALA A 50 -14.42 15.76 4.33
CA ALA A 50 -14.97 15.33 5.62
C ALA A 50 -15.97 16.39 6.12
N ARG A 51 -15.58 17.66 5.97
CA ARG A 51 -16.44 18.76 6.43
C ARG A 51 -17.70 18.84 5.61
N ARG A 52 -17.56 18.87 4.30
CA ARG A 52 -18.71 18.98 3.44
C ARG A 52 -19.61 17.78 3.55
N GLY A 53 -19.01 16.58 3.63
CA GLY A 53 -19.85 15.41 3.73
C GLY A 53 -20.63 15.35 5.03
N ALA A 54 -20.00 15.76 6.13
CA ALA A 54 -20.64 15.75 7.44
C ALA A 54 -21.77 16.79 7.47
N GLU A 55 -21.50 17.96 6.90
CA GLU A 55 -22.51 19.03 6.84
C GLU A 55 -23.70 18.60 6.03
N VAL A 56 -23.46 18.05 4.85
CA VAL A 56 -24.53 17.56 3.99
C VAL A 56 -25.29 16.41 4.64
N LEU A 57 -24.57 15.53 5.33
CA LEU A 57 -25.24 14.39 5.95
C LEU A 57 -26.20 14.84 7.07
N TRP A 58 -25.72 15.72 7.92
CA TRP A 58 -26.57 16.17 9.01
C TRP A 58 -27.82 16.86 8.44
N GLU A 59 -27.66 17.66 7.39
CA GLU A 59 -28.79 18.34 6.79
C GLU A 59 -29.80 17.36 6.25
N GLN A 60 -29.34 16.38 5.49
CA GLN A 60 -30.27 15.41 4.92
C GLN A 60 -31.02 14.63 5.99
N LEU A 61 -30.34 14.31 7.09
CA LEU A 61 -30.99 13.56 8.16
C LEU A 61 -32.17 14.35 8.74
N HIS A 62 -32.08 15.67 8.68
CA HIS A 62 -33.15 16.53 9.18
C HIS A 62 -34.14 16.97 8.08
N ASP A 63 -33.71 16.99 6.81
CA ASP A 63 -34.55 17.43 5.70
C ASP A 63 -35.36 16.41 4.94
N LEU A 64 -34.92 15.15 4.95
CA LEU A 64 -35.64 14.10 4.22
C LEU A 64 -36.44 13.21 5.15
N GLU A 65 -37.44 12.52 4.60
CA GLU A 65 -38.27 11.59 5.37
C GLU A 65 -37.25 10.65 6.06
N TRP A 66 -36.23 10.23 5.33
CA TRP A 66 -35.15 9.41 5.88
C TRP A 66 -34.06 9.25 4.82
N VAL A 67 -32.85 8.91 5.27
CA VAL A 67 -31.69 8.75 4.39
C VAL A 67 -31.37 7.27 4.31
N ASN A 68 -31.33 6.70 3.11
CA ASN A 68 -30.98 5.29 2.96
C ASN A 68 -29.74 5.16 2.10
N ALA A 69 -29.16 3.97 2.08
CA ALA A 69 -27.93 3.76 1.38
C ALA A 69 -27.77 2.30 1.16
N LEU A 70 -26.73 1.97 0.39
CA LEU A 70 -26.36 0.58 0.06
C LEU A 70 -24.85 0.51 0.30
N GLY A 71 -24.36 -0.66 0.73
CA GLY A 71 -22.93 -0.80 1.00
C GLY A 71 -22.19 -0.77 -0.31
N ALA A 72 -21.06 -0.06 -0.38
CA ALA A 72 -20.25 0.01 -1.59
C ALA A 72 -18.82 -0.40 -1.24
N LEU A 73 -18.20 -1.23 -2.07
CA LEU A 73 -16.84 -1.65 -1.79
C LEU A 73 -15.89 -1.23 -2.89
N THR A 74 -16.42 -0.69 -3.99
CA THR A 74 -15.54 -0.13 -5.03
C THR A 74 -16.03 1.30 -5.35
N GLY A 75 -15.14 2.10 -5.93
CA GLY A 75 -15.49 3.47 -6.28
C GLY A 75 -16.63 3.49 -7.30
N ASN A 76 -16.50 2.68 -8.33
CA ASN A 76 -17.55 2.59 -9.35
C ASN A 76 -18.93 2.23 -8.72
N MET A 77 -18.92 1.44 -7.66
CA MET A 77 -20.19 1.10 -7.03
C MET A 77 -20.87 2.30 -6.49
N ALA A 78 -20.11 3.14 -5.80
CA ALA A 78 -20.65 4.36 -5.24
C ALA A 78 -21.11 5.30 -6.37
N VAL A 79 -20.36 5.34 -7.47
CA VAL A 79 -20.78 6.21 -8.56
C VAL A 79 -22.16 5.79 -9.07
N GLN A 80 -22.38 4.49 -9.21
CA GLN A 80 -23.69 4.04 -9.69
C GLN A 80 -24.80 4.33 -8.68
N GLN A 81 -24.50 4.23 -7.39
CA GLN A 81 -25.51 4.48 -6.36
C GLN A 81 -25.99 5.93 -6.44
N VAL A 82 -25.06 6.86 -6.64
CA VAL A 82 -25.37 8.27 -6.76
C VAL A 82 -26.07 8.55 -8.10
N ARG A 83 -25.61 7.89 -9.17
CA ARG A 83 -26.21 8.07 -10.50
C ARG A 83 -27.67 7.65 -10.44
N ALA A 84 -27.94 6.56 -9.72
CA ALA A 84 -29.30 6.03 -9.60
C ALA A 84 -30.20 6.85 -8.65
N GLY A 85 -29.65 7.87 -8.00
CA GLY A 85 -30.46 8.72 -7.14
C GLY A 85 -30.27 8.67 -5.64
N LEU A 86 -29.43 7.76 -5.15
CA LEU A 86 -29.20 7.64 -3.71
C LEU A 86 -28.46 8.86 -3.18
N LYS A 87 -28.69 9.23 -1.92
CA LYS A 87 -28.02 10.42 -1.42
C LYS A 87 -26.96 10.23 -0.34
N ALA A 88 -26.57 8.98 -0.13
CA ALA A 88 -25.53 8.66 0.85
C ALA A 88 -24.96 7.30 0.44
N ILE A 89 -23.75 7.00 0.91
CA ILE A 89 -23.09 5.74 0.59
C ILE A 89 -22.73 5.06 1.90
N TYR A 90 -22.93 3.74 1.98
CA TYR A 90 -22.58 3.03 3.21
C TYR A 90 -21.33 2.22 2.90
N LEU A 91 -20.33 2.26 3.78
CA LEU A 91 -19.07 1.55 3.57
C LEU A 91 -18.97 0.55 4.69
N SER A 92 -19.25 -0.68 4.28
CA SER A 92 -19.29 -1.84 5.15
C SER A 92 -17.91 -2.43 5.42
N GLY A 93 -17.64 -2.72 6.69
CA GLY A 93 -16.34 -3.32 7.06
C GLY A 93 -16.40 -4.80 6.70
N TRP A 94 -17.60 -5.38 6.67
CA TRP A 94 -17.78 -6.80 6.30
C TRP A 94 -17.33 -6.96 4.84
N GLN A 95 -17.76 -6.04 3.97
CA GLN A 95 -17.43 -6.06 2.54
C GLN A 95 -15.92 -5.86 2.32
N VAL A 96 -15.32 -4.96 3.10
CA VAL A 96 -13.88 -4.72 3.04
C VAL A 96 -13.15 -6.03 3.47
N ALA A 97 -13.63 -6.68 4.53
CA ALA A 97 -13.02 -7.94 4.97
C ALA A 97 -13.13 -8.99 3.83
N GLY A 98 -14.28 -9.05 3.20
CA GLY A 98 -14.48 -10.04 2.17
C GLY A 98 -13.86 -9.83 0.79
N ASP A 99 -13.64 -8.58 0.38
CA ASP A 99 -13.13 -8.39 -0.99
C ASP A 99 -12.43 -7.06 -1.22
N ALA A 100 -12.11 -6.30 -0.17
CA ALA A 100 -11.45 -5.00 -0.43
C ALA A 100 -10.56 -4.50 0.70
N ASN A 101 -9.68 -5.36 1.21
CA ASN A 101 -8.84 -4.89 2.29
C ASN A 101 -7.35 -4.93 1.96
N LEU A 102 -6.58 -4.17 2.73
CA LEU A 102 -5.13 -4.03 2.47
C LEU A 102 -4.25 -5.28 2.67
N SER A 103 -4.80 -6.37 3.17
CA SER A 103 -3.97 -7.59 3.28
C SER A 103 -4.03 -8.41 2.00
N GLY A 104 -5.02 -8.10 1.17
CA GLY A 104 -5.23 -8.83 -0.08
C GLY A 104 -5.99 -10.15 0.11
N HIS A 105 -6.30 -10.51 1.36
CA HIS A 105 -7.02 -11.74 1.66
C HIS A 105 -8.53 -11.59 1.82
N THR A 106 -9.23 -12.73 1.67
CA THR A 106 -10.68 -12.80 1.85
C THR A 106 -10.84 -13.15 3.33
N TYR A 107 -11.62 -12.37 4.08
CA TYR A 107 -11.84 -12.69 5.49
C TYR A 107 -13.27 -12.59 5.93
N PRO A 108 -13.64 -13.35 6.99
CA PRO A 108 -14.97 -13.32 7.56
C PRO A 108 -14.96 -12.00 8.37
N ASP A 109 -16.09 -11.58 8.89
CA ASP A 109 -16.20 -10.29 9.56
C ASP A 109 -15.80 -10.35 11.04
N GLN A 110 -14.47 -10.41 11.27
CA GLN A 110 -13.89 -10.52 12.61
C GLN A 110 -12.70 -9.58 12.89
N SER A 111 -12.71 -8.41 12.26
CA SER A 111 -11.63 -7.42 12.43
C SER A 111 -10.23 -8.01 12.24
N LEU A 112 -10.08 -8.80 11.18
CA LEU A 112 -8.82 -9.45 10.83
C LEU A 112 -7.95 -8.63 9.87
N TYR A 113 -8.53 -7.69 9.13
CA TYR A 113 -7.79 -6.92 8.14
C TYR A 113 -7.06 -5.73 8.76
N PRO A 114 -6.04 -5.16 8.04
CA PRO A 114 -5.28 -4.01 8.53
C PRO A 114 -6.24 -2.86 8.84
N ALA A 115 -6.06 -2.25 10.00
CA ALA A 115 -6.93 -1.16 10.46
C ALA A 115 -7.07 0.09 9.56
N ASN A 116 -6.21 0.26 8.57
CA ASN A 116 -6.36 1.40 7.67
C ASN A 116 -7.08 1.03 6.39
N SER A 117 -7.73 -0.14 6.38
CA SER A 117 -8.42 -0.54 5.18
C SER A 117 -9.66 0.28 4.85
N VAL A 118 -10.54 0.46 5.82
CA VAL A 118 -11.76 1.23 5.54
C VAL A 118 -11.45 2.68 5.10
N PRO A 119 -10.48 3.34 5.78
CA PRO A 119 -10.12 4.72 5.40
C PRO A 119 -9.68 4.73 3.94
N GLN A 120 -8.90 3.72 3.55
CA GLN A 120 -8.50 3.70 2.16
C GLN A 120 -9.66 3.61 1.21
N VAL A 121 -10.70 2.86 1.58
CA VAL A 121 -11.85 2.69 0.69
C VAL A 121 -12.68 3.98 0.72
N VAL A 122 -12.62 4.69 1.84
CA VAL A 122 -13.33 5.97 1.91
C VAL A 122 -12.64 6.89 0.90
N ARG A 123 -11.30 6.90 0.88
CA ARG A 123 -10.56 7.75 -0.05
C ARG A 123 -10.85 7.39 -1.51
N ARG A 124 -10.92 6.09 -1.80
CA ARG A 124 -11.23 5.58 -3.13
C ARG A 124 -12.61 6.04 -3.58
N ILE A 125 -13.57 5.87 -2.70
CA ILE A 125 -14.94 6.25 -3.03
C ILE A 125 -15.03 7.73 -3.35
N ASN A 126 -14.46 8.56 -2.49
CA ASN A 126 -14.46 9.97 -2.78
C ASN A 126 -13.71 10.27 -4.13
N ASN A 127 -12.60 9.58 -4.41
CA ASN A 127 -11.90 9.83 -5.68
C ASN A 127 -12.83 9.49 -6.85
N ALA A 128 -13.61 8.43 -6.72
CA ALA A 128 -14.47 8.05 -7.82
C ALA A 128 -15.62 9.02 -8.00
N LEU A 129 -16.17 9.49 -6.90
CA LEU A 129 -17.30 10.40 -7.00
C LEU A 129 -16.77 11.70 -7.57
N GLN A 130 -15.54 12.07 -7.20
CA GLN A 130 -14.90 13.29 -7.71
C GLN A 130 -14.71 13.22 -9.20
N ARG A 131 -14.26 12.08 -9.70
CA ARG A 131 -14.10 11.92 -11.14
C ARG A 131 -15.49 12.08 -11.82
N ALA A 132 -16.51 11.42 -11.29
CA ALA A 132 -17.83 11.52 -11.88
C ALA A 132 -18.22 12.97 -11.91
N ASP A 133 -17.93 13.66 -10.81
CA ASP A 133 -18.23 15.09 -10.68
C ASP A 133 -17.54 15.88 -11.80
N GLN A 134 -16.23 15.70 -11.94
CA GLN A 134 -15.42 16.34 -12.98
C GLN A 134 -15.94 16.05 -14.40
N ILE A 135 -16.35 14.81 -14.67
CA ILE A 135 -16.85 14.45 -15.98
C ILE A 135 -18.21 15.13 -16.26
N ALA A 136 -19.11 15.09 -15.27
CA ALA A 136 -20.44 15.68 -15.45
C ALA A 136 -20.30 17.17 -15.74
N LYS A 137 -19.27 17.80 -15.19
CA LYS A 137 -19.06 19.22 -15.45
C LYS A 137 -18.70 19.49 -16.91
N ILE A 138 -17.75 18.75 -17.47
CA ILE A 138 -17.39 18.99 -18.87
C ILE A 138 -18.42 18.43 -19.84
N GLU A 139 -19.31 17.57 -19.35
CA GLU A 139 -20.32 17.03 -20.24
C GLU A 139 -21.60 17.87 -20.14
N GLY A 140 -21.60 18.85 -19.24
CA GLY A 140 -22.78 19.65 -19.01
C GLY A 140 -23.95 18.82 -18.46
N ASP A 141 -23.61 17.76 -17.73
CA ASP A 141 -24.61 16.87 -17.13
C ASP A 141 -25.08 17.37 -15.75
N THR A 142 -26.37 17.72 -15.65
CA THR A 142 -26.94 18.20 -14.41
C THR A 142 -27.91 17.18 -13.83
N SER A 143 -27.92 15.98 -14.40
CA SER A 143 -28.81 14.94 -13.92
C SER A 143 -28.60 14.61 -12.43
N VAL A 144 -27.44 14.94 -11.88
CA VAL A 144 -27.16 14.68 -10.47
C VAL A 144 -26.82 15.99 -9.75
N GLU A 145 -27.56 16.28 -8.69
CA GLU A 145 -27.33 17.51 -7.96
C GLU A 145 -26.05 17.52 -7.13
N ASN A 146 -25.75 16.43 -6.44
CA ASN A 146 -24.55 16.35 -5.59
C ASN A 146 -23.85 15.02 -5.83
N TRP A 147 -22.75 15.04 -6.58
CA TRP A 147 -22.00 13.81 -6.83
C TRP A 147 -21.29 13.38 -5.55
N LEU A 148 -20.84 14.34 -4.75
CA LEU A 148 -20.16 13.99 -3.51
C LEU A 148 -21.11 13.63 -2.37
N ALA A 149 -21.85 12.54 -2.52
CA ALA A 149 -22.75 12.06 -1.48
C ALA A 149 -21.94 11.75 -0.20
N PRO A 150 -22.51 12.03 0.98
CA PRO A 150 -21.75 11.74 2.20
C PRO A 150 -21.59 10.22 2.37
N ILE A 151 -20.44 9.82 2.91
CA ILE A 151 -20.13 8.42 3.17
C ILE A 151 -20.23 8.15 4.67
N VAL A 152 -20.86 7.05 5.04
CA VAL A 152 -20.97 6.68 6.46
C VAL A 152 -20.16 5.42 6.51
N ALA A 153 -19.11 5.39 7.32
CA ALA A 153 -18.27 4.18 7.33
C ALA A 153 -18.16 3.47 8.65
N ASP A 154 -17.77 2.21 8.51
CA ASP A 154 -17.62 1.22 9.57
C ASP A 154 -16.32 1.32 10.39
N GLY A 155 -16.45 1.64 11.68
CA GLY A 155 -15.29 1.74 12.52
C GLY A 155 -15.15 0.49 13.35
N GLU A 156 -16.02 -0.48 13.08
CA GLU A 156 -16.06 -1.75 13.77
C GLU A 156 -15.93 -1.56 15.26
N ALA A 157 -15.04 -2.28 15.90
CA ALA A 157 -14.94 -2.13 17.32
C ALA A 157 -13.65 -1.37 17.66
N GLY A 158 -13.14 -0.62 16.67
CA GLY A 158 -11.99 0.21 16.92
C GLY A 158 -10.61 -0.37 16.80
N PHE A 159 -10.53 -1.65 16.51
CA PHE A 159 -9.22 -2.33 16.36
C PHE A 159 -8.27 -2.16 17.56
N GLY A 160 -8.82 -2.04 18.76
CA GLY A 160 -7.98 -1.95 19.93
C GLY A 160 -8.57 -1.12 21.05
N GLY A 161 -7.75 -0.21 21.59
CA GLY A 161 -8.21 0.62 22.67
C GLY A 161 -8.66 1.97 22.15
N ALA A 162 -8.83 2.91 23.07
CA ALA A 162 -9.25 4.28 22.73
C ALA A 162 -8.29 4.98 21.76
N LEU A 163 -7.01 4.65 21.81
CA LEU A 163 -6.06 5.28 20.91
C LEU A 163 -6.21 4.68 19.51
N ASN A 164 -6.56 3.39 19.40
CA ASN A 164 -6.74 2.82 18.07
C ASN A 164 -8.00 3.41 17.46
N VAL A 165 -9.01 3.63 18.31
CA VAL A 165 -10.27 4.23 17.86
C VAL A 165 -9.96 5.61 17.31
N TYR A 166 -9.15 6.34 18.07
CA TYR A 166 -8.82 7.71 17.70
C TYR A 166 -8.15 7.74 16.35
N GLU A 167 -7.16 6.88 16.17
CA GLU A 167 -6.44 6.88 14.92
C GLU A 167 -7.30 6.48 13.72
N LEU A 168 -8.28 5.59 13.94
CA LEU A 168 -9.12 5.14 12.84
C LEU A 168 -10.01 6.32 12.47
N GLN A 169 -10.64 6.95 13.48
CA GLN A 169 -11.46 8.12 13.15
C GLN A 169 -10.64 9.20 12.42
N LYS A 170 -9.43 9.52 12.89
CA LYS A 170 -8.61 10.53 12.22
C LYS A 170 -8.32 10.10 10.76
N ALA A 171 -8.01 8.84 10.55
CA ALA A 171 -7.73 8.37 9.19
C ALA A 171 -9.00 8.40 8.30
N LEU A 172 -10.17 8.13 8.90
CA LEU A 172 -11.41 8.16 8.12
C LEU A 172 -11.68 9.58 7.69
N ILE A 173 -11.41 10.51 8.59
CA ILE A 173 -11.60 11.93 8.31
C ILE A 173 -10.64 12.42 7.22
N ALA A 174 -9.35 12.08 7.34
CA ALA A 174 -8.40 12.51 6.35
C ALA A 174 -8.87 12.04 4.98
N ALA A 175 -9.55 10.90 4.93
CA ALA A 175 -10.02 10.33 3.68
C ALA A 175 -11.30 10.93 3.19
N GLY A 176 -11.99 11.71 4.04
CA GLY A 176 -13.21 12.38 3.60
C GLY A 176 -14.51 11.80 4.05
N VAL A 177 -14.50 11.07 5.17
CA VAL A 177 -15.74 10.46 5.64
C VAL A 177 -16.70 11.49 6.21
N ALA A 178 -18.00 11.21 6.11
CA ALA A 178 -19.06 12.08 6.66
C ALA A 178 -19.54 11.58 8.03
N GLY A 179 -19.67 10.25 8.17
CA GLY A 179 -20.10 9.68 9.44
C GLY A 179 -19.39 8.35 9.72
N SER A 180 -19.35 7.96 10.98
CA SER A 180 -18.69 6.71 11.37
C SER A 180 -19.41 6.05 12.52
N HIS A 181 -19.48 4.73 12.46
CA HIS A 181 -20.13 3.97 13.53
C HIS A 181 -19.17 3.07 14.28
N TRP A 182 -19.52 2.88 15.55
CA TRP A 182 -18.65 2.17 16.47
C TRP A 182 -19.48 1.26 17.34
N GLU A 183 -19.02 0.01 17.51
CA GLU A 183 -19.82 -0.93 18.31
C GLU A 183 -19.21 -1.34 19.64
N ASP A 184 -20.10 -1.76 20.54
CA ASP A 184 -19.70 -2.16 21.87
C ASP A 184 -19.24 -3.60 21.98
N GLN A 185 -18.31 -4.00 21.10
CA GLN A 185 -17.78 -5.35 21.15
C GLN A 185 -16.31 -5.37 21.53
N LEU A 186 -15.85 -6.52 22.02
CA LEU A 186 -14.42 -6.69 22.36
C LEU A 186 -13.72 -6.75 21.01
N ALA A 187 -12.83 -5.78 20.73
CA ALA A 187 -12.17 -5.71 19.41
C ALA A 187 -11.54 -7.04 18.95
N SER A 188 -10.81 -7.68 19.87
CA SER A 188 -10.15 -8.95 19.57
C SER A 188 -11.09 -10.14 19.31
N GLU A 189 -12.38 -9.98 19.56
CA GLU A 189 -13.34 -11.05 19.28
C GLU A 189 -14.53 -10.51 18.46
N LYS A 190 -14.31 -9.37 17.79
CA LYS A 190 -15.38 -8.74 17.01
C LYS A 190 -16.05 -9.66 16.02
N LYS A 191 -17.36 -9.50 15.87
CA LYS A 191 -18.13 -10.31 14.94
C LYS A 191 -19.15 -9.48 14.18
N CYS A 192 -19.49 -9.97 12.98
CA CYS A 192 -20.57 -9.40 12.20
C CYS A 192 -21.74 -9.47 13.22
N GLY A 193 -22.58 -8.43 13.29
CA GLY A 193 -23.71 -8.49 14.21
C GLY A 193 -24.62 -9.73 14.10
N HIS A 194 -24.53 -10.42 12.97
CA HIS A 194 -25.37 -11.60 12.75
C HIS A 194 -24.62 -12.92 12.82
N LEU A 195 -23.37 -12.85 13.29
CA LEU A 195 -22.59 -14.08 13.52
C LEU A 195 -22.71 -14.37 15.03
N GLY A 196 -22.41 -15.60 15.43
CA GLY A 196 -22.47 -15.90 16.87
C GLY A 196 -21.13 -15.61 17.51
N GLY A 197 -20.98 -15.96 18.80
CA GLY A 197 -19.71 -15.74 19.50
C GLY A 197 -19.32 -14.30 19.78
N LYS A 198 -20.32 -13.44 19.96
CA LYS A 198 -20.04 -12.03 20.25
C LYS A 198 -19.78 -11.76 21.71
N VAL A 199 -18.93 -10.79 21.98
CA VAL A 199 -18.55 -10.42 23.36
C VAL A 199 -18.64 -8.93 23.54
N LEU A 200 -19.53 -8.47 24.42
CA LEU A 200 -19.68 -7.04 24.70
C LEU A 200 -18.58 -6.53 25.62
N ILE A 201 -18.33 -5.22 25.56
CA ILE A 201 -17.38 -4.61 26.48
C ILE A 201 -18.29 -3.82 27.46
N PRO A 202 -17.77 -3.40 28.63
CA PRO A 202 -18.60 -2.65 29.59
C PRO A 202 -19.20 -1.36 29.00
N THR A 203 -20.36 -0.96 29.51
CA THR A 203 -21.00 0.27 29.03
C THR A 203 -20.02 1.48 29.02
N GLN A 204 -19.26 1.68 30.10
CA GLN A 204 -18.36 2.81 30.15
C GLN A 204 -17.20 2.70 29.15
N GLN A 205 -16.84 1.46 28.81
CA GLN A 205 -15.77 1.33 27.84
C GLN A 205 -16.27 1.84 26.49
N HIS A 206 -17.51 1.56 26.12
CA HIS A 206 -17.97 2.09 24.84
C HIS A 206 -18.15 3.60 24.90
N ILE A 207 -18.51 4.14 26.07
CA ILE A 207 -18.61 5.58 26.17
C ILE A 207 -17.21 6.13 25.90
N ARG A 208 -16.16 5.47 26.38
CA ARG A 208 -14.81 5.98 26.10
C ARG A 208 -14.57 5.94 24.57
N THR A 209 -15.02 4.88 23.92
CA THR A 209 -14.84 4.78 22.47
C THR A 209 -15.52 5.98 21.77
N LEU A 210 -16.80 6.17 22.08
CA LEU A 210 -17.53 7.27 21.48
C LEU A 210 -16.91 8.64 21.77
N THR A 211 -16.32 8.82 22.96
CA THR A 211 -15.67 10.08 23.35
C THR A 211 -14.39 10.25 22.52
N SER A 212 -13.69 9.14 22.32
CA SER A 212 -12.46 9.14 21.50
C SER A 212 -12.79 9.56 20.03
N ALA A 213 -13.83 8.97 19.46
CA ALA A 213 -14.28 9.27 18.09
C ALA A 213 -14.69 10.74 17.97
N ARG A 214 -15.32 11.27 19.01
CA ARG A 214 -15.69 12.69 18.97
C ARG A 214 -14.45 13.56 19.07
N LEU A 215 -13.54 13.25 20.00
CA LEU A 215 -12.29 14.02 20.17
C LEU A 215 -11.42 14.06 18.90
N ALA A 216 -11.28 12.94 18.19
CA ALA A 216 -10.49 12.98 16.98
C ALA A 216 -11.18 13.91 15.95
N ALA A 217 -12.51 13.91 15.91
CA ALA A 217 -13.19 14.78 14.98
C ALA A 217 -13.00 16.25 15.37
N ASP A 218 -12.94 16.57 16.66
CA ASP A 218 -12.74 17.96 17.10
C ASP A 218 -11.32 18.40 16.84
N VAL A 219 -10.36 17.54 17.13
CA VAL A 219 -8.98 17.91 16.89
C VAL A 219 -8.75 18.11 15.39
N ALA A 220 -9.53 17.43 14.57
CA ALA A 220 -9.40 17.52 13.10
C ALA A 220 -10.26 18.66 12.60
N ASP A 221 -11.04 19.24 13.52
CA ASP A 221 -11.95 20.37 13.24
C ASP A 221 -13.04 20.12 12.21
N VAL A 222 -13.66 18.95 12.24
CA VAL A 222 -14.76 18.64 11.35
C VAL A 222 -15.88 18.05 12.17
N PRO A 223 -17.12 18.44 11.87
CA PRO A 223 -18.33 17.98 12.55
C PRO A 223 -18.81 16.58 12.21
N THR A 224 -17.89 15.62 12.10
CA THR A 224 -18.26 14.23 11.74
C THR A 224 -19.46 13.64 12.48
N VAL A 225 -20.32 12.92 11.77
CA VAL A 225 -21.45 12.29 12.44
C VAL A 225 -20.95 11.03 13.14
N VAL A 226 -21.28 10.90 14.44
CA VAL A 226 -20.87 9.73 15.23
C VAL A 226 -22.04 8.80 15.55
N ILE A 227 -21.94 7.55 15.09
CA ILE A 227 -22.98 6.59 15.31
C ILE A 227 -22.53 5.52 16.31
N ALA A 228 -23.41 5.21 17.27
CA ALA A 228 -23.15 4.24 18.33
C ALA A 228 -23.99 3.01 18.06
N ARG A 229 -23.32 1.87 18.00
CA ARG A 229 -24.02 0.62 17.72
C ARG A 229 -23.92 -0.31 18.91
N THR A 230 -25.02 -1.01 19.22
CA THR A 230 -24.97 -1.97 20.32
C THR A 230 -25.29 -3.37 19.81
N ASP A 231 -24.53 -4.36 20.27
CA ASP A 231 -24.72 -5.76 19.85
C ASP A 231 -25.33 -6.64 20.95
N ALA A 232 -25.95 -6.01 21.94
CA ALA A 232 -26.53 -6.67 23.11
C ALA A 232 -27.79 -7.50 22.88
N GLU A 233 -28.41 -7.33 21.71
CA GLU A 233 -29.62 -8.09 21.42
C GLU A 233 -29.31 -9.58 21.44
N ALA A 234 -28.23 -9.98 20.76
CA ALA A 234 -27.83 -11.39 20.63
C ALA A 234 -26.61 -11.82 21.46
N ALA A 235 -25.74 -10.88 21.83
CA ALA A 235 -24.55 -11.25 22.59
C ALA A 235 -24.84 -11.86 23.98
N THR A 236 -24.24 -13.03 24.23
CA THR A 236 -24.41 -13.73 25.49
C THR A 236 -23.15 -13.70 26.38
N LEU A 237 -22.16 -12.90 26.00
CA LEU A 237 -20.92 -12.79 26.78
C LEU A 237 -20.53 -11.31 26.92
N ILE A 238 -19.84 -11.01 28.02
CA ILE A 238 -19.33 -9.68 28.29
C ILE A 238 -17.96 -9.85 28.96
N THR A 239 -17.06 -8.88 28.74
CA THR A 239 -15.71 -9.02 29.26
C THR A 239 -15.58 -8.89 30.75
N SER A 240 -16.43 -8.06 31.36
CA SER A 240 -16.32 -7.78 32.77
C SER A 240 -17.65 -7.28 33.34
N ASP A 241 -17.80 -7.38 34.66
CA ASP A 241 -19.01 -6.95 35.37
C ASP A 241 -18.68 -5.69 36.15
N VAL A 242 -17.63 -5.00 35.73
CA VAL A 242 -17.18 -3.83 36.44
C VAL A 242 -18.20 -2.70 36.47
N ASP A 243 -18.99 -2.59 35.41
CA ASP A 243 -19.98 -1.51 35.28
C ASP A 243 -21.34 -1.84 35.87
N GLU A 244 -21.77 -1.01 36.83
CA GLU A 244 -23.05 -1.23 37.49
C GLU A 244 -24.24 -1.33 36.57
N ARG A 245 -24.18 -0.63 35.43
CA ARG A 245 -25.27 -0.67 34.49
C ARG A 245 -25.38 -2.01 33.78
N ASP A 246 -24.28 -2.77 33.74
CA ASP A 246 -24.30 -4.07 33.05
C ASP A 246 -24.63 -5.19 34.03
N GLN A 247 -24.28 -4.97 35.30
CA GLN A 247 -24.50 -5.98 36.34
C GLN A 247 -25.86 -6.64 36.42
N PRO A 248 -26.93 -5.90 36.12
CA PRO A 248 -28.28 -6.46 36.18
C PRO A 248 -28.51 -7.66 35.26
N PHE A 249 -27.74 -7.78 34.19
CA PHE A 249 -27.90 -8.87 33.24
C PHE A 249 -26.84 -9.98 33.42
N ILE A 250 -25.86 -9.74 34.28
CA ILE A 250 -24.77 -10.72 34.53
C ILE A 250 -25.39 -11.92 35.26
N THR A 251 -25.19 -13.13 34.75
CA THR A 251 -25.76 -14.32 35.37
C THR A 251 -24.88 -14.95 36.44
N GLY A 252 -23.57 -14.69 36.41
CA GLY A 252 -22.65 -15.26 37.39
C GLY A 252 -21.81 -16.38 36.78
N GLU A 253 -22.36 -17.02 35.75
CA GLU A 253 -21.68 -18.07 35.03
C GLU A 253 -20.52 -17.51 34.22
N ARG A 254 -19.44 -18.27 34.10
CA ARG A 254 -18.24 -17.85 33.39
C ARG A 254 -17.80 -18.86 32.31
N THR A 255 -17.00 -18.40 31.35
CA THR A 255 -16.48 -19.29 30.32
C THR A 255 -15.04 -19.62 30.70
N ARG A 256 -14.47 -20.64 30.06
CA ARG A 256 -13.11 -21.02 30.37
C ARG A 256 -12.09 -19.89 30.07
N GLU A 257 -12.45 -18.93 29.21
CA GLU A 257 -11.56 -17.78 28.89
C GLU A 257 -11.71 -16.68 29.92
N GLY A 258 -12.72 -16.79 30.78
CA GLY A 258 -12.95 -15.76 31.78
C GLY A 258 -14.04 -14.76 31.43
N PHE A 259 -14.77 -14.98 30.34
CA PHE A 259 -15.84 -14.07 30.00
C PHE A 259 -17.01 -14.35 30.95
N TYR A 260 -17.92 -13.40 31.06
CA TYR A 260 -19.10 -13.49 31.91
C TYR A 260 -20.31 -13.71 31.02
N ARG A 261 -21.19 -14.64 31.39
CA ARG A 261 -22.42 -14.89 30.65
C ARG A 261 -23.32 -13.73 31.00
N THR A 262 -24.13 -13.28 30.05
CA THR A 262 -24.99 -12.14 30.33
C THR A 262 -26.30 -12.39 29.58
N LYS A 263 -27.39 -11.85 30.12
CA LYS A 263 -28.72 -12.02 29.56
C LYS A 263 -28.95 -11.06 28.41
N ASN A 264 -29.13 -11.62 27.22
CA ASN A 264 -29.30 -10.82 26.02
C ASN A 264 -30.77 -10.59 25.70
N GLY A 265 -30.99 -9.49 25.00
CA GLY A 265 -32.34 -9.14 24.58
C GLY A 265 -32.42 -7.66 24.33
N ILE A 266 -33.63 -7.18 24.06
CA ILE A 266 -33.80 -5.78 23.78
C ILE A 266 -33.64 -4.92 25.03
N GLU A 267 -33.87 -5.50 26.21
CA GLU A 267 -33.75 -4.76 27.46
C GLU A 267 -32.31 -4.24 27.60
N PRO A 268 -31.30 -5.12 27.42
CA PRO A 268 -29.92 -4.64 27.54
C PRO A 268 -29.64 -3.55 26.46
N CYS A 269 -30.21 -3.74 25.26
CA CYS A 269 -30.01 -2.79 24.17
C CYS A 269 -30.55 -1.41 24.53
N ILE A 270 -31.75 -1.37 25.09
CA ILE A 270 -32.34 -0.09 25.46
C ILE A 270 -31.54 0.61 26.50
N ALA A 271 -31.05 -0.13 27.49
CA ALA A 271 -30.25 0.44 28.56
C ALA A 271 -28.95 1.06 28.02
N ARG A 272 -28.24 0.33 27.17
CA ARG A 272 -27.01 0.85 26.59
C ARG A 272 -27.33 2.06 25.69
N ALA A 273 -28.38 1.94 24.87
CA ALA A 273 -28.78 3.03 23.98
C ALA A 273 -28.93 4.33 24.79
N LYS A 274 -29.60 4.25 25.94
CA LYS A 274 -29.77 5.47 26.76
C LYS A 274 -28.47 5.98 27.31
N ALA A 275 -27.58 5.06 27.68
CA ALA A 275 -26.28 5.47 28.21
C ALA A 275 -25.43 6.12 27.12
N TYR A 276 -25.55 5.60 25.90
CA TYR A 276 -24.78 6.11 24.80
C TYR A 276 -25.30 7.46 24.26
N ALA A 277 -26.62 7.65 24.28
CA ALA A 277 -27.22 8.88 23.72
C ALA A 277 -26.45 10.19 23.78
N PRO A 278 -26.09 10.67 24.97
CA PRO A 278 -25.36 11.94 25.07
C PRO A 278 -24.03 12.00 24.28
N PHE A 279 -23.63 10.84 23.75
CA PHE A 279 -22.37 10.70 23.02
C PHE A 279 -22.59 10.19 21.60
N ALA A 280 -23.85 10.10 21.18
CA ALA A 280 -24.16 9.59 19.86
C ALA A 280 -25.16 10.38 19.01
N ASP A 281 -24.78 10.71 17.77
CA ASP A 281 -25.65 11.43 16.85
C ASP A 281 -26.79 10.52 16.34
N LEU A 282 -26.51 9.22 16.25
CA LEU A 282 -27.53 8.23 15.88
C LEU A 282 -27.21 7.01 16.71
N ILE A 283 -28.23 6.20 16.97
CA ILE A 283 -28.06 5.00 17.74
C ILE A 283 -28.65 3.85 16.97
N TRP A 284 -27.92 2.75 17.02
CA TRP A 284 -28.28 1.58 16.27
C TRP A 284 -28.17 0.32 17.11
N MET A 285 -29.16 -0.55 17.04
CA MET A 285 -29.06 -1.85 17.71
C MET A 285 -29.26 -2.95 16.67
N GLU A 286 -28.37 -3.92 16.68
CA GLU A 286 -28.48 -5.05 15.75
C GLU A 286 -29.60 -5.95 16.25
N THR A 287 -30.32 -6.58 15.33
CA THR A 287 -31.42 -7.46 15.68
C THR A 287 -31.30 -8.77 14.93
N GLY A 288 -31.90 -9.81 15.47
CA GLY A 288 -31.82 -11.12 14.85
C GLY A 288 -32.76 -11.38 13.69
N THR A 289 -33.72 -10.48 13.51
CA THR A 289 -34.71 -10.60 12.42
C THR A 289 -35.20 -9.21 12.02
N PRO A 290 -35.73 -9.06 10.79
CA PRO A 290 -36.23 -7.74 10.42
C PRO A 290 -37.66 -7.68 10.99
N ASP A 291 -37.82 -7.02 12.13
CA ASP A 291 -39.11 -6.96 12.84
C ASP A 291 -39.52 -5.53 13.17
N LEU A 292 -40.57 -5.05 12.51
CA LEU A 292 -41.07 -3.70 12.73
C LEU A 292 -41.50 -3.47 14.18
N GLU A 293 -41.99 -4.54 14.79
CA GLU A 293 -42.46 -4.49 16.17
C GLU A 293 -41.31 -4.19 17.11
N ALA A 294 -40.34 -5.10 17.12
CA ALA A 294 -39.16 -4.97 17.96
C ALA A 294 -38.54 -3.59 17.77
N ALA A 295 -38.55 -3.10 16.53
CA ALA A 295 -37.97 -1.79 16.25
C ALA A 295 -38.72 -0.66 16.96
N ARG A 296 -40.04 -0.72 16.93
CA ARG A 296 -40.89 0.30 17.57
C ARG A 296 -40.59 0.33 19.06
N GLN A 297 -40.52 -0.87 19.65
CA GLN A 297 -40.23 -1.00 21.08
C GLN A 297 -38.96 -0.25 21.47
N PHE A 298 -37.87 -0.55 20.75
CA PHE A 298 -36.56 0.05 21.00
C PHE A 298 -36.66 1.56 20.83
N SER A 299 -37.34 1.95 19.77
CA SER A 299 -37.52 3.35 19.43
C SER A 299 -38.25 4.17 20.50
N GLU A 300 -39.43 3.70 20.86
CA GLU A 300 -40.22 4.42 21.87
C GLU A 300 -39.44 4.46 23.18
N ALA A 301 -38.89 3.31 23.56
CA ALA A 301 -38.13 3.24 24.79
C ALA A 301 -37.06 4.31 24.83
N VAL A 302 -36.29 4.46 23.75
CA VAL A 302 -35.24 5.47 23.75
C VAL A 302 -35.75 6.92 23.70
N LYS A 303 -36.74 7.17 22.83
CA LYS A 303 -37.27 8.51 22.67
C LYS A 303 -38.05 8.94 23.89
N ALA A 304 -38.45 7.95 24.69
CA ALA A 304 -39.17 8.21 25.91
C ALA A 304 -38.26 9.03 26.80
N GLU A 305 -36.95 8.91 26.62
CA GLU A 305 -36.02 9.65 27.46
C GLU A 305 -35.22 10.68 26.68
N TYR A 306 -35.03 10.42 25.39
CA TYR A 306 -34.32 11.33 24.49
C TYR A 306 -35.23 11.46 23.28
N PRO A 307 -36.18 12.41 23.33
CA PRO A 307 -37.13 12.64 22.26
C PRO A 307 -36.55 12.93 20.89
N ASP A 308 -35.49 13.74 20.87
CA ASP A 308 -34.85 14.11 19.61
C ASP A 308 -33.75 13.18 19.10
N GLN A 309 -33.49 12.08 19.81
CA GLN A 309 -32.44 11.13 19.40
C GLN A 309 -32.77 10.39 18.12
N MET A 310 -31.94 10.58 17.09
CA MET A 310 -32.16 9.87 15.83
C MET A 310 -31.59 8.46 15.95
N LEU A 311 -32.21 7.52 15.25
CA LEU A 311 -31.83 6.11 15.23
C LEU A 311 -31.36 5.64 13.83
N ALA A 312 -30.62 4.52 13.80
CA ALA A 312 -30.15 3.97 12.53
C ALA A 312 -30.55 2.50 12.52
N TYR A 313 -30.86 1.98 11.34
CA TYR A 313 -31.28 0.60 11.23
C TYR A 313 -30.57 -0.11 10.10
N ASN A 314 -30.19 -1.35 10.36
CA ASN A 314 -29.49 -2.18 9.38
C ASN A 314 -30.44 -3.17 8.71
N CYS A 315 -30.81 -2.88 7.46
CA CYS A 315 -31.68 -3.80 6.70
C CYS A 315 -30.68 -4.81 6.13
N SER A 316 -30.28 -5.76 6.97
CA SER A 316 -29.25 -6.73 6.60
C SER A 316 -29.51 -7.90 5.68
N PRO A 317 -28.57 -8.15 4.73
CA PRO A 317 -28.72 -9.27 3.81
C PRO A 317 -28.54 -10.58 4.58
N SER A 318 -28.11 -10.45 5.85
CA SER A 318 -27.92 -11.61 6.69
C SER A 318 -29.31 -12.14 7.14
N PHE A 319 -30.37 -11.41 6.81
CA PHE A 319 -31.73 -11.89 7.10
C PHE A 319 -32.27 -12.56 5.85
N ASN A 320 -33.06 -13.63 6.01
CA ASN A 320 -33.70 -14.25 4.85
C ASN A 320 -35.01 -13.49 4.88
N TRP A 321 -35.08 -12.38 4.14
CA TRP A 321 -36.28 -11.52 4.18
C TRP A 321 -37.66 -12.14 3.94
N LYS A 322 -37.84 -12.88 2.84
CA LYS A 322 -39.14 -13.47 2.62
C LYS A 322 -39.49 -14.59 3.61
N LYS A 323 -38.49 -15.14 4.29
CA LYS A 323 -38.80 -16.19 5.26
C LYS A 323 -39.49 -15.58 6.49
N HIS A 324 -39.27 -14.29 6.74
CA HIS A 324 -39.86 -13.63 7.89
C HIS A 324 -40.97 -12.64 7.57
N LEU A 325 -40.93 -12.04 6.39
CA LEU A 325 -41.93 -11.04 6.05
C LEU A 325 -42.66 -11.33 4.74
N ASP A 326 -43.85 -10.76 4.59
CA ASP A 326 -44.60 -10.92 3.35
C ASP A 326 -44.27 -9.68 2.52
N ASP A 327 -44.47 -9.75 1.21
CA ASP A 327 -44.14 -8.64 0.34
C ASP A 327 -44.74 -7.31 0.77
N ALA A 328 -45.92 -7.33 1.39
CA ALA A 328 -46.54 -6.09 1.83
C ALA A 328 -45.67 -5.37 2.88
N THR A 329 -45.18 -6.14 3.85
CA THR A 329 -44.35 -5.59 4.93
C THR A 329 -42.98 -5.17 4.41
N ILE A 330 -42.40 -6.02 3.56
CA ILE A 330 -41.10 -5.74 2.97
C ILE A 330 -41.17 -4.41 2.25
N ALA A 331 -42.24 -4.20 1.49
CA ALA A 331 -42.39 -2.97 0.74
C ALA A 331 -42.55 -1.72 1.61
N LYS A 332 -43.18 -1.84 2.78
CA LYS A 332 -43.37 -0.67 3.63
C LYS A 332 -42.30 -0.53 4.73
N PHE A 333 -41.45 -1.54 4.83
CA PHE A 333 -40.42 -1.58 5.86
C PHE A 333 -39.70 -0.26 6.20
N GLN A 334 -38.97 0.32 5.24
CA GLN A 334 -38.22 1.53 5.53
C GLN A 334 -39.08 2.74 5.85
N LYS A 335 -40.19 2.89 5.15
CA LYS A 335 -41.10 4.02 5.40
C LYS A 335 -41.58 3.93 6.84
N GLU A 336 -42.01 2.74 7.24
CA GLU A 336 -42.50 2.50 8.59
C GLU A 336 -41.41 2.82 9.61
N LEU A 337 -40.23 2.23 9.42
CA LEU A 337 -39.14 2.49 10.34
C LEU A 337 -38.88 3.96 10.41
N ALA A 338 -38.96 4.65 9.28
CA ALA A 338 -38.69 6.08 9.24
C ALA A 338 -39.59 6.88 10.15
N ALA A 339 -40.86 6.46 10.21
CA ALA A 339 -41.83 7.15 11.07
C ALA A 339 -41.49 6.94 12.54
N MET A 340 -40.78 5.85 12.85
CA MET A 340 -40.36 5.54 14.22
C MET A 340 -39.15 6.36 14.64
N GLY A 341 -38.45 6.95 13.68
CA GLY A 341 -37.28 7.74 14.03
C GLY A 341 -35.96 7.19 13.51
N PHE A 342 -36.01 6.15 12.68
CA PHE A 342 -34.82 5.55 12.10
C PHE A 342 -34.50 6.36 10.83
N LYS A 343 -33.77 7.47 11.01
CA LYS A 343 -33.38 8.38 9.94
C LYS A 343 -32.25 7.92 9.00
N PHE A 344 -31.45 6.95 9.42
CA PHE A 344 -30.42 6.42 8.52
C PHE A 344 -30.62 4.94 8.40
N GLN A 345 -30.87 4.45 7.20
CA GLN A 345 -31.13 3.02 6.96
C GLN A 345 -30.25 2.52 5.82
N PHE A 346 -29.77 1.29 5.96
CA PHE A 346 -28.82 0.81 4.97
C PHE A 346 -28.74 -0.71 4.80
N ILE A 347 -28.41 -1.15 3.59
CA ILE A 347 -28.27 -2.58 3.32
C ILE A 347 -26.76 -2.83 3.27
N THR A 348 -26.20 -3.20 4.43
CA THR A 348 -24.77 -3.44 4.58
C THR A 348 -24.08 -4.17 3.46
N LEU A 349 -24.52 -5.37 3.14
CA LEU A 349 -23.83 -6.18 2.14
C LEU A 349 -24.36 -6.14 0.72
N ALA A 350 -25.01 -5.03 0.38
CA ALA A 350 -25.57 -4.87 -0.96
C ALA A 350 -24.57 -5.06 -2.06
N GLY A 351 -23.37 -4.51 -1.89
CA GLY A 351 -22.34 -4.64 -2.90
C GLY A 351 -21.81 -6.04 -3.05
N PHE A 352 -21.60 -6.75 -1.94
CA PHE A 352 -21.10 -8.11 -2.04
C PHE A 352 -22.08 -8.93 -2.88
N HIS A 353 -23.36 -8.84 -2.55
CA HIS A 353 -24.30 -9.64 -3.29
C HIS A 353 -24.49 -9.28 -4.77
N ALA A 354 -24.56 -7.99 -5.03
CA ALA A 354 -24.73 -7.54 -6.41
C ALA A 354 -23.54 -7.98 -7.26
N LEU A 355 -22.34 -7.79 -6.73
CA LEU A 355 -21.11 -8.15 -7.44
C LEU A 355 -20.98 -9.64 -7.65
N ASN A 356 -21.17 -10.43 -6.58
CA ASN A 356 -21.02 -11.89 -6.70
C ASN A 356 -22.13 -12.51 -7.57
N TYR A 357 -23.37 -12.11 -7.34
CA TYR A 357 -24.45 -12.70 -8.14
C TYR A 357 -24.31 -12.30 -9.63
N SER A 358 -24.05 -11.02 -9.92
CA SER A 358 -23.95 -10.60 -11.33
C SER A 358 -22.79 -11.30 -12.06
N MET A 359 -21.65 -11.50 -11.37
CA MET A 359 -20.57 -12.18 -12.03
C MET A 359 -20.90 -13.65 -12.18
N PHE A 360 -21.56 -14.25 -11.17
CA PHE A 360 -21.93 -15.67 -11.30
C PHE A 360 -22.92 -15.80 -12.48
N ASP A 361 -23.93 -14.94 -12.54
CA ASP A 361 -24.92 -15.01 -13.62
C ASP A 361 -24.30 -14.88 -15.00
N LEU A 362 -23.45 -13.87 -15.19
CA LEU A 362 -22.75 -13.67 -16.46
C LEU A 362 -21.83 -14.84 -16.83
N ALA A 363 -21.03 -15.28 -15.86
CA ALA A 363 -20.09 -16.36 -16.11
C ALA A 363 -20.78 -17.67 -16.42
N TYR A 364 -21.87 -17.97 -15.70
CA TYR A 364 -22.56 -19.21 -15.94
C TYR A 364 -23.11 -19.21 -17.40
N GLY A 365 -23.75 -18.11 -17.77
CA GLY A 365 -24.27 -17.97 -19.12
C GLY A 365 -23.15 -17.97 -20.15
N TYR A 366 -22.01 -17.34 -19.83
CA TYR A 366 -20.84 -17.30 -20.73
C TYR A 366 -20.23 -18.70 -20.88
N ALA A 367 -20.24 -19.45 -19.79
CA ALA A 367 -19.73 -20.81 -19.79
C ALA A 367 -20.54 -21.71 -20.72
N GLN A 368 -21.80 -21.38 -20.92
CA GLN A 368 -22.65 -22.21 -21.77
C GLN A 368 -22.74 -21.74 -23.22
N ASN A 369 -23.05 -20.45 -23.36
CA ASN A 369 -23.26 -19.84 -24.67
C ASN A 369 -22.34 -18.69 -25.12
N GLN A 370 -21.16 -18.58 -24.50
CA GLN A 370 -20.19 -17.53 -24.82
C GLN A 370 -20.74 -16.11 -25.08
N MET A 371 -20.49 -15.52 -26.25
CA MET A 371 -20.95 -14.15 -26.47
C MET A 371 -22.42 -13.85 -26.30
N SER A 372 -23.29 -14.84 -26.52
CA SER A 372 -24.71 -14.54 -26.38
C SER A 372 -24.99 -14.03 -24.98
N ALA A 373 -24.32 -14.62 -23.99
CA ALA A 373 -24.51 -14.18 -22.61
C ALA A 373 -24.03 -12.75 -22.36
N TYR A 374 -22.88 -12.40 -22.93
CA TYR A 374 -22.40 -11.03 -22.73
C TYR A 374 -23.29 -10.02 -23.45
N VAL A 375 -23.75 -10.39 -24.66
CA VAL A 375 -24.57 -9.49 -25.43
C VAL A 375 -25.88 -9.23 -24.72
N GLU A 376 -26.37 -10.22 -23.98
CA GLU A 376 -27.61 -10.01 -23.23
C GLU A 376 -27.38 -8.88 -22.22
N LEU A 377 -26.22 -8.91 -21.56
CA LEU A 377 -25.88 -7.87 -20.59
C LEU A 377 -25.75 -6.52 -21.29
N GLN A 378 -24.98 -6.45 -22.38
CA GLN A 378 -24.84 -5.17 -23.08
C GLN A 378 -26.19 -4.58 -23.49
N GLU A 379 -27.13 -5.40 -23.99
CA GLU A 379 -28.43 -4.87 -24.41
C GLU A 379 -29.20 -4.36 -23.21
N ARG A 380 -28.98 -5.00 -22.07
CA ARG A 380 -29.63 -4.59 -20.83
C ARG A 380 -29.09 -3.22 -20.45
N GLU A 381 -27.79 -3.01 -20.66
CA GLU A 381 -27.21 -1.73 -20.36
C GLU A 381 -27.78 -0.65 -21.29
N PHE A 382 -27.84 -0.94 -22.59
CA PHE A 382 -28.40 0.05 -23.52
C PHE A 382 -29.84 0.36 -23.10
N ALA A 383 -30.57 -0.67 -22.67
CA ALA A 383 -31.95 -0.47 -22.24
C ALA A 383 -32.05 0.44 -21.02
N ALA A 384 -31.11 0.28 -20.09
CA ALA A 384 -31.12 1.06 -18.87
C ALA A 384 -30.79 2.55 -19.06
N GLU A 385 -30.32 2.93 -20.25
CA GLU A 385 -29.99 4.33 -20.48
C GLU A 385 -31.22 5.22 -20.32
N GLU A 386 -32.40 4.65 -20.58
CA GLU A 386 -33.63 5.42 -20.42
C GLU A 386 -33.77 5.80 -18.96
N ARG A 387 -33.24 4.92 -18.10
CA ARG A 387 -33.31 5.13 -16.65
C ARG A 387 -32.21 6.04 -16.13
N GLY A 388 -31.29 6.41 -17.02
CA GLY A 388 -30.20 7.30 -16.66
C GLY A 388 -28.83 6.66 -16.60
N TYR A 389 -28.76 5.37 -16.88
CA TYR A 389 -27.51 4.62 -16.86
C TYR A 389 -26.60 5.17 -17.95
N THR A 390 -25.32 5.32 -17.62
CA THR A 390 -24.36 5.86 -18.57
C THR A 390 -23.11 5.01 -18.83
N ALA A 391 -22.90 3.94 -18.05
CA ALA A 391 -21.69 3.10 -18.16
C ALA A 391 -21.46 2.25 -19.39
N THR A 392 -22.47 2.10 -20.24
CA THR A 392 -22.28 1.33 -21.47
C THR A 392 -21.10 1.96 -22.24
N LYS A 393 -21.05 3.28 -22.23
CA LYS A 393 -19.95 4.05 -22.84
C LYS A 393 -18.93 4.13 -21.74
N HIS A 394 -18.20 3.04 -21.59
CA HIS A 394 -17.23 2.97 -20.50
C HIS A 394 -16.00 3.90 -20.59
N GLN A 395 -15.63 4.35 -21.80
CA GLN A 395 -14.44 5.22 -21.90
C GLN A 395 -14.71 6.56 -21.24
N ARG A 396 -15.78 7.25 -21.65
CA ARG A 396 -16.11 8.50 -21.00
C ARG A 396 -16.42 8.27 -19.51
N GLU A 397 -17.00 7.11 -19.16
CA GLU A 397 -17.39 6.80 -17.77
C GLU A 397 -16.18 6.84 -16.81
N VAL A 398 -15.03 6.39 -17.28
CA VAL A 398 -13.85 6.37 -16.46
C VAL A 398 -12.97 7.62 -16.65
N GLY A 399 -13.45 8.58 -17.45
CA GLY A 399 -12.67 9.78 -17.62
C GLY A 399 -11.85 9.99 -18.88
N ALA A 400 -12.07 9.19 -19.93
CA ALA A 400 -11.29 9.41 -21.17
C ALA A 400 -11.46 10.85 -21.69
N GLY A 401 -12.69 11.35 -21.66
CA GLY A 401 -12.91 12.73 -22.12
C GLY A 401 -12.29 13.73 -21.18
N TYR A 402 -12.32 13.43 -19.90
CA TYR A 402 -11.74 14.34 -18.96
C TYR A 402 -10.21 14.42 -19.16
N PHE A 403 -9.52 13.28 -19.28
CA PHE A 403 -8.09 13.39 -19.47
C PHE A 403 -7.77 13.96 -20.85
N ASP A 404 -8.75 13.88 -21.76
CA ASP A 404 -8.54 14.46 -23.08
C ASP A 404 -8.53 15.99 -22.91
N ARG A 405 -9.39 16.50 -22.06
CA ARG A 405 -9.44 17.92 -21.82
C ARG A 405 -8.14 18.35 -21.15
N ILE A 406 -7.65 17.55 -20.22
CA ILE A 406 -6.39 17.93 -19.61
C ILE A 406 -5.28 17.96 -20.70
N ALA A 407 -5.24 16.91 -21.51
CA ALA A 407 -4.22 16.83 -22.55
C ALA A 407 -4.25 18.04 -23.51
N THR A 408 -5.46 18.47 -23.89
CA THR A 408 -5.60 19.61 -24.80
C THR A 408 -5.45 20.96 -24.15
N THR A 409 -5.44 20.99 -22.81
CA THR A 409 -5.19 22.25 -22.11
C THR A 409 -3.66 22.40 -22.08
N VAL A 410 -2.95 21.31 -21.86
CA VAL A 410 -1.48 21.36 -21.86
C VAL A 410 -0.96 21.66 -23.28
N ASP A 411 -1.54 20.99 -24.28
CA ASP A 411 -1.16 21.21 -25.69
C ASP A 411 -2.38 20.96 -26.55
N PRO A 412 -3.13 22.04 -26.89
CA PRO A 412 -4.32 21.82 -27.70
C PRO A 412 -4.14 21.02 -29.00
N ASN A 413 -2.92 20.97 -29.53
CA ASN A 413 -2.74 20.24 -30.76
C ASN A 413 -2.13 18.87 -30.63
N SER A 414 -2.18 18.34 -29.41
CA SER A 414 -1.64 17.02 -29.15
C SER A 414 -2.18 16.01 -30.18
N SER A 415 -1.31 15.13 -30.70
CA SER A 415 -1.81 14.16 -31.68
C SER A 415 -2.14 12.81 -31.04
N THR A 416 -2.16 12.76 -29.72
CA THR A 416 -2.41 11.53 -29.01
C THR A 416 -3.55 11.57 -28.02
N THR A 417 -4.60 12.33 -28.32
CA THR A 417 -5.75 12.34 -27.43
C THR A 417 -6.50 11.03 -27.69
N ALA A 418 -7.40 10.66 -26.79
CA ALA A 418 -8.03 9.36 -26.90
C ALA A 418 -9.43 9.12 -27.45
N LEU A 419 -10.37 10.03 -27.24
CA LEU A 419 -11.73 9.74 -27.73
C LEU A 419 -11.89 9.88 -29.26
N THR A 420 -11.18 10.83 -29.87
CA THR A 420 -11.29 11.00 -31.33
C THR A 420 -10.80 9.73 -32.00
N GLY A 421 -11.66 9.09 -32.79
CA GLY A 421 -11.26 7.87 -33.47
C GLY A 421 -11.41 6.61 -32.63
N SER A 422 -12.03 6.73 -31.46
CA SER A 422 -12.25 5.55 -30.61
C SER A 422 -13.50 4.79 -31.10
N THR A 423 -13.59 3.50 -30.77
CA THR A 423 -14.78 2.75 -31.17
C THR A 423 -16.00 3.25 -30.39
N GLU A 424 -15.74 3.88 -29.26
CA GLU A 424 -16.86 4.38 -28.49
C GLU A 424 -17.53 5.47 -29.33
N GLU A 425 -16.71 6.30 -29.97
CA GLU A 425 -17.21 7.40 -30.79
C GLU A 425 -17.94 6.89 -32.01
N GLY A 426 -17.36 5.87 -32.62
CA GLY A 426 -17.92 5.36 -33.84
C GLY A 426 -19.00 4.33 -33.71
N GLN A 427 -19.23 3.82 -32.49
CA GLN A 427 -20.21 2.78 -32.31
C GLN A 427 -21.31 2.94 -31.26
N PHE A 428 -21.25 3.99 -30.42
CA PHE A 428 -22.28 4.21 -29.38
C PHE A 428 -23.02 5.55 -29.55
N ALA B 2 24.71 -20.76 5.76
CA ALA B 2 24.49 -21.33 4.40
C ALA B 2 23.56 -22.53 4.46
N SER B 3 22.87 -22.76 3.36
CA SER B 3 21.88 -23.82 3.26
C SER B 3 21.80 -24.19 1.77
N VAL B 4 21.05 -25.21 1.45
CA VAL B 4 20.93 -25.53 0.04
C VAL B 4 19.49 -25.28 -0.44
N VAL B 5 18.61 -24.85 0.46
CA VAL B 5 17.24 -24.55 0.06
C VAL B 5 17.34 -23.44 -0.99
N GLY B 6 16.61 -23.60 -2.09
CA GLY B 6 16.62 -22.59 -3.15
C GLY B 6 17.85 -22.47 -4.04
N THR B 7 18.85 -23.34 -3.88
CA THR B 7 20.05 -23.22 -4.71
C THR B 7 19.66 -23.24 -6.19
N PRO B 8 20.30 -22.39 -7.00
CA PRO B 8 20.00 -22.31 -8.44
C PRO B 8 20.39 -23.57 -9.20
N LYS B 9 19.66 -23.90 -10.26
CA LYS B 9 19.99 -25.05 -11.12
C LYS B 9 21.26 -24.64 -11.87
N SER B 10 21.94 -25.59 -12.48
CA SER B 10 23.14 -25.26 -13.25
C SER B 10 22.68 -24.80 -14.66
N ALA B 11 23.55 -24.09 -15.39
CA ALA B 11 23.23 -23.65 -16.76
C ALA B 11 22.99 -24.89 -17.63
N GLU B 12 23.70 -25.98 -17.32
CA GLU B 12 23.58 -27.25 -18.03
C GLU B 12 22.15 -27.76 -17.93
N GLN B 13 21.64 -27.74 -16.70
CA GLN B 13 20.28 -28.16 -16.39
C GLN B 13 19.22 -27.34 -17.18
N ILE B 14 19.41 -26.03 -17.20
CA ILE B 14 18.48 -25.15 -17.89
C ILE B 14 18.51 -25.43 -19.40
N GLN B 15 19.73 -25.48 -19.94
CA GLN B 15 19.91 -25.73 -21.38
C GLN B 15 19.19 -27.00 -21.80
N GLN B 16 19.29 -28.01 -20.94
CA GLN B 16 18.67 -29.29 -21.18
C GLN B 16 17.13 -29.21 -21.24
N GLU B 17 16.53 -28.53 -20.27
CA GLU B 17 15.07 -28.39 -20.25
C GLU B 17 14.62 -27.65 -21.52
N TRP B 18 15.38 -26.62 -21.87
CA TRP B 18 15.07 -25.82 -23.06
C TRP B 18 15.11 -26.67 -24.33
N ASP B 19 16.01 -27.64 -24.35
CA ASP B 19 16.16 -28.50 -25.51
C ASP B 19 15.24 -29.71 -25.56
N THR B 20 14.74 -30.16 -24.41
CA THR B 20 13.88 -31.34 -24.37
C THR B 20 12.40 -31.12 -24.05
N ASN B 21 12.08 -30.07 -23.30
CA ASN B 21 10.68 -29.80 -22.95
C ASN B 21 9.88 -29.27 -24.16
N PRO B 22 8.83 -30.00 -24.56
CA PRO B 22 7.97 -29.62 -25.70
C PRO B 22 7.46 -28.19 -25.55
N ARG B 23 7.38 -27.75 -24.30
CA ARG B 23 6.93 -26.40 -23.96
C ARG B 23 7.70 -25.34 -24.74
N TRP B 24 9.00 -25.57 -24.93
CA TRP B 24 9.88 -24.61 -25.63
C TRP B 24 10.13 -24.92 -27.11
N LYS B 25 9.41 -25.89 -27.65
CA LYS B 25 9.53 -26.29 -29.05
C LYS B 25 9.64 -25.14 -30.08
N ASP B 26 8.83 -24.09 -29.95
CA ASP B 26 8.89 -22.98 -30.91
C ASP B 26 9.39 -21.66 -30.27
N VAL B 27 10.07 -21.76 -29.14
CA VAL B 27 10.52 -20.59 -28.42
C VAL B 27 11.97 -20.21 -28.62
N THR B 28 12.19 -19.05 -29.23
CA THR B 28 13.54 -18.57 -29.42
C THR B 28 13.93 -17.68 -28.25
N ARG B 29 15.18 -17.84 -27.79
CA ARG B 29 15.74 -17.04 -26.72
C ARG B 29 17.07 -16.52 -27.25
N THR B 30 17.21 -15.19 -27.31
CA THR B 30 18.44 -14.57 -27.82
C THR B 30 19.52 -14.38 -26.77
N TYR B 31 19.35 -15.00 -25.60
CA TYR B 31 20.35 -14.95 -24.53
C TYR B 31 20.62 -16.40 -24.14
N SER B 32 21.64 -16.62 -23.33
CA SER B 32 22.04 -17.97 -22.93
C SER B 32 21.52 -18.48 -21.59
N ALA B 33 21.65 -19.79 -21.41
CA ALA B 33 21.26 -20.41 -20.15
C ALA B 33 22.21 -19.79 -19.12
N GLU B 34 23.48 -19.62 -19.52
CA GLU B 34 24.47 -19.03 -18.61
C GLU B 34 24.05 -17.65 -18.15
N ASP B 35 23.52 -16.86 -19.08
CA ASP B 35 23.09 -15.50 -18.77
C ASP B 35 22.01 -15.49 -17.68
N VAL B 36 21.12 -16.47 -17.72
CA VAL B 36 20.00 -16.59 -16.75
C VAL B 36 20.57 -16.89 -15.37
N VAL B 37 21.47 -17.87 -15.27
CA VAL B 37 22.10 -18.25 -14.01
C VAL B 37 22.82 -17.07 -13.36
N ALA B 38 23.54 -16.31 -14.17
CA ALA B 38 24.30 -15.15 -13.69
C ALA B 38 23.41 -14.14 -12.97
N LEU B 39 22.11 -14.09 -13.31
CA LEU B 39 21.26 -13.08 -12.68
C LEU B 39 20.48 -13.63 -11.46
N GLN B 40 20.64 -14.92 -11.19
CA GLN B 40 19.89 -15.55 -10.12
C GLN B 40 20.41 -15.45 -8.71
N GLY B 41 21.57 -14.83 -8.52
CA GLY B 41 22.13 -14.76 -7.17
C GLY B 41 22.39 -16.18 -6.66
N SER B 42 22.37 -16.36 -5.34
CA SER B 42 22.61 -17.69 -4.78
C SER B 42 21.38 -18.44 -4.25
N VAL B 43 20.22 -17.78 -4.31
CA VAL B 43 18.97 -18.36 -3.83
C VAL B 43 17.87 -18.01 -4.84
N VAL B 44 17.11 -18.98 -5.29
CA VAL B 44 16.03 -18.73 -6.23
C VAL B 44 14.75 -19.00 -5.44
N GLU B 45 13.86 -18.02 -5.31
CA GLU B 45 12.61 -18.28 -4.60
C GLU B 45 11.69 -19.10 -5.49
N GLU B 46 11.00 -20.05 -4.88
CA GLU B 46 10.06 -20.89 -5.62
C GLU B 46 8.74 -20.12 -5.67
N HIS B 47 8.17 -20.02 -6.87
CA HIS B 47 6.89 -19.34 -7.08
C HIS B 47 5.87 -20.39 -7.49
N THR B 48 5.30 -21.03 -6.48
CA THR B 48 4.35 -22.13 -6.67
C THR B 48 3.15 -21.82 -7.56
N LEU B 49 2.43 -20.76 -7.23
CA LEU B 49 1.28 -20.45 -7.99
C LEU B 49 1.63 -20.06 -9.41
N ALA B 50 2.73 -19.34 -9.59
CA ALA B 50 3.12 -18.96 -10.94
C ALA B 50 3.49 -20.21 -11.76
N ARG B 51 4.14 -21.17 -11.10
CA ARG B 51 4.53 -22.41 -11.80
C ARG B 51 3.31 -23.25 -12.14
N ARG B 52 2.53 -23.60 -11.12
CA ARG B 52 1.35 -24.37 -11.34
C ARG B 52 0.43 -23.70 -12.38
N GLY B 53 0.18 -22.40 -12.20
CA GLY B 53 -0.71 -21.71 -13.12
C GLY B 53 -0.27 -21.78 -14.58
N ALA B 54 1.02 -21.51 -14.80
CA ALA B 54 1.59 -21.51 -16.15
C ALA B 54 1.50 -22.90 -16.77
N GLU B 55 1.75 -23.91 -15.95
CA GLU B 55 1.68 -25.27 -16.47
C GLU B 55 0.22 -25.62 -16.81
N VAL B 56 -0.72 -25.31 -15.92
CA VAL B 56 -2.12 -25.62 -16.18
C VAL B 56 -2.63 -24.88 -17.42
N LEU B 57 -2.34 -23.58 -17.51
CA LEU B 57 -2.78 -22.78 -18.66
C LEU B 57 -2.34 -23.45 -19.98
N TRP B 58 -1.06 -23.77 -20.06
CA TRP B 58 -0.49 -24.39 -21.25
C TRP B 58 -1.22 -25.70 -21.59
N GLU B 59 -1.38 -26.60 -20.61
CA GLU B 59 -2.10 -27.85 -20.89
C GLU B 59 -3.52 -27.53 -21.41
N GLN B 60 -4.23 -26.64 -20.73
CA GLN B 60 -5.58 -26.31 -21.16
C GLN B 60 -5.57 -25.78 -22.59
N LEU B 61 -4.60 -24.94 -22.93
CA LEU B 61 -4.52 -24.39 -24.29
C LEU B 61 -4.40 -25.49 -25.38
N HIS B 62 -3.85 -26.64 -24.98
CA HIS B 62 -3.66 -27.76 -25.90
C HIS B 62 -4.75 -28.84 -25.75
N ASP B 63 -5.37 -28.93 -24.58
CA ASP B 63 -6.40 -29.94 -24.31
C ASP B 63 -7.84 -29.52 -24.58
N LEU B 64 -8.12 -28.22 -24.47
CA LEU B 64 -9.47 -27.75 -24.69
C LEU B 64 -9.67 -27.24 -26.12
N GLU B 65 -10.93 -27.13 -26.54
CA GLU B 65 -11.24 -26.65 -27.89
C GLU B 65 -10.71 -25.20 -27.89
N TRP B 66 -10.81 -24.56 -26.74
CA TRP B 66 -10.28 -23.22 -26.52
C TRP B 66 -10.55 -22.80 -25.06
N VAL B 67 -9.78 -21.81 -24.59
CA VAL B 67 -9.89 -21.30 -23.23
C VAL B 67 -10.51 -19.93 -23.25
N ASN B 68 -11.61 -19.73 -22.56
CA ASN B 68 -12.13 -18.39 -22.54
C ASN B 68 -12.07 -17.84 -21.12
N ALA B 69 -12.37 -16.56 -20.96
CA ALA B 69 -12.27 -15.96 -19.65
C ALA B 69 -13.00 -14.64 -19.70
N LEU B 70 -13.21 -14.08 -18.51
CA LEU B 70 -13.88 -12.80 -18.32
C LEU B 70 -12.94 -11.96 -17.47
N GLY B 71 -12.94 -10.66 -17.68
CA GLY B 71 -12.04 -9.87 -16.84
C GLY B 71 -12.53 -9.82 -15.39
N ALA B 72 -11.61 -9.96 -14.43
CA ALA B 72 -11.92 -9.87 -13.01
C ALA B 72 -11.07 -8.75 -12.38
N LEU B 73 -11.72 -7.86 -11.63
CA LEU B 73 -11.01 -6.79 -10.96
C LEU B 73 -11.07 -6.97 -9.45
N THR B 74 -11.80 -7.97 -8.95
CA THR B 74 -11.79 -8.24 -7.49
C THR B 74 -11.66 -9.76 -7.30
N GLY B 75 -11.22 -10.20 -6.12
CA GLY B 75 -11.08 -11.64 -5.88
C GLY B 75 -12.38 -12.41 -5.95
N ASN B 76 -13.43 -11.84 -5.38
CA ASN B 76 -14.75 -12.45 -5.40
C ASN B 76 -15.24 -12.70 -6.85
N MET B 77 -14.93 -11.78 -7.75
CA MET B 77 -15.32 -11.95 -9.17
C MET B 77 -14.65 -13.21 -9.74
N ALA B 78 -13.37 -13.38 -9.45
CA ALA B 78 -12.66 -14.54 -9.96
C ALA B 78 -13.25 -15.80 -9.35
N VAL B 79 -13.66 -15.74 -8.08
CA VAL B 79 -14.24 -16.91 -7.42
C VAL B 79 -15.55 -17.28 -8.14
N GLN B 80 -16.42 -16.31 -8.40
CA GLN B 80 -17.68 -16.60 -9.10
C GLN B 80 -17.47 -17.16 -10.52
N GLN B 81 -16.43 -16.70 -11.21
CA GLN B 81 -16.09 -17.16 -12.56
C GLN B 81 -15.66 -18.65 -12.50
N VAL B 82 -14.90 -19.01 -11.48
CA VAL B 82 -14.48 -20.40 -11.37
C VAL B 82 -15.66 -21.27 -10.88
N ARG B 83 -16.48 -20.73 -9.98
CA ARG B 83 -17.65 -21.48 -9.50
C ARG B 83 -18.59 -21.76 -10.68
N ALA B 84 -18.74 -20.79 -11.58
CA ALA B 84 -19.62 -20.98 -12.74
C ALA B 84 -19.03 -21.91 -13.80
N GLY B 85 -17.81 -22.37 -13.59
CA GLY B 85 -17.23 -23.30 -14.54
C GLY B 85 -16.10 -22.82 -15.43
N LEU B 86 -15.76 -21.53 -15.41
CA LEU B 86 -14.69 -21.06 -16.27
C LEU B 86 -13.36 -21.62 -15.81
N LYS B 87 -12.39 -21.72 -16.71
CA LYS B 87 -11.13 -22.30 -16.32
C LYS B 87 -9.88 -21.43 -16.43
N ALA B 88 -10.10 -20.13 -16.58
CA ALA B 88 -9.02 -19.15 -16.64
C ALA B 88 -9.59 -17.83 -16.20
N ILE B 89 -8.70 -16.95 -15.71
CA ILE B 89 -9.12 -15.64 -15.29
C ILE B 89 -8.33 -14.64 -16.12
N TYR B 90 -9.00 -13.58 -16.58
CA TYR B 90 -8.31 -12.54 -17.35
C TYR B 90 -8.25 -11.31 -16.43
N LEU B 91 -7.08 -10.69 -16.32
CA LEU B 91 -6.95 -9.52 -15.45
C LEU B 91 -6.63 -8.34 -16.36
N SER B 92 -7.66 -7.55 -16.61
CA SER B 92 -7.66 -6.36 -17.47
C SER B 92 -6.98 -5.20 -16.81
N GLY B 93 -6.05 -4.57 -17.52
CA GLY B 93 -5.37 -3.39 -16.97
C GLY B 93 -6.34 -2.22 -17.07
N TRP B 94 -7.23 -2.30 -18.04
CA TRP B 94 -8.25 -1.28 -18.24
C TRP B 94 -9.13 -1.23 -16.97
N GLN B 95 -9.55 -2.40 -16.46
CA GLN B 95 -10.42 -2.45 -15.26
C GLN B 95 -9.65 -1.93 -14.01
N VAL B 96 -8.36 -2.22 -13.97
CA VAL B 96 -7.52 -1.81 -12.86
C VAL B 96 -7.45 -0.27 -12.88
N ALA B 97 -7.28 0.31 -14.05
CA ALA B 97 -7.23 1.77 -14.20
C ALA B 97 -8.58 2.35 -13.76
N GLY B 98 -9.68 1.78 -14.26
CA GLY B 98 -10.98 2.33 -13.88
C GLY B 98 -11.48 2.09 -12.45
N ASP B 99 -11.04 1.03 -11.77
CA ASP B 99 -11.62 0.77 -10.46
C ASP B 99 -10.80 -0.10 -9.49
N ALA B 100 -9.52 -0.37 -9.78
CA ALA B 100 -8.82 -1.20 -8.84
C ALA B 100 -7.33 -0.99 -8.93
N ASN B 101 -6.87 0.28 -8.84
CA ASN B 101 -5.42 0.54 -8.91
C ASN B 101 -4.89 1.23 -7.63
N LEU B 102 -3.58 1.16 -7.43
CA LEU B 102 -2.97 1.62 -6.19
C LEU B 102 -2.97 3.13 -5.91
N SER B 103 -3.37 3.95 -6.88
CA SER B 103 -3.43 5.41 -6.65
C SER B 103 -4.75 5.75 -5.99
N GLY B 104 -5.70 4.85 -6.11
CA GLY B 104 -7.01 5.07 -5.56
C GLY B 104 -7.87 5.88 -6.53
N HIS B 105 -7.33 6.27 -7.68
CA HIS B 105 -8.11 7.07 -8.61
C HIS B 105 -8.74 6.31 -9.74
N THR B 106 -9.76 6.91 -10.35
CA THR B 106 -10.41 6.32 -11.51
C THR B 106 -9.71 6.90 -12.73
N TYR B 107 -9.17 6.01 -13.57
CA TYR B 107 -8.46 6.42 -14.77
C TYR B 107 -8.88 5.76 -16.05
N PRO B 108 -8.69 6.46 -17.20
CA PRO B 108 -8.97 5.96 -18.53
C PRO B 108 -7.74 5.03 -18.75
N ASP B 109 -7.74 4.29 -19.84
CA ASP B 109 -6.70 3.29 -20.04
C ASP B 109 -5.51 3.82 -20.78
N GLN B 110 -4.67 4.57 -20.04
CA GLN B 110 -3.46 5.21 -20.60
C GLN B 110 -2.20 5.03 -19.76
N SER B 111 -2.08 3.89 -19.09
CA SER B 111 -0.96 3.60 -18.24
C SER B 111 -0.68 4.72 -17.22
N LEU B 112 -1.73 5.16 -16.56
CA LEU B 112 -1.56 6.26 -15.59
C LEU B 112 -1.33 5.82 -14.16
N TYR B 113 -1.78 4.60 -13.83
CA TYR B 113 -1.66 4.08 -12.48
C TYR B 113 -0.27 3.51 -12.15
N PRO B 114 0.04 3.31 -10.85
CA PRO B 114 1.33 2.78 -10.38
C PRO B 114 1.61 1.38 -10.95
N ALA B 115 2.82 1.20 -11.46
CA ALA B 115 3.19 -0.02 -12.15
C ALA B 115 3.06 -1.34 -11.40
N ASN B 116 2.90 -1.30 -10.07
CA ASN B 116 2.70 -2.56 -9.30
C ASN B 116 1.23 -2.85 -9.04
N SER B 117 0.34 -2.10 -9.73
CA SER B 117 -1.09 -2.33 -9.51
C SER B 117 -1.63 -3.68 -9.98
N VAL B 118 -1.33 -4.08 -11.21
CA VAL B 118 -1.83 -5.34 -11.70
C VAL B 118 -1.24 -6.48 -10.84
N PRO B 119 0.08 -6.45 -10.54
CA PRO B 119 0.63 -7.52 -9.68
C PRO B 119 -0.15 -7.62 -8.37
N GLN B 120 -0.48 -6.48 -7.74
CA GLN B 120 -1.27 -6.63 -6.52
C GLN B 120 -2.64 -7.28 -6.74
N VAL B 121 -3.26 -7.07 -7.90
CA VAL B 121 -4.56 -7.71 -8.11
C VAL B 121 -4.37 -9.20 -8.44
N VAL B 122 -3.25 -9.54 -9.05
CA VAL B 122 -3.00 -10.96 -9.33
C VAL B 122 -2.89 -11.66 -7.97
N ARG B 123 -2.14 -11.05 -7.04
CA ARG B 123 -1.95 -11.67 -5.74
C ARG B 123 -3.29 -11.79 -5.06
N ARG B 124 -4.11 -10.74 -5.21
CA ARG B 124 -5.43 -10.71 -4.60
C ARG B 124 -6.34 -11.83 -5.15
N ILE B 125 -6.37 -12.01 -6.47
CA ILE B 125 -7.21 -13.03 -7.10
C ILE B 125 -6.73 -14.37 -6.63
N ASN B 126 -5.42 -14.57 -6.57
CA ASN B 126 -4.92 -15.85 -6.08
C ASN B 126 -5.30 -16.11 -4.63
N ASN B 127 -5.28 -15.07 -3.78
CA ASN B 127 -5.67 -15.24 -2.37
C ASN B 127 -7.15 -15.63 -2.27
N ALA B 128 -7.96 -15.08 -3.14
CA ALA B 128 -9.40 -15.35 -3.09
C ALA B 128 -9.68 -16.76 -3.54
N LEU B 129 -8.98 -17.16 -4.58
CA LEU B 129 -9.20 -18.51 -5.11
C LEU B 129 -8.70 -19.49 -4.07
N GLN B 130 -7.60 -19.15 -3.40
CA GLN B 130 -7.05 -20.01 -2.36
C GLN B 130 -8.03 -20.17 -1.18
N ARG B 131 -8.71 -19.09 -0.81
CA ARG B 131 -9.71 -19.16 0.25
C ARG B 131 -10.89 -20.05 -0.23
N ALA B 132 -11.34 -19.87 -1.47
CA ALA B 132 -12.44 -20.71 -2.00
C ALA B 132 -11.99 -22.17 -1.95
N ASP B 133 -10.72 -22.39 -2.32
CA ASP B 133 -10.16 -23.74 -2.35
C ASP B 133 -10.15 -24.32 -0.92
N GLN B 134 -9.72 -23.54 0.08
CA GLN B 134 -9.68 -24.00 1.49
C GLN B 134 -11.05 -24.31 2.01
N ILE B 135 -12.02 -23.49 1.61
CA ILE B 135 -13.40 -23.65 2.06
C ILE B 135 -14.03 -24.92 1.46
N ALA B 136 -13.78 -25.13 0.17
CA ALA B 136 -14.31 -26.31 -0.55
C ALA B 136 -13.79 -27.58 0.12
N LYS B 137 -12.54 -27.52 0.57
CA LYS B 137 -11.98 -28.69 1.20
C LYS B 137 -12.68 -29.02 2.53
N ILE B 138 -12.88 -28.04 3.40
CA ILE B 138 -13.53 -28.35 4.65
C ILE B 138 -15.01 -28.60 4.51
N GLU B 139 -15.61 -28.23 3.38
CA GLU B 139 -17.04 -28.46 3.19
C GLU B 139 -17.26 -29.75 2.43
N GLY B 140 -16.18 -30.41 2.02
CA GLY B 140 -16.33 -31.64 1.25
C GLY B 140 -16.95 -31.36 -0.12
N ASP B 141 -16.80 -30.12 -0.59
CA ASP B 141 -17.33 -29.74 -1.88
C ASP B 141 -16.38 -30.03 -3.03
N THR B 142 -16.78 -30.96 -3.90
CA THR B 142 -15.99 -31.33 -5.06
C THR B 142 -16.61 -30.73 -6.32
N SER B 143 -17.50 -29.77 -6.11
CA SER B 143 -18.21 -29.06 -7.20
C SER B 143 -17.28 -28.44 -8.24
N VAL B 144 -16.03 -28.22 -7.86
CA VAL B 144 -15.04 -27.59 -8.72
C VAL B 144 -13.74 -28.38 -8.70
N GLU B 145 -13.24 -28.73 -9.87
CA GLU B 145 -12.02 -29.52 -10.00
C GLU B 145 -10.73 -28.79 -9.64
N ASN B 146 -10.60 -27.56 -10.10
CA ASN B 146 -9.39 -26.78 -9.81
C ASN B 146 -9.73 -25.31 -9.55
N TRP B 147 -9.75 -24.94 -8.26
CA TRP B 147 -10.06 -23.56 -7.86
C TRP B 147 -8.99 -22.55 -8.30
N LEU B 148 -7.75 -23.01 -8.37
CA LEU B 148 -6.67 -22.13 -8.75
C LEU B 148 -6.55 -22.04 -10.25
N ALA B 149 -7.54 -21.44 -10.86
CA ALA B 149 -7.54 -21.27 -12.30
C ALA B 149 -6.38 -20.34 -12.70
N PRO B 150 -5.76 -20.60 -13.86
CA PRO B 150 -4.66 -19.76 -14.32
C PRO B 150 -5.14 -18.33 -14.58
N ILE B 151 -4.28 -17.38 -14.24
CA ILE B 151 -4.57 -15.97 -14.44
C ILE B 151 -3.72 -15.41 -15.57
N VAL B 152 -4.35 -14.77 -16.55
CA VAL B 152 -3.60 -14.13 -17.63
C VAL B 152 -3.78 -12.63 -17.32
N ALA B 153 -2.67 -11.95 -17.15
CA ALA B 153 -2.69 -10.52 -16.75
C ALA B 153 -1.99 -9.58 -17.74
N ASP B 154 -2.47 -8.34 -17.71
CA ASP B 154 -2.10 -7.23 -18.59
C ASP B 154 -0.82 -6.51 -18.14
N GLY B 155 0.21 -6.60 -18.95
CA GLY B 155 1.47 -5.96 -18.68
C GLY B 155 1.57 -4.65 -19.45
N GLU B 156 0.45 -4.30 -20.11
CA GLU B 156 0.32 -3.08 -20.90
C GLU B 156 1.49 -2.83 -21.84
N ALA B 157 2.12 -1.66 -21.79
CA ALA B 157 3.27 -1.43 -22.66
C ALA B 157 4.53 -1.43 -21.81
N GLY B 158 4.44 -2.07 -20.64
CA GLY B 158 5.58 -2.22 -19.75
C GLY B 158 5.97 -1.03 -18.87
N PHE B 159 5.24 0.08 -18.98
CA PHE B 159 5.51 1.22 -18.10
C PHE B 159 6.95 1.81 -18.22
N GLY B 160 7.51 1.73 -19.42
CA GLY B 160 8.84 2.28 -19.60
C GLY B 160 9.67 1.51 -20.60
N GLY B 161 10.92 1.24 -20.23
CA GLY B 161 11.79 0.51 -21.14
C GLY B 161 11.85 -0.97 -20.77
N ALA B 162 12.84 -1.68 -21.29
CA ALA B 162 12.98 -3.10 -21.01
C ALA B 162 13.13 -3.45 -19.53
N LEU B 163 13.73 -2.57 -18.73
CA LEU B 163 13.92 -2.85 -17.31
C LEU B 163 12.58 -2.70 -16.56
N ASN B 164 11.70 -1.80 -17.01
CA ASN B 164 10.40 -1.64 -16.34
C ASN B 164 9.58 -2.90 -16.71
N VAL B 165 9.79 -3.38 -17.94
CA VAL B 165 9.09 -4.55 -18.41
C VAL B 165 9.57 -5.68 -17.53
N TYR B 166 10.88 -5.75 -17.33
CA TYR B 166 11.44 -6.82 -16.52
C TYR B 166 10.88 -6.83 -15.10
N GLU B 167 10.83 -5.67 -14.45
CA GLU B 167 10.30 -5.65 -13.09
C GLU B 167 8.79 -5.95 -13.00
N LEU B 168 8.03 -5.60 -14.02
CA LEU B 168 6.61 -5.86 -13.98
C LEU B 168 6.43 -7.40 -14.12
N GLN B 169 7.13 -8.00 -15.06
CA GLN B 169 6.98 -9.45 -15.22
C GLN B 169 7.35 -10.18 -13.94
N LYS B 170 8.48 -9.82 -13.35
CA LYS B 170 8.93 -10.42 -12.12
C LYS B 170 7.90 -10.27 -10.98
N ALA B 171 7.31 -9.09 -10.86
CA ALA B 171 6.30 -8.88 -9.82
C ALA B 171 5.00 -9.66 -10.10
N LEU B 172 4.62 -9.80 -11.38
CA LEU B 172 3.41 -10.54 -11.74
C LEU B 172 3.64 -12.00 -11.31
N ILE B 173 4.86 -12.50 -11.58
CA ILE B 173 5.24 -13.86 -11.22
C ILE B 173 5.23 -14.07 -9.70
N ALA B 174 5.81 -13.15 -8.95
CA ALA B 174 5.84 -13.25 -7.50
C ALA B 174 4.41 -13.37 -6.97
N ALA B 175 3.49 -12.69 -7.62
CA ALA B 175 2.08 -12.69 -7.24
C ALA B 175 1.31 -13.93 -7.70
N GLY B 176 1.92 -14.71 -8.60
CA GLY B 176 1.32 -15.94 -9.07
C GLY B 176 0.62 -15.94 -10.42
N VAL B 177 1.06 -15.09 -11.34
CA VAL B 177 0.42 -15.00 -12.66
C VAL B 177 0.80 -16.25 -13.50
N ALA B 178 -0.07 -16.66 -14.42
CA ALA B 178 0.21 -17.82 -15.30
C ALA B 178 0.64 -17.32 -16.67
N GLY B 179 0.11 -16.17 -17.06
CA GLY B 179 0.46 -15.60 -18.35
C GLY B 179 0.37 -14.07 -18.35
N SER B 180 1.15 -13.43 -19.23
CA SER B 180 1.14 -11.98 -19.29
C SER B 180 1.19 -11.50 -20.74
N HIS B 181 0.50 -10.40 -21.04
CA HIS B 181 0.52 -9.88 -22.40
C HIS B 181 1.20 -8.51 -22.48
N TRP B 182 1.88 -8.25 -23.60
CA TRP B 182 2.69 -7.05 -23.77
C TRP B 182 2.42 -6.46 -25.15
N GLU B 183 2.18 -5.16 -25.21
CA GLU B 183 1.83 -4.58 -26.50
C GLU B 183 2.86 -3.60 -27.06
N ASP B 184 2.84 -3.48 -28.39
CA ASP B 184 3.79 -2.65 -29.12
C ASP B 184 3.49 -1.17 -29.20
N GLN B 185 3.14 -0.60 -28.05
CA GLN B 185 2.84 0.83 -27.99
C GLN B 185 3.90 1.55 -27.16
N LEU B 186 3.97 2.87 -27.31
CA LEU B 186 4.88 3.74 -26.53
C LEU B 186 4.27 3.85 -25.15
N ALA B 187 4.97 3.45 -24.07
CA ALA B 187 4.34 3.48 -22.73
C ALA B 187 3.76 4.83 -22.31
N SER B 188 4.50 5.88 -22.59
CA SER B 188 4.08 7.22 -22.22
C SER B 188 2.83 7.73 -22.95
N GLU B 189 2.42 7.04 -24.02
CA GLU B 189 1.20 7.41 -24.76
C GLU B 189 0.28 6.18 -24.89
N LYS B 190 0.48 5.19 -24.03
CA LYS B 190 -0.34 3.95 -24.10
C LYS B 190 -1.82 4.23 -24.14
N LYS B 191 -2.53 3.44 -24.96
CA LYS B 191 -4.00 3.59 -25.07
C LYS B 191 -4.69 2.22 -25.03
N CYS B 192 -5.94 2.22 -24.60
CA CYS B 192 -6.79 1.02 -24.71
C CYS B 192 -6.74 0.74 -26.25
N GLY B 193 -6.78 -0.54 -26.66
CA GLY B 193 -6.72 -0.85 -28.10
C GLY B 193 -7.84 -0.21 -28.91
N HIS B 194 -8.92 0.12 -28.23
CA HIS B 194 -10.04 0.73 -28.93
C HIS B 194 -10.21 2.23 -28.77
N LEU B 195 -9.17 2.89 -28.26
CA LEU B 195 -9.18 4.34 -28.12
C LEU B 195 -8.27 4.86 -29.26
N GLY B 196 -8.38 6.12 -29.62
CA GLY B 196 -7.53 6.67 -30.66
C GLY B 196 -6.25 7.19 -30.00
N GLY B 197 -5.37 7.78 -30.79
CA GLY B 197 -4.14 8.37 -30.26
C GLY B 197 -3.05 7.39 -29.94
N LYS B 198 -3.04 6.25 -30.62
CA LYS B 198 -2.03 5.24 -30.34
C LYS B 198 -0.72 5.51 -31.06
N VAL B 199 0.39 5.21 -30.40
CA VAL B 199 1.71 5.39 -30.99
C VAL B 199 2.48 4.07 -30.87
N LEU B 200 2.79 3.45 -32.00
CA LEU B 200 3.54 2.19 -31.97
C LEU B 200 5.02 2.50 -31.72
N ILE B 201 5.78 1.48 -31.31
CA ILE B 201 7.22 1.61 -31.16
C ILE B 201 7.78 0.64 -32.25
N PRO B 202 9.07 0.77 -32.62
CA PRO B 202 9.68 -0.11 -33.65
C PRO B 202 9.52 -1.61 -33.35
N THR B 203 9.32 -2.39 -34.40
CA THR B 203 9.15 -3.84 -34.28
C THR B 203 10.22 -4.43 -33.37
N GLN B 204 11.47 -4.00 -33.55
CA GLN B 204 12.54 -4.55 -32.74
C GLN B 204 12.41 -4.22 -31.26
N GLN B 205 11.96 -3.00 -30.98
CA GLN B 205 11.79 -2.63 -29.59
C GLN B 205 10.80 -3.58 -28.94
N HIS B 206 9.71 -3.92 -29.64
CA HIS B 206 8.78 -4.83 -29.00
C HIS B 206 9.45 -6.17 -28.83
N ILE B 207 10.32 -6.57 -29.75
CA ILE B 207 11.02 -7.83 -29.58
C ILE B 207 11.89 -7.74 -28.29
N ARG B 208 12.47 -6.57 -28.03
CA ARG B 208 13.24 -6.41 -26.81
C ARG B 208 12.33 -6.59 -25.57
N THR B 209 11.09 -6.12 -25.69
CA THR B 209 10.14 -6.25 -24.60
C THR B 209 9.77 -7.72 -24.37
N LEU B 210 9.40 -8.41 -25.45
CA LEU B 210 9.05 -9.83 -25.34
C LEU B 210 10.22 -10.65 -24.80
N THR B 211 11.43 -10.25 -25.17
CA THR B 211 12.67 -10.89 -24.75
C THR B 211 12.89 -10.68 -23.24
N SER B 212 12.67 -9.44 -22.80
CA SER B 212 12.80 -9.09 -21.40
C SER B 212 11.79 -9.84 -20.52
N ALA B 213 10.59 -10.03 -21.04
CA ALA B 213 9.53 -10.72 -20.30
C ALA B 213 9.88 -12.22 -20.15
N ARG B 214 10.40 -12.81 -21.22
CA ARG B 214 10.77 -14.22 -21.12
C ARG B 214 11.97 -14.31 -20.15
N LEU B 215 12.86 -13.34 -20.21
CA LEU B 215 14.04 -13.37 -19.36
C LEU B 215 13.65 -13.32 -17.88
N ALA B 216 12.73 -12.43 -17.51
CA ALA B 216 12.32 -12.37 -16.12
C ALA B 216 11.70 -13.71 -15.74
N ALA B 217 10.89 -14.29 -16.62
CA ALA B 217 10.28 -15.60 -16.38
C ALA B 217 11.37 -16.68 -16.15
N ASP B 218 12.38 -16.71 -17.01
CA ASP B 218 13.46 -17.71 -16.85
C ASP B 218 14.25 -17.47 -15.56
N VAL B 219 14.60 -16.22 -15.24
CA VAL B 219 15.34 -15.97 -14.00
C VAL B 219 14.51 -16.37 -12.76
N ALA B 220 13.19 -16.31 -12.88
CA ALA B 220 12.34 -16.68 -11.75
C ALA B 220 11.99 -18.17 -11.84
N ASP B 221 12.57 -18.87 -12.81
CA ASP B 221 12.36 -20.31 -12.96
C ASP B 221 10.94 -20.81 -13.18
N VAL B 222 10.13 -20.03 -13.89
CA VAL B 222 8.76 -20.45 -14.19
C VAL B 222 8.47 -20.29 -15.68
N PRO B 223 7.71 -21.23 -16.26
CA PRO B 223 7.32 -21.26 -17.68
C PRO B 223 6.16 -20.36 -18.08
N THR B 224 6.18 -19.10 -17.61
CA THR B 224 5.10 -18.15 -17.90
C THR B 224 4.69 -18.05 -19.38
N VAL B 225 3.38 -18.01 -19.64
CA VAL B 225 2.89 -17.90 -21.02
C VAL B 225 3.06 -16.39 -21.39
N VAL B 226 3.86 -16.13 -22.44
CA VAL B 226 4.11 -14.76 -22.90
C VAL B 226 3.24 -14.44 -24.12
N ILE B 227 2.44 -13.39 -24.02
CA ILE B 227 1.56 -13.01 -25.10
C ILE B 227 1.96 -11.68 -25.72
N ALA B 228 2.08 -11.65 -27.05
CA ALA B 228 2.47 -10.42 -27.76
C ALA B 228 1.22 -9.87 -28.41
N ARG B 229 0.97 -8.58 -28.18
CA ARG B 229 -0.17 -7.94 -28.76
C ARG B 229 0.29 -6.83 -29.70
N THR B 230 -0.35 -6.70 -30.87
CA THR B 230 -0.01 -5.58 -31.76
C THR B 230 -1.19 -4.64 -31.90
N ASP B 231 -0.90 -3.35 -31.87
CA ASP B 231 -1.90 -2.31 -31.99
C ASP B 231 -1.85 -1.60 -33.34
N ALA B 232 -1.28 -2.27 -34.33
CA ALA B 232 -1.11 -1.67 -35.64
C ALA B 232 -2.31 -1.59 -36.57
N GLU B 233 -3.40 -2.26 -36.21
CA GLU B 233 -4.59 -2.21 -37.04
C GLU B 233 -5.17 -0.78 -37.07
N ALA B 234 -5.12 -0.09 -35.93
CA ALA B 234 -5.64 1.28 -35.88
C ALA B 234 -4.59 2.39 -35.69
N ALA B 235 -3.42 2.07 -35.13
CA ALA B 235 -2.40 3.11 -34.88
C ALA B 235 -1.87 3.74 -36.17
N THR B 236 -1.83 5.08 -36.24
CA THR B 236 -1.29 5.72 -37.42
C THR B 236 -0.01 6.52 -37.09
N LEU B 237 0.58 6.25 -35.93
CA LEU B 237 1.81 6.90 -35.50
C LEU B 237 2.82 5.87 -35.00
N ILE B 238 4.10 6.16 -35.17
CA ILE B 238 5.16 5.29 -34.68
C ILE B 238 6.25 6.26 -34.24
N THR B 239 7.02 5.84 -33.23
CA THR B 239 8.04 6.73 -32.65
C THR B 239 9.27 6.92 -33.52
N SER B 240 9.55 5.96 -34.39
CA SER B 240 10.78 6.04 -35.21
C SER B 240 10.65 5.13 -36.43
N ASP B 241 11.42 5.44 -37.49
CA ASP B 241 11.44 4.65 -38.73
C ASP B 241 12.75 3.85 -38.81
N VAL B 242 13.43 3.74 -37.68
CA VAL B 242 14.69 3.01 -37.66
C VAL B 242 14.64 1.55 -38.10
N ASP B 243 13.51 0.89 -37.94
CA ASP B 243 13.39 -0.53 -38.28
C ASP B 243 12.90 -0.78 -39.71
N GLU B 244 13.71 -1.45 -40.52
CA GLU B 244 13.31 -1.71 -41.90
C GLU B 244 12.01 -2.47 -42.08
N ARG B 245 11.60 -3.26 -41.08
CA ARG B 245 10.34 -3.99 -41.24
C ARG B 245 9.17 -3.03 -41.12
N ASP B 246 9.44 -1.87 -40.52
CA ASP B 246 8.41 -0.84 -40.30
C ASP B 246 8.37 0.20 -41.41
N GLN B 247 9.51 0.43 -42.03
CA GLN B 247 9.58 1.44 -43.11
C GLN B 247 8.60 1.32 -44.26
N PRO B 248 8.22 0.10 -44.63
CA PRO B 248 7.28 -0.04 -45.74
C PRO B 248 5.97 0.70 -45.50
N PHE B 249 5.67 1.02 -44.24
CA PHE B 249 4.42 1.69 -43.85
C PHE B 249 4.57 3.18 -43.50
N ILE B 250 5.80 3.62 -43.29
CA ILE B 250 6.07 5.02 -42.96
C ILE B 250 5.67 5.92 -44.14
N THR B 251 4.93 7.00 -43.87
CA THR B 251 4.50 7.90 -44.94
C THR B 251 5.45 9.05 -45.13
N GLY B 252 6.24 9.32 -44.10
CA GLY B 252 7.15 10.45 -44.18
C GLY B 252 6.66 11.64 -43.35
N GLU B 253 5.33 11.79 -43.18
CA GLU B 253 4.78 12.89 -42.38
C GLU B 253 5.21 12.73 -40.90
N ARG B 254 5.47 13.86 -40.24
CA ARG B 254 5.91 13.91 -38.84
C ARG B 254 5.07 14.86 -38.00
N THR B 255 4.88 14.55 -36.73
CA THR B 255 4.07 15.39 -35.84
C THR B 255 5.00 16.32 -35.05
N ARG B 256 4.41 17.27 -34.33
CA ARG B 256 5.21 18.21 -33.53
C ARG B 256 5.97 17.52 -32.43
N GLU B 257 5.44 16.38 -31.99
CA GLU B 257 6.10 15.61 -30.93
C GLU B 257 7.27 14.83 -31.52
N GLY B 258 7.37 14.78 -32.84
CA GLY B 258 8.45 14.03 -33.46
C GLY B 258 8.04 12.64 -33.89
N PHE B 259 6.76 12.30 -33.78
CA PHE B 259 6.31 10.99 -34.22
C PHE B 259 6.21 10.88 -35.77
N TYR B 260 6.08 9.66 -36.29
CA TYR B 260 5.96 9.48 -37.76
C TYR B 260 4.60 8.90 -38.09
N ARG B 261 4.01 9.36 -39.18
CA ARG B 261 2.73 8.80 -39.60
C ARG B 261 3.07 7.49 -40.25
N THR B 262 2.16 6.52 -40.10
CA THR B 262 2.37 5.19 -40.66
C THR B 262 1.01 4.64 -41.10
N LYS B 263 1.01 3.83 -42.16
CA LYS B 263 -0.22 3.25 -42.69
C LYS B 263 -0.69 2.09 -41.85
N ASN B 264 -1.89 2.24 -41.28
CA ASN B 264 -2.50 1.25 -40.39
C ASN B 264 -3.36 0.23 -41.10
N GLY B 265 -3.44 -0.96 -40.52
CA GLY B 265 -4.28 -1.98 -41.12
C GLY B 265 -3.89 -3.37 -40.71
N ILE B 266 -4.52 -4.36 -41.37
CA ILE B 266 -4.19 -5.73 -41.03
C ILE B 266 -2.80 -6.09 -41.50
N GLU B 267 -2.36 -5.46 -42.60
CA GLU B 267 -1.05 -5.76 -43.17
C GLU B 267 0.10 -5.54 -42.19
N PRO B 268 0.13 -4.37 -41.53
CA PRO B 268 1.21 -4.13 -40.57
C PRO B 268 1.08 -5.14 -39.40
N CYS B 269 -0.17 -5.47 -39.05
CA CYS B 269 -0.44 -6.42 -37.94
C CYS B 269 0.13 -7.80 -38.27
N ILE B 270 -0.09 -8.23 -39.52
CA ILE B 270 0.40 -9.52 -39.98
C ILE B 270 1.93 -9.55 -39.97
N ALA B 271 2.53 -8.44 -40.39
CA ALA B 271 3.99 -8.37 -40.44
C ALA B 271 4.61 -8.44 -39.06
N ARG B 272 4.09 -7.63 -38.15
CA ARG B 272 4.61 -7.58 -36.80
C ARG B 272 4.37 -8.94 -36.13
N ALA B 273 3.21 -9.50 -36.38
CA ALA B 273 2.84 -10.80 -35.80
C ALA B 273 3.87 -11.85 -36.16
N LYS B 274 4.29 -11.87 -37.42
CA LYS B 274 5.30 -12.83 -37.87
C LYS B 274 6.63 -12.55 -37.20
N ALA B 275 7.00 -11.28 -37.08
CA ALA B 275 8.26 -10.96 -36.44
C ALA B 275 8.25 -11.30 -34.94
N TYR B 276 7.09 -11.19 -34.28
CA TYR B 276 6.96 -11.49 -32.85
C TYR B 276 6.79 -13.00 -32.58
N ALA B 277 6.38 -13.75 -33.59
CA ALA B 277 6.11 -15.19 -33.37
C ALA B 277 7.17 -16.05 -32.69
N PRO B 278 8.45 -15.87 -32.99
CA PRO B 278 9.43 -16.73 -32.31
C PRO B 278 9.51 -16.42 -30.81
N PHE B 279 9.03 -15.23 -30.43
CA PHE B 279 9.12 -14.75 -29.04
C PHE B 279 7.76 -14.73 -28.31
N ALA B 280 6.75 -15.41 -28.84
CA ALA B 280 5.42 -15.37 -28.22
C ALA B 280 4.63 -16.68 -28.25
N ASP B 281 4.08 -17.09 -27.10
CA ASP B 281 3.27 -18.29 -27.01
C ASP B 281 1.87 -18.08 -27.60
N LEU B 282 1.43 -16.81 -27.59
CA LEU B 282 0.16 -16.48 -28.24
C LEU B 282 0.37 -15.11 -28.84
N ILE B 283 -0.32 -14.84 -29.97
CA ILE B 283 -0.23 -13.56 -30.63
C ILE B 283 -1.64 -13.02 -30.74
N TRP B 284 -1.76 -11.70 -30.58
CA TRP B 284 -3.06 -11.06 -30.58
C TRP B 284 -3.03 -9.73 -31.33
N MET B 285 -4.03 -9.45 -32.17
CA MET B 285 -4.07 -8.14 -32.81
C MET B 285 -5.39 -7.48 -32.44
N GLU B 286 -5.32 -6.28 -31.90
CA GLU B 286 -6.55 -5.59 -31.58
C GLU B 286 -7.21 -5.27 -32.94
N THR B 287 -8.55 -5.20 -32.97
CA THR B 287 -9.28 -4.90 -34.21
C THR B 287 -10.41 -3.95 -33.90
N GLY B 288 -10.89 -3.24 -34.91
CA GLY B 288 -11.94 -2.27 -34.69
C GLY B 288 -13.38 -2.75 -34.64
N THR B 289 -13.60 -4.01 -34.99
CA THR B 289 -14.95 -4.57 -34.97
C THR B 289 -14.84 -6.07 -34.76
N PRO B 290 -15.90 -6.69 -34.24
CA PRO B 290 -15.85 -8.15 -34.04
C PRO B 290 -16.23 -8.72 -35.43
N ASP B 291 -15.22 -9.15 -36.18
CA ASP B 291 -15.42 -9.67 -37.55
C ASP B 291 -14.66 -10.99 -37.78
N LEU B 292 -15.41 -12.08 -37.98
CA LEU B 292 -14.79 -13.39 -38.17
C LEU B 292 -13.91 -13.45 -39.41
N GLU B 293 -14.36 -12.75 -40.44
CA GLU B 293 -13.61 -12.69 -41.69
C GLU B 293 -12.22 -12.07 -41.45
N ALA B 294 -12.17 -10.86 -40.86
CA ALA B 294 -10.85 -10.23 -40.62
C ALA B 294 -10.01 -11.12 -39.70
N ALA B 295 -10.65 -11.72 -38.70
CA ALA B 295 -9.95 -12.63 -37.80
C ALA B 295 -9.36 -13.78 -38.61
N ARG B 296 -10.13 -14.31 -39.56
CA ARG B 296 -9.63 -15.40 -40.38
C ARG B 296 -8.42 -14.94 -41.22
N GLN B 297 -8.53 -13.78 -41.86
CA GLN B 297 -7.42 -13.26 -42.66
C GLN B 297 -6.12 -13.28 -41.87
N PHE B 298 -6.17 -12.75 -40.65
CA PHE B 298 -5.02 -12.67 -39.78
C PHE B 298 -4.50 -14.06 -39.44
N SER B 299 -5.41 -14.92 -39.03
CA SER B 299 -5.06 -16.30 -38.68
C SER B 299 -4.40 -17.06 -39.83
N GLU B 300 -5.03 -17.06 -41.00
CA GLU B 300 -4.43 -17.80 -42.13
C GLU B 300 -3.07 -17.24 -42.47
N ALA B 301 -2.98 -15.92 -42.49
CA ALA B 301 -1.73 -15.25 -42.84
C ALA B 301 -0.62 -15.61 -41.87
N VAL B 302 -0.90 -15.53 -40.58
CA VAL B 302 0.14 -15.85 -39.61
C VAL B 302 0.50 -17.34 -39.59
N LYS B 303 -0.52 -18.19 -39.58
CA LYS B 303 -0.28 -19.63 -39.54
C LYS B 303 0.34 -20.15 -40.84
N ALA B 304 0.21 -19.37 -41.91
CA ALA B 304 0.81 -19.74 -43.18
C ALA B 304 2.33 -19.77 -42.98
N GLU B 305 2.83 -19.11 -41.94
CA GLU B 305 4.27 -19.10 -41.67
C GLU B 305 4.63 -19.82 -40.37
N TYR B 306 3.66 -19.90 -39.45
CA TYR B 306 3.85 -20.57 -38.16
C TYR B 306 2.55 -21.33 -37.95
N PRO B 307 2.48 -22.54 -38.52
CA PRO B 307 1.29 -23.41 -38.44
C PRO B 307 0.83 -23.69 -37.03
N ASP B 308 1.81 -23.82 -36.13
CA ASP B 308 1.54 -24.13 -34.74
C ASP B 308 1.32 -22.93 -33.83
N GLN B 309 1.34 -21.73 -34.38
CA GLN B 309 1.16 -20.54 -33.56
C GLN B 309 -0.25 -20.34 -33.03
N MET B 310 -0.38 -20.35 -31.70
CA MET B 310 -1.70 -20.14 -31.11
C MET B 310 -1.97 -18.63 -31.06
N LEU B 311 -3.25 -18.27 -31.21
CA LEU B 311 -3.65 -16.86 -31.22
C LEU B 311 -4.61 -16.51 -30.09
N ALA B 312 -4.70 -15.23 -29.76
CA ALA B 312 -5.62 -14.79 -28.72
C ALA B 312 -6.55 -13.75 -29.31
N TYR B 313 -7.77 -13.69 -28.79
CA TYR B 313 -8.74 -12.74 -29.29
C TYR B 313 -9.55 -12.04 -28.19
N ASN B 314 -9.64 -10.72 -28.33
CA ASN B 314 -10.34 -9.90 -27.39
C ASN B 314 -11.78 -9.63 -27.82
N CYS B 315 -12.70 -10.33 -27.17
CA CYS B 315 -14.11 -10.11 -27.45
C CYS B 315 -14.43 -8.89 -26.61
N SER B 316 -14.10 -7.72 -27.15
CA SER B 316 -14.28 -6.47 -26.42
C SER B 316 -15.63 -5.79 -26.20
N PRO B 317 -15.90 -5.38 -24.95
CA PRO B 317 -17.17 -4.72 -24.73
C PRO B 317 -17.07 -3.34 -25.41
N SER B 318 -15.90 -3.00 -25.94
CA SER B 318 -15.75 -1.70 -26.63
C SER B 318 -16.43 -1.74 -28.02
N PHE B 319 -16.90 -2.94 -28.42
CA PHE B 319 -17.62 -3.09 -29.68
C PHE B 319 -19.11 -3.01 -29.35
N ASN B 320 -19.91 -2.43 -30.26
CA ASN B 320 -21.36 -2.39 -30.07
C ASN B 320 -21.73 -3.70 -30.78
N TRP B 321 -21.83 -4.79 -30.03
CA TRP B 321 -22.07 -6.10 -30.62
C TRP B 321 -23.24 -6.29 -31.57
N LYS B 322 -24.45 -5.93 -31.16
CA LYS B 322 -25.55 -6.15 -32.09
C LYS B 322 -25.59 -5.13 -33.23
N LYS B 323 -24.79 -4.08 -33.16
CA LYS B 323 -24.79 -3.11 -34.26
C LYS B 323 -24.08 -3.75 -35.44
N HIS B 324 -23.17 -4.65 -35.13
CA HIS B 324 -22.38 -5.31 -36.16
C HIS B 324 -22.83 -6.72 -36.52
N LEU B 325 -23.17 -7.52 -35.52
CA LEU B 325 -23.55 -8.90 -35.77
C LEU B 325 -24.98 -9.24 -35.39
N ASP B 326 -25.48 -10.33 -35.96
CA ASP B 326 -26.83 -10.77 -35.62
C ASP B 326 -26.66 -11.91 -34.64
N ASP B 327 -27.73 -12.21 -33.91
CA ASP B 327 -27.68 -13.25 -32.90
C ASP B 327 -27.04 -14.57 -33.34
N ALA B 328 -27.35 -15.04 -34.54
CA ALA B 328 -26.77 -16.31 -34.98
C ALA B 328 -25.23 -16.26 -34.99
N THR B 329 -24.68 -15.19 -35.52
CA THR B 329 -23.22 -15.02 -35.58
C THR B 329 -22.66 -14.79 -34.16
N ILE B 330 -23.37 -13.99 -33.35
CA ILE B 330 -22.94 -13.74 -31.98
C ILE B 330 -22.87 -15.06 -31.23
N ALA B 331 -23.86 -15.91 -31.48
CA ALA B 331 -23.93 -17.19 -30.84
C ALA B 331 -22.76 -18.11 -31.17
N LYS B 332 -22.29 -18.07 -32.41
CA LYS B 332 -21.20 -18.94 -32.84
C LYS B 332 -19.86 -18.26 -32.80
N PHE B 333 -19.86 -16.96 -32.48
CA PHE B 333 -18.62 -16.23 -32.52
C PHE B 333 -17.38 -16.94 -31.99
N GLN B 334 -17.36 -17.29 -30.70
CA GLN B 334 -16.17 -17.94 -30.13
C GLN B 334 -15.82 -19.31 -30.68
N LYS B 335 -16.84 -20.11 -30.99
CA LYS B 335 -16.56 -21.44 -31.53
C LYS B 335 -15.90 -21.28 -32.90
N GLU B 336 -16.38 -20.32 -33.67
CA GLU B 336 -15.81 -20.08 -34.99
C GLU B 336 -14.31 -19.73 -34.86
N LEU B 337 -14.02 -18.77 -33.98
CA LEU B 337 -12.66 -18.30 -33.73
C LEU B 337 -11.74 -19.42 -33.28
N ALA B 338 -12.25 -20.29 -32.41
CA ALA B 338 -11.45 -21.39 -31.90
C ALA B 338 -10.98 -22.25 -33.08
N ALA B 339 -11.91 -22.50 -34.02
CA ALA B 339 -11.58 -23.30 -35.21
C ALA B 339 -10.42 -22.67 -35.98
N MET B 340 -10.35 -21.33 -35.96
CA MET B 340 -9.29 -20.59 -36.64
C MET B 340 -7.96 -20.64 -35.88
N GLY B 341 -7.98 -21.12 -34.63
CA GLY B 341 -6.75 -21.14 -33.88
C GLY B 341 -6.65 -20.11 -32.75
N PHE B 342 -7.76 -19.45 -32.45
CA PHE B 342 -7.76 -18.47 -31.35
C PHE B 342 -8.09 -19.27 -30.09
N LYS B 343 -7.03 -19.71 -29.42
CA LYS B 343 -7.16 -20.57 -28.25
C LYS B 343 -7.41 -19.90 -26.90
N PHE B 344 -7.17 -18.59 -26.82
CA PHE B 344 -7.44 -17.85 -25.59
C PHE B 344 -8.35 -16.71 -26.00
N GLN B 345 -9.57 -16.70 -25.48
CA GLN B 345 -10.54 -15.66 -25.83
C GLN B 345 -11.00 -15.02 -24.54
N PHE B 346 -11.22 -13.71 -24.56
CA PHE B 346 -11.56 -13.06 -23.32
C PHE B 346 -12.36 -11.81 -23.49
N ILE B 347 -13.28 -11.57 -22.55
CA ILE B 347 -14.09 -10.34 -22.55
C ILE B 347 -13.36 -9.44 -21.53
N THR B 348 -12.49 -8.58 -22.05
CA THR B 348 -11.69 -7.70 -21.21
C THR B 348 -12.42 -6.98 -20.08
N LEU B 349 -13.49 -6.28 -20.44
CA LEU B 349 -14.20 -5.45 -19.49
C LEU B 349 -15.48 -6.05 -18.89
N ALA B 350 -15.56 -7.37 -18.91
CA ALA B 350 -16.74 -8.07 -18.37
C ALA B 350 -17.09 -7.64 -16.94
N GLY B 351 -16.07 -7.57 -16.10
CA GLY B 351 -16.29 -7.19 -14.70
C GLY B 351 -16.77 -5.78 -14.49
N PHE B 352 -16.16 -4.82 -15.20
CA PHE B 352 -16.56 -3.41 -15.10
C PHE B 352 -18.05 -3.32 -15.42
N HIS B 353 -18.48 -3.91 -16.52
CA HIS B 353 -19.90 -3.81 -16.85
C HIS B 353 -20.84 -4.60 -15.93
N ALA B 354 -20.47 -5.82 -15.55
CA ALA B 354 -21.29 -6.61 -14.62
C ALA B 354 -21.45 -5.85 -13.30
N LEU B 355 -20.36 -5.26 -12.80
CA LEU B 355 -20.40 -4.51 -11.54
C LEU B 355 -21.18 -3.21 -11.65
N ASN B 356 -20.90 -2.42 -12.70
CA ASN B 356 -21.57 -1.14 -12.83
C ASN B 356 -23.08 -1.29 -13.08
N TYR B 357 -23.44 -2.23 -13.92
CA TYR B 357 -24.84 -2.44 -14.26
C TYR B 357 -25.66 -2.99 -13.10
N SER B 358 -25.19 -4.10 -12.53
CA SER B 358 -25.86 -4.71 -11.39
C SER B 358 -26.08 -3.72 -10.26
N MET B 359 -25.11 -2.83 -10.00
CA MET B 359 -25.31 -1.85 -8.93
C MET B 359 -26.24 -0.72 -9.36
N PHE B 360 -26.19 -0.32 -10.65
CA PHE B 360 -27.10 0.73 -11.10
C PHE B 360 -28.52 0.16 -10.94
N ASP B 361 -28.69 -1.05 -11.43
CA ASP B 361 -29.99 -1.73 -11.38
C ASP B 361 -30.57 -1.91 -9.96
N LEU B 362 -29.72 -2.36 -9.04
CA LEU B 362 -30.16 -2.54 -7.66
C LEU B 362 -30.47 -1.19 -7.02
N ALA B 363 -29.57 -0.25 -7.20
CA ALA B 363 -29.76 1.05 -6.60
C ALA B 363 -30.97 1.81 -7.18
N TYR B 364 -31.20 1.69 -8.48
CA TYR B 364 -32.34 2.41 -9.09
C TYR B 364 -33.63 1.88 -8.45
N GLY B 365 -33.74 0.55 -8.38
CA GLY B 365 -34.89 -0.08 -7.77
C GLY B 365 -34.99 0.32 -6.31
N TYR B 366 -33.86 0.25 -5.61
CA TYR B 366 -33.86 0.61 -4.21
C TYR B 366 -34.30 2.06 -4.04
N ALA B 367 -33.96 2.93 -5.00
CA ALA B 367 -34.38 4.33 -4.84
C ALA B 367 -35.92 4.44 -4.91
N GLN B 368 -36.54 3.55 -5.67
CA GLN B 368 -37.99 3.62 -5.82
C GLN B 368 -38.83 2.82 -4.81
N ASN B 369 -38.39 1.61 -4.48
CA ASN B 369 -39.11 0.69 -3.59
C ASN B 369 -38.40 0.22 -2.32
N GLN B 370 -37.25 0.79 -1.99
CA GLN B 370 -36.49 0.35 -0.82
C GLN B 370 -36.31 -1.17 -0.75
N MET B 371 -36.68 -1.79 0.37
CA MET B 371 -36.43 -3.23 0.44
C MET B 371 -36.98 -4.14 -0.64
N SER B 372 -38.11 -3.81 -1.27
CA SER B 372 -38.60 -4.72 -2.32
C SER B 372 -37.52 -5.00 -3.39
N ALA B 373 -36.79 -3.97 -3.80
CA ALA B 373 -35.75 -4.16 -4.83
C ALA B 373 -34.63 -5.08 -4.34
N TYR B 374 -34.22 -4.94 -3.08
CA TYR B 374 -33.16 -5.85 -2.65
C TYR B 374 -33.65 -7.26 -2.50
N VAL B 375 -34.88 -7.41 -1.98
CA VAL B 375 -35.44 -8.76 -1.84
C VAL B 375 -35.47 -9.48 -3.19
N GLU B 376 -35.81 -8.77 -4.27
CA GLU B 376 -35.82 -9.38 -5.61
C GLU B 376 -34.47 -9.98 -5.94
N LEU B 377 -33.41 -9.32 -5.49
CA LEU B 377 -32.07 -9.83 -5.78
C LEU B 377 -31.80 -11.07 -4.92
N GLN B 378 -32.12 -10.98 -3.63
CA GLN B 378 -31.88 -12.10 -2.74
C GLN B 378 -32.63 -13.35 -3.24
N GLU B 379 -33.83 -13.14 -3.78
CA GLU B 379 -34.59 -14.27 -4.28
C GLU B 379 -33.92 -14.82 -5.52
N ARG B 380 -33.39 -13.92 -6.34
CA ARG B 380 -32.70 -14.37 -7.54
C ARG B 380 -31.50 -15.22 -7.13
N GLU B 381 -30.82 -14.79 -6.05
CA GLU B 381 -29.68 -15.55 -5.56
C GLU B 381 -30.14 -16.93 -5.11
N PHE B 382 -31.20 -16.95 -4.32
CA PHE B 382 -31.72 -18.24 -3.88
C PHE B 382 -32.01 -19.14 -5.08
N ALA B 383 -32.71 -18.58 -6.07
CA ALA B 383 -33.07 -19.35 -7.25
C ALA B 383 -31.85 -19.85 -8.00
N ALA B 384 -30.74 -19.11 -7.92
CA ALA B 384 -29.53 -19.50 -8.63
C ALA B 384 -28.80 -20.65 -7.96
N GLU B 385 -29.21 -21.00 -6.75
CA GLU B 385 -28.55 -22.09 -6.04
C GLU B 385 -28.62 -23.39 -6.81
N GLU B 386 -29.74 -23.61 -7.53
CA GLU B 386 -29.87 -24.83 -8.30
C GLU B 386 -28.85 -24.85 -9.42
N ARG B 387 -28.33 -23.67 -9.77
CA ARG B 387 -27.33 -23.54 -10.81
C ARG B 387 -25.88 -23.68 -10.29
N GLY B 388 -25.71 -23.72 -8.96
CA GLY B 388 -24.38 -23.86 -8.38
C GLY B 388 -23.93 -22.66 -7.56
N TYR B 389 -24.69 -21.56 -7.61
CA TYR B 389 -24.36 -20.34 -6.86
C TYR B 389 -24.38 -20.58 -5.37
N THR B 390 -23.35 -20.13 -4.66
CA THR B 390 -23.26 -20.36 -3.21
C THR B 390 -23.16 -19.11 -2.32
N ALA B 391 -22.93 -17.96 -2.93
CA ALA B 391 -22.75 -16.72 -2.15
C ALA B 391 -23.96 -16.16 -1.41
N THR B 392 -25.16 -16.72 -1.56
CA THR B 392 -26.26 -16.17 -0.79
C THR B 392 -25.95 -16.37 0.70
N LYS B 393 -25.23 -17.46 1.02
CA LYS B 393 -24.81 -17.72 2.40
C LYS B 393 -23.42 -17.09 2.42
N HIS B 394 -23.43 -15.79 2.61
CA HIS B 394 -22.20 -15.05 2.55
C HIS B 394 -21.13 -15.31 3.64
N GLN B 395 -21.53 -15.69 4.87
CA GLN B 395 -20.53 -15.89 5.95
C GLN B 395 -19.59 -17.02 5.54
N ARG B 396 -20.15 -18.17 5.19
CA ARG B 396 -19.30 -19.27 4.77
C ARG B 396 -18.55 -18.95 3.50
N GLU B 397 -19.14 -18.12 2.65
CA GLU B 397 -18.54 -17.80 1.35
C GLU B 397 -17.22 -17.08 1.54
N VAL B 398 -17.15 -16.24 2.57
CA VAL B 398 -15.91 -15.49 2.82
C VAL B 398 -14.99 -16.17 3.84
N GLY B 399 -15.36 -17.40 4.25
CA GLY B 399 -14.50 -18.17 5.16
C GLY B 399 -14.84 -18.25 6.64
N ALA B 400 -16.05 -17.84 7.04
CA ALA B 400 -16.44 -17.91 8.47
C ALA B 400 -16.25 -19.33 9.01
N GLY B 401 -16.57 -20.32 8.17
CA GLY B 401 -16.40 -21.68 8.62
C GLY B 401 -14.96 -22.12 8.64
N TYR B 402 -14.14 -21.57 7.74
CA TYR B 402 -12.74 -21.93 7.70
C TYR B 402 -12.01 -21.30 8.91
N PHE B 403 -12.34 -20.06 9.23
CA PHE B 403 -11.68 -19.50 10.38
C PHE B 403 -12.18 -20.16 11.67
N ASP B 404 -13.44 -20.64 11.67
CA ASP B 404 -13.93 -21.32 12.86
C ASP B 404 -13.07 -22.55 13.06
N ARG B 405 -12.72 -23.19 11.96
CA ARG B 405 -11.88 -24.40 12.04
C ARG B 405 -10.52 -24.02 12.59
N ILE B 406 -9.98 -22.90 12.17
CA ILE B 406 -8.68 -22.50 12.74
C ILE B 406 -8.86 -22.25 14.22
N ALA B 407 -9.89 -21.50 14.60
CA ALA B 407 -10.11 -21.21 15.99
C ALA B 407 -10.20 -22.47 16.87
N THR B 408 -10.97 -23.45 16.42
CA THR B 408 -11.11 -24.66 17.25
C THR B 408 -9.94 -25.59 17.19
N THR B 409 -9.04 -25.38 16.23
CA THR B 409 -7.86 -26.20 16.15
C THR B 409 -6.93 -25.65 17.23
N VAL B 410 -6.94 -24.33 17.37
CA VAL B 410 -6.10 -23.71 18.38
C VAL B 410 -6.68 -23.96 19.75
N ASP B 411 -7.98 -23.76 19.90
CA ASP B 411 -8.67 -23.94 21.18
C ASP B 411 -10.05 -24.59 20.96
N PRO B 412 -10.12 -25.93 21.02
CA PRO B 412 -11.42 -26.59 20.82
C PRO B 412 -12.58 -26.05 21.68
N ASN B 413 -12.26 -25.47 22.84
CA ASN B 413 -13.28 -24.97 23.75
C ASN B 413 -13.61 -23.51 23.57
N SER B 414 -13.14 -22.91 22.50
CA SER B 414 -13.42 -21.48 22.32
C SER B 414 -14.91 -21.22 22.36
N SER B 415 -15.30 -20.18 23.11
CA SER B 415 -16.71 -19.78 23.22
C SER B 415 -16.99 -18.61 22.28
N THR B 416 -16.05 -18.30 21.38
CA THR B 416 -16.24 -17.18 20.49
C THR B 416 -16.15 -17.52 19.02
N THR B 417 -16.60 -18.72 18.64
CA THR B 417 -16.58 -19.08 17.22
C THR B 417 -17.76 -18.38 16.58
N ALA B 418 -17.77 -18.33 15.24
CA ALA B 418 -18.76 -17.56 14.51
C ALA B 418 -20.05 -18.15 13.94
N LEU B 419 -19.94 -19.31 13.30
CA LEU B 419 -21.15 -19.82 12.65
C LEU B 419 -22.22 -20.33 13.60
N THR B 420 -21.82 -20.86 14.74
CA THR B 420 -22.81 -21.38 15.69
C THR B 420 -23.63 -20.23 16.28
N GLY B 421 -24.95 -20.30 16.11
CA GLY B 421 -25.80 -19.24 16.63
C GLY B 421 -25.96 -18.08 15.65
N SER B 422 -25.44 -18.22 14.44
CA SER B 422 -25.56 -17.13 13.47
C SER B 422 -26.89 -17.17 12.74
N THR B 423 -27.32 -16.03 12.21
CA THR B 423 -28.57 -16.01 11.48
C THR B 423 -28.40 -16.83 10.21
N GLU B 424 -27.15 -17.02 9.76
CA GLU B 424 -26.94 -17.81 8.56
C GLU B 424 -27.34 -19.25 8.83
N GLU B 425 -26.91 -19.75 9.99
CA GLU B 425 -27.23 -21.11 10.35
C GLU B 425 -28.72 -21.23 10.66
N GLY B 426 -29.33 -20.16 11.17
CA GLY B 426 -30.72 -20.21 11.53
C GLY B 426 -31.77 -19.77 10.53
N GLN B 427 -31.38 -19.13 9.43
CA GLN B 427 -32.34 -18.63 8.44
C GLN B 427 -32.11 -19.03 6.97
N PHE B 428 -30.98 -19.65 6.69
CA PHE B 428 -30.68 -20.05 5.34
C PHE B 428 -30.66 -21.57 5.33
N ALA C 2 -5.69 -29.20 -13.42
CA ALA C 2 -5.01 -29.80 -12.22
C ALA C 2 -3.54 -30.07 -12.51
N SER C 3 -2.72 -30.07 -11.45
CA SER C 3 -1.26 -30.29 -11.54
C SER C 3 -0.76 -30.95 -10.24
N VAL C 4 0.50 -31.39 -10.20
CA VAL C 4 1.01 -31.98 -8.97
C VAL C 4 1.68 -30.91 -8.13
N VAL C 5 2.02 -29.79 -8.77
CA VAL C 5 2.74 -28.70 -8.10
C VAL C 5 2.02 -28.22 -6.84
N GLY C 6 2.75 -28.20 -5.73
CA GLY C 6 2.16 -27.77 -4.47
C GLY C 6 1.20 -28.72 -3.77
N THR C 7 1.16 -29.99 -4.14
CA THR C 7 0.24 -30.91 -3.46
C THR C 7 0.62 -31.07 -1.98
N PRO C 8 -0.36 -31.00 -1.09
CA PRO C 8 -0.12 -31.13 0.36
C PRO C 8 0.42 -32.49 0.77
N LYS C 9 1.18 -32.52 1.85
CA LYS C 9 1.72 -33.77 2.41
C LYS C 9 0.59 -34.49 3.08
N SER C 10 0.76 -35.78 3.35
CA SER C 10 -0.30 -36.51 4.03
C SER C 10 -0.13 -36.28 5.52
N ALA C 11 -1.21 -36.42 6.28
CA ALA C 11 -1.13 -36.27 7.73
C ALA C 11 -0.04 -37.22 8.25
N GLU C 12 0.03 -38.43 7.69
CA GLU C 12 1.03 -39.39 8.10
C GLU C 12 2.45 -38.85 7.95
N GLN C 13 2.73 -38.21 6.82
CA GLN C 13 4.08 -37.66 6.58
C GLN C 13 4.45 -36.58 7.59
N ILE C 14 3.46 -35.76 7.92
CA ILE C 14 3.67 -34.68 8.86
C ILE C 14 3.93 -35.26 10.24
N GLN C 15 3.09 -36.21 10.63
CA GLN C 15 3.23 -36.84 11.94
C GLN C 15 4.63 -37.40 12.05
N GLN C 16 5.06 -38.09 11.00
CA GLN C 16 6.39 -38.66 10.97
C GLN C 16 7.46 -37.62 11.21
N GLU C 17 7.30 -36.44 10.61
CA GLU C 17 8.30 -35.39 10.78
C GLU C 17 8.33 -34.94 12.23
N TRP C 18 7.16 -34.75 12.83
CA TRP C 18 7.10 -34.33 14.22
C TRP C 18 7.70 -35.41 15.12
N ASP C 19 7.56 -36.66 14.71
CA ASP C 19 8.08 -37.79 15.47
C ASP C 19 9.58 -38.03 15.38
N THR C 20 10.19 -37.69 14.26
CA THR C 20 11.62 -37.99 14.08
C THR C 20 12.59 -36.86 13.93
N ASN C 21 12.12 -35.72 13.43
CA ASN C 21 13.01 -34.58 13.26
C ASN C 21 13.33 -33.96 14.62
N PRO C 22 14.63 -33.87 14.98
CA PRO C 22 15.10 -33.30 16.25
C PRO C 22 14.61 -31.87 16.44
N ARG C 23 14.28 -31.25 15.32
CA ARG C 23 13.78 -29.89 15.34
C ARG C 23 12.59 -29.81 16.30
N TRP C 24 11.75 -30.82 16.27
CA TRP C 24 10.53 -30.87 17.08
C TRP C 24 10.67 -31.61 18.38
N LYS C 25 11.91 -31.82 18.83
CA LYS C 25 12.20 -32.55 20.05
C LYS C 25 11.42 -32.10 21.27
N ASP C 26 11.49 -30.81 21.60
CA ASP C 26 10.80 -30.36 22.81
C ASP C 26 9.54 -29.53 22.54
N VAL C 27 8.98 -29.72 21.36
CA VAL C 27 7.79 -29.00 20.94
C VAL C 27 6.44 -29.69 21.13
N THR C 28 5.58 -29.09 21.95
CA THR C 28 4.25 -29.64 22.17
C THR C 28 3.25 -29.00 21.19
N ARG C 29 2.44 -29.83 20.54
CA ARG C 29 1.42 -29.33 19.64
C ARG C 29 0.12 -29.96 20.14
N THR C 30 -0.77 -29.12 20.65
CA THR C 30 -2.03 -29.62 21.14
C THR C 30 -3.05 -29.99 20.07
N TYR C 31 -2.72 -29.77 18.79
CA TYR C 31 -3.61 -30.16 17.69
C TYR C 31 -2.97 -31.32 16.91
N SER C 32 -3.71 -31.92 15.98
CA SER C 32 -3.22 -33.08 15.20
C SER C 32 -2.68 -32.74 13.80
N ALA C 33 -2.01 -33.71 13.19
CA ALA C 33 -1.47 -33.52 11.86
C ALA C 33 -2.65 -33.43 10.91
N GLU C 34 -3.66 -34.26 11.15
CA GLU C 34 -4.86 -34.24 10.33
C GLU C 34 -5.46 -32.82 10.40
N ASP C 35 -5.35 -32.19 11.56
CA ASP C 35 -5.88 -30.83 11.69
C ASP C 35 -5.10 -29.85 10.80
N VAL C 36 -3.80 -30.06 10.67
CA VAL C 36 -2.98 -29.20 9.82
C VAL C 36 -3.39 -29.37 8.36
N VAL C 37 -3.48 -30.63 7.92
CA VAL C 37 -3.86 -30.93 6.55
C VAL C 37 -5.24 -30.44 6.17
N ALA C 38 -6.18 -30.48 7.10
CA ALA C 38 -7.53 -30.00 6.80
C ALA C 38 -7.58 -28.54 6.39
N LEU C 39 -6.61 -27.75 6.89
CA LEU C 39 -6.57 -26.31 6.63
C LEU C 39 -5.72 -25.89 5.42
N GLN C 40 -5.03 -26.85 4.78
CA GLN C 40 -4.18 -26.52 3.63
C GLN C 40 -4.81 -26.50 2.24
N GLY C 41 -6.09 -26.79 2.12
CA GLY C 41 -6.67 -26.77 0.79
C GLY C 41 -5.94 -27.79 -0.07
N SER C 42 -5.99 -27.61 -1.40
CA SER C 42 -5.34 -28.61 -2.25
C SER C 42 -4.01 -28.21 -2.82
N VAL C 43 -3.55 -27.03 -2.45
CA VAL C 43 -2.26 -26.56 -2.92
C VAL C 43 -1.59 -25.80 -1.78
N VAL C 44 -0.31 -26.06 -1.55
CA VAL C 44 0.45 -25.42 -0.48
C VAL C 44 1.57 -24.60 -1.10
N GLU C 45 1.52 -23.26 -0.95
CA GLU C 45 2.59 -22.45 -1.53
C GLU C 45 3.90 -22.69 -0.82
N GLU C 46 5.01 -22.70 -1.57
CA GLU C 46 6.33 -22.87 -0.99
C GLU C 46 6.77 -21.49 -0.54
N HIS C 47 7.41 -21.42 0.61
CA HIS C 47 7.90 -20.15 1.13
C HIS C 47 9.41 -20.33 1.32
N THR C 48 10.13 -20.29 0.21
CA THR C 48 11.57 -20.47 0.19
C THR C 48 12.38 -19.73 1.25
N LEU C 49 12.24 -18.40 1.31
CA LEU C 49 12.99 -17.61 2.27
C LEU C 49 12.67 -17.91 3.73
N ALA C 50 11.40 -18.08 4.04
CA ALA C 50 10.97 -18.42 5.37
C ALA C 50 11.57 -19.80 5.73
N ARG C 51 11.52 -20.75 4.80
CA ARG C 51 12.05 -22.09 5.11
C ARG C 51 13.54 -22.01 5.35
N ARG C 52 14.25 -21.46 4.38
CA ARG C 52 15.69 -21.33 4.48
C ARG C 52 16.09 -20.57 5.70
N GLY C 53 15.50 -19.39 5.90
CA GLY C 53 15.86 -18.61 7.06
C GLY C 53 15.62 -19.32 8.38
N ALA C 54 14.47 -20.01 8.50
CA ALA C 54 14.17 -20.73 9.75
C ALA C 54 15.19 -21.86 9.97
N GLU C 55 15.50 -22.60 8.92
CA GLU C 55 16.46 -23.69 9.07
C GLU C 55 17.78 -23.07 9.47
N VAL C 56 18.22 -22.06 8.75
CA VAL C 56 19.53 -21.44 9.06
C VAL C 56 19.64 -20.93 10.49
N LEU C 57 18.61 -20.22 10.94
CA LEU C 57 18.59 -19.67 12.28
C LEU C 57 18.64 -20.75 13.35
N TRP C 58 17.96 -21.87 13.10
CA TRP C 58 17.94 -22.97 14.06
C TRP C 58 19.38 -23.52 14.17
N GLU C 59 20.01 -23.78 13.01
CA GLU C 59 21.39 -24.29 13.01
C GLU C 59 22.30 -23.33 13.76
N GLN C 60 22.24 -22.05 13.41
CA GLN C 60 23.08 -21.04 14.05
C GLN C 60 22.93 -21.02 15.56
N LEU C 61 21.70 -21.15 16.02
CA LEU C 61 21.44 -21.11 17.45
C LEU C 61 22.15 -22.27 18.18
N HIS C 62 22.42 -23.36 17.45
CA HIS C 62 23.09 -24.54 18.01
C HIS C 62 24.58 -24.64 17.64
N ASP C 63 25.01 -23.91 16.61
CA ASP C 63 26.39 -23.94 16.17
C ASP C 63 27.27 -22.79 16.65
N LEU C 64 26.68 -21.64 16.91
CA LEU C 64 27.45 -20.47 17.35
C LEU C 64 27.36 -20.33 18.86
N GLU C 65 28.33 -19.62 19.44
CA GLU C 65 28.32 -19.43 20.88
C GLU C 65 26.99 -18.78 21.21
N TRP C 66 26.60 -17.86 20.34
CA TRP C 66 25.30 -17.17 20.42
C TRP C 66 25.08 -16.36 19.14
N VAL C 67 23.82 -16.08 18.85
CA VAL C 67 23.44 -15.32 17.66
C VAL C 67 23.05 -13.91 18.10
N ASN C 68 23.69 -12.86 17.59
CA ASN C 68 23.25 -11.54 17.96
C ASN C 68 22.78 -10.74 16.75
N ALA C 69 22.13 -9.62 17.04
CA ALA C 69 21.57 -8.79 15.97
C ALA C 69 21.26 -7.37 16.44
N LEU C 70 20.94 -6.54 15.46
CA LEU C 70 20.59 -5.13 15.67
C LEU C 70 19.26 -4.88 14.93
N GLY C 71 18.44 -3.98 15.48
CA GLY C 71 17.15 -3.66 14.86
C GLY C 71 17.34 -2.95 13.52
N ALA C 72 16.70 -3.47 12.46
CA ALA C 72 16.79 -2.86 11.14
C ALA C 72 15.40 -2.38 10.75
N LEU C 73 15.30 -1.12 10.30
CA LEU C 73 14.01 -0.61 9.87
C LEU C 73 13.98 -0.27 8.38
N THR C 74 15.13 -0.35 7.68
CA THR C 74 15.14 -0.19 6.22
C THR C 74 15.95 -1.35 5.66
N GLY C 75 15.80 -1.63 4.37
CA GLY C 75 16.51 -2.73 3.77
C GLY C 75 18.01 -2.43 3.75
N ASN C 76 18.35 -1.18 3.48
CA ASN C 76 19.77 -0.81 3.43
C ASN C 76 20.45 -1.09 4.81
N MET C 77 19.76 -0.85 5.92
CA MET C 77 20.35 -1.14 7.23
C MET C 77 20.69 -2.63 7.37
N ALA C 78 19.78 -3.48 6.93
CA ALA C 78 19.99 -4.91 7.01
C ALA C 78 21.20 -5.27 6.15
N VAL C 79 21.29 -4.68 4.95
CA VAL C 79 22.43 -4.94 4.08
C VAL C 79 23.74 -4.61 4.81
N GLN C 80 23.81 -3.44 5.41
CA GLN C 80 25.03 -3.04 6.13
C GLN C 80 25.36 -3.97 7.30
N GLN C 81 24.33 -4.37 8.05
CA GLN C 81 24.51 -5.27 9.18
C GLN C 81 25.16 -6.55 8.68
N VAL C 82 24.76 -7.01 7.50
CA VAL C 82 25.30 -8.24 6.96
C VAL C 82 26.69 -8.03 6.36
N ARG C 83 26.88 -6.91 5.66
CA ARG C 83 28.20 -6.64 5.09
C ARG C 83 29.20 -6.53 6.24
N ALA C 84 28.75 -5.97 7.36
CA ALA C 84 29.62 -5.80 8.51
C ALA C 84 29.88 -7.05 9.35
N GLY C 85 29.37 -8.21 8.94
CA GLY C 85 29.62 -9.43 9.69
C GLY C 85 28.53 -10.11 10.51
N LEU C 86 27.37 -9.48 10.67
CA LEU C 86 26.30 -10.08 11.46
C LEU C 86 25.62 -11.22 10.72
N LYS C 87 25.08 -12.14 11.49
CA LYS C 87 24.48 -13.30 10.87
C LYS C 87 22.98 -13.43 11.07
N ALA C 88 22.39 -12.44 11.73
CA ALA C 88 20.92 -12.43 11.95
C ALA C 88 20.42 -10.99 11.94
N ILE C 89 19.15 -10.79 11.60
CA ILE C 89 18.58 -9.44 11.62
C ILE C 89 17.39 -9.39 12.57
N TYR C 90 17.31 -8.33 13.36
CA TYR C 90 16.17 -8.12 14.26
C TYR C 90 15.24 -7.03 13.67
N LEU C 91 13.94 -7.32 13.60
CA LEU C 91 12.95 -6.38 13.06
C LEU C 91 12.03 -5.99 14.20
N SER C 92 12.31 -4.80 14.73
CA SER C 92 11.64 -4.16 15.84
C SER C 92 10.29 -3.55 15.50
N GLY C 93 9.27 -3.87 16.31
CA GLY C 93 7.94 -3.30 16.12
C GLY C 93 7.97 -1.84 16.56
N TRP C 94 8.82 -1.55 17.55
CA TRP C 94 8.96 -0.20 18.08
C TRP C 94 9.50 0.69 16.97
N GLN C 95 10.51 0.24 16.23
CA GLN C 95 11.05 1.09 15.14
C GLN C 95 10.04 1.29 13.97
N VAL C 96 9.25 0.27 13.71
CA VAL C 96 8.21 0.31 12.69
C VAL C 96 7.17 1.34 13.15
N ALA C 97 6.79 1.31 14.42
CA ALA C 97 5.78 2.27 14.91
C ALA C 97 6.33 3.70 14.74
N GLY C 98 7.61 3.85 15.09
CA GLY C 98 8.21 5.15 15.01
C GLY C 98 8.61 5.70 13.66
N ASP C 99 8.96 4.84 12.70
CA ASP C 99 9.45 5.43 11.45
C ASP C 99 9.29 4.56 10.20
N ALA C 100 8.55 3.45 10.30
CA ALA C 100 8.38 2.59 9.13
C ALA C 100 7.07 1.76 9.10
N ASN C 101 5.94 2.40 9.32
CA ASN C 101 4.69 1.63 9.28
C ASN C 101 3.75 2.12 8.19
N LEU C 102 2.82 1.24 7.79
CA LEU C 102 1.88 1.51 6.68
C LEU C 102 0.87 2.68 6.84
N SER C 103 0.70 3.21 8.04
CA SER C 103 -0.20 4.35 8.20
C SER C 103 0.50 5.65 7.77
N GLY C 104 1.83 5.62 7.69
CA GLY C 104 2.61 6.81 7.35
C GLY C 104 2.88 7.70 8.57
N HIS C 105 2.31 7.33 9.70
CA HIS C 105 2.46 8.09 10.94
C HIS C 105 3.56 7.65 11.91
N THR C 106 3.99 8.61 12.72
CA THR C 106 4.95 8.38 13.78
C THR C 106 4.15 7.98 15.02
N TYR C 107 4.44 6.80 15.60
CA TYR C 107 3.72 6.36 16.79
C TYR C 107 4.59 5.82 17.89
N PRO C 108 4.08 5.89 19.13
CA PRO C 108 4.80 5.36 20.29
C PRO C 108 4.49 3.83 20.16
N ASP C 109 5.20 2.99 20.90
CA ASP C 109 5.07 1.53 20.83
C ASP C 109 3.82 1.00 21.54
N GLN C 110 2.66 1.11 20.91
CA GLN C 110 1.40 0.70 21.53
C GLN C 110 0.47 -0.03 20.54
N SER C 111 1.05 -0.80 19.62
CA SER C 111 0.25 -1.51 18.62
C SER C 111 -0.78 -0.63 17.95
N LEU C 112 -0.35 0.57 17.51
CA LEU C 112 -1.25 1.52 16.84
C LEU C 112 -1.23 1.40 15.31
N TYR C 113 -0.15 0.89 14.74
CA TYR C 113 -0.01 0.82 13.29
C TYR C 113 -0.75 -0.37 12.68
N PRO C 114 -1.00 -0.34 11.36
CA PRO C 114 -1.72 -1.45 10.70
C PRO C 114 -0.94 -2.75 10.87
N ALA C 115 -1.65 -3.81 11.22
CA ALA C 115 -1.02 -5.10 11.49
C ALA C 115 -0.19 -5.75 10.41
N ASN C 116 -0.24 -5.28 9.16
CA ASN C 116 0.59 -5.90 8.12
C ASN C 116 1.89 -5.08 7.92
N SER C 117 2.17 -4.20 8.88
CA SER C 117 3.37 -3.36 8.74
C SER C 117 4.69 -4.09 8.88
N VAL C 118 4.80 -4.94 9.89
CA VAL C 118 6.06 -5.67 10.07
C VAL C 118 6.29 -6.61 8.88
N PRO C 119 5.26 -7.37 8.44
CA PRO C 119 5.47 -8.28 7.28
C PRO C 119 6.04 -7.53 6.07
N GLN C 120 5.51 -6.35 5.79
CA GLN C 120 6.01 -5.61 4.65
C GLN C 120 7.48 -5.21 4.89
N VAL C 121 7.88 -4.95 6.12
CA VAL C 121 9.29 -4.58 6.35
C VAL C 121 10.16 -5.85 6.24
N VAL C 122 9.56 -7.00 6.59
CA VAL C 122 10.29 -8.24 6.47
C VAL C 122 10.54 -8.51 4.99
N ARG C 123 9.53 -8.26 4.15
CA ARG C 123 9.68 -8.51 2.72
C ARG C 123 10.72 -7.55 2.13
N ARG C 124 10.72 -6.31 2.63
CA ARG C 124 11.65 -5.27 2.18
C ARG C 124 13.09 -5.66 2.45
N ILE C 125 13.34 -6.14 3.65
CA ILE C 125 14.68 -6.53 4.07
C ILE C 125 15.19 -7.70 3.24
N ASN C 126 14.34 -8.69 3.02
CA ASN C 126 14.72 -9.81 2.20
C ASN C 126 15.01 -9.34 0.78
N ASN C 127 14.17 -8.43 0.26
CA ASN C 127 14.41 -7.91 -1.09
C ASN C 127 15.77 -7.24 -1.21
N ALA C 128 16.10 -6.47 -0.17
CA ALA C 128 17.36 -5.73 -0.16
C ALA C 128 18.55 -6.70 -0.07
N LEU C 129 18.42 -7.70 0.79
CA LEU C 129 19.47 -8.68 0.96
C LEU C 129 19.60 -9.47 -0.35
N GLN C 130 18.48 -9.71 -1.01
CA GLN C 130 18.54 -10.41 -2.28
C GLN C 130 19.29 -9.59 -3.33
N ARG C 131 19.07 -8.27 -3.33
CA ARG C 131 19.73 -7.39 -4.29
C ARG C 131 21.26 -7.51 -4.04
N ALA C 132 21.67 -7.48 -2.76
CA ALA C 132 23.10 -7.59 -2.43
C ALA C 132 23.66 -8.95 -2.83
N ASP C 133 22.88 -10.01 -2.66
CA ASP C 133 23.32 -11.36 -3.05
C ASP C 133 23.51 -11.36 -4.58
N GLN C 134 22.57 -10.75 -5.31
CA GLN C 134 22.66 -10.68 -6.79
C GLN C 134 23.90 -9.92 -7.28
N ILE C 135 24.19 -8.79 -6.65
CA ILE C 135 25.31 -7.94 -6.99
C ILE C 135 26.60 -8.68 -6.68
N ALA C 136 26.68 -9.25 -5.48
CA ALA C 136 27.88 -9.98 -5.08
C ALA C 136 28.23 -11.05 -6.11
N LYS C 137 27.21 -11.75 -6.59
CA LYS C 137 27.44 -12.82 -7.56
C LYS C 137 28.04 -12.30 -8.88
N ILE C 138 27.54 -11.17 -9.39
CA ILE C 138 28.08 -10.61 -10.66
C ILE C 138 29.44 -9.93 -10.47
N GLU C 139 29.72 -9.47 -9.25
CA GLU C 139 30.99 -8.84 -8.95
C GLU C 139 31.96 -9.94 -8.47
N GLY C 140 31.45 -11.16 -8.38
CA GLY C 140 32.26 -12.27 -7.89
C GLY C 140 32.84 -11.96 -6.52
N ASP C 141 32.00 -11.40 -5.65
CA ASP C 141 32.39 -11.06 -4.29
C ASP C 141 32.00 -12.20 -3.31
N THR C 142 33.02 -12.81 -2.69
CA THR C 142 32.79 -13.89 -1.73
C THR C 142 33.00 -13.33 -0.32
N SER C 143 33.05 -12.02 -0.21
CA SER C 143 33.22 -11.37 1.07
C SER C 143 32.18 -11.86 2.10
N VAL C 144 30.97 -12.18 1.64
CA VAL C 144 29.92 -12.64 2.55
C VAL C 144 29.42 -13.98 2.13
N GLU C 145 29.39 -14.91 3.07
CA GLU C 145 28.98 -16.26 2.76
C GLU C 145 27.47 -16.45 2.66
N ASN C 146 26.72 -15.70 3.46
CA ASN C 146 25.26 -15.83 3.42
C ASN C 146 24.63 -14.45 3.45
N TRP C 147 24.18 -13.96 2.30
CA TRP C 147 23.57 -12.64 2.30
C TRP C 147 22.18 -12.70 2.92
N LEU C 148 21.53 -13.84 2.74
CA LEU C 148 20.17 -14.02 3.27
C LEU C 148 20.17 -14.41 4.75
N ALA C 149 20.57 -13.49 5.60
CA ALA C 149 20.61 -13.73 7.01
C ALA C 149 19.20 -13.92 7.52
N PRO C 150 19.01 -14.79 8.53
CA PRO C 150 17.64 -14.97 9.02
C PRO C 150 17.16 -13.70 9.71
N ILE C 151 15.86 -13.42 9.55
CA ILE C 151 15.24 -12.24 10.15
C ILE C 151 14.35 -12.69 11.29
N VAL C 152 14.48 -12.07 12.45
CA VAL C 152 13.61 -12.41 13.58
C VAL C 152 12.69 -11.17 13.74
N ALA C 153 11.38 -11.36 13.60
CA ALA C 153 10.47 -10.20 13.67
C ALA C 153 9.52 -10.11 14.84
N ASP C 154 9.15 -8.88 15.14
CA ASP C 154 8.26 -8.55 16.24
C ASP C 154 6.77 -8.78 15.87
N GLY C 155 6.13 -9.72 16.57
CA GLY C 155 4.73 -10.04 16.36
C GLY C 155 3.90 -9.31 17.41
N GLU C 156 4.58 -8.57 18.28
CA GLU C 156 3.94 -7.82 19.37
C GLU C 156 2.98 -8.69 20.16
N ALA C 157 1.74 -8.21 20.35
CA ALA C 157 0.73 -8.95 21.08
C ALA C 157 -0.28 -9.58 20.11
N GLY C 158 0.06 -9.64 18.85
CA GLY C 158 -0.82 -10.27 17.88
C GLY C 158 -1.97 -9.45 17.32
N PHE C 159 -2.11 -8.21 17.75
CA PHE C 159 -3.15 -7.36 17.21
C PHE C 159 -4.56 -7.89 17.33
N GLY C 160 -4.81 -8.63 18.37
CA GLY C 160 -6.17 -9.13 18.52
C GLY C 160 -6.20 -10.47 19.21
N GLY C 161 -7.05 -11.35 18.69
CA GLY C 161 -7.19 -12.69 19.24
C GLY C 161 -6.32 -13.70 18.50
N ALA C 162 -6.55 -14.98 18.76
CA ALA C 162 -5.78 -16.01 18.14
C ALA C 162 -5.80 -15.94 16.61
N LEU C 163 -6.89 -15.45 16.00
CA LEU C 163 -6.98 -15.38 14.56
C LEU C 163 -6.11 -14.22 13.98
N ASN C 164 -5.94 -13.15 14.77
CA ASN C 164 -5.10 -12.03 14.33
C ASN C 164 -3.66 -12.51 14.40
N VAL C 165 -3.38 -13.32 15.41
CA VAL C 165 -2.05 -13.88 15.63
C VAL C 165 -1.75 -14.75 14.42
N TYR C 166 -2.67 -15.65 14.13
CA TYR C 166 -2.49 -16.56 13.02
C TYR C 166 -2.19 -15.83 11.69
N GLU C 167 -2.96 -14.80 11.39
CA GLU C 167 -2.76 -14.08 10.14
C GLU C 167 -1.44 -13.31 10.16
N LEU C 168 -1.07 -12.77 11.30
CA LEU C 168 0.20 -12.02 11.33
C LEU C 168 1.34 -12.98 11.08
N GLN C 169 1.31 -14.14 11.75
CA GLN C 169 2.35 -15.16 11.55
C GLN C 169 2.39 -15.61 10.10
N LYS C 170 1.22 -15.89 9.52
CA LYS C 170 1.13 -16.29 8.12
C LYS C 170 1.77 -15.23 7.20
N ALA C 171 1.43 -13.96 7.44
CA ALA C 171 1.98 -12.87 6.64
C ALA C 171 3.48 -12.73 6.85
N LEU C 172 3.97 -12.94 8.07
CA LEU C 172 5.42 -12.83 8.29
C LEU C 172 6.15 -13.94 7.49
N ILE C 173 5.58 -15.13 7.46
CA ILE C 173 6.17 -16.24 6.70
C ILE C 173 6.14 -15.97 5.19
N ALA C 174 5.01 -15.50 4.71
CA ALA C 174 4.92 -15.21 3.30
C ALA C 174 6.04 -14.22 2.89
N ALA C 175 6.39 -13.31 3.79
CA ALA C 175 7.38 -12.28 3.53
C ALA C 175 8.79 -12.83 3.69
N GLY C 176 8.87 -14.06 4.21
CA GLY C 176 10.16 -14.71 4.38
C GLY C 176 10.82 -14.62 5.75
N VAL C 177 10.03 -14.50 6.82
CA VAL C 177 10.63 -14.38 8.17
C VAL C 177 11.23 -15.73 8.63
N ALA C 178 12.19 -15.67 9.54
CA ALA C 178 12.84 -16.89 10.06
C ALA C 178 12.31 -17.23 11.45
N GLY C 179 12.04 -16.19 12.22
CA GLY C 179 11.53 -16.33 13.57
C GLY C 179 10.64 -15.15 13.95
N SER C 180 9.72 -15.38 14.89
CA SER C 180 8.80 -14.33 15.36
C SER C 180 8.55 -14.48 16.86
N HIS C 181 8.37 -13.35 17.52
CA HIS C 181 8.16 -13.30 18.96
C HIS C 181 6.81 -12.69 19.30
N TRP C 182 6.26 -13.20 20.40
CA TRP C 182 4.90 -12.89 20.84
C TRP C 182 4.86 -12.66 22.33
N GLU C 183 4.23 -11.58 22.75
CA GLU C 183 4.23 -11.25 24.17
C GLU C 183 2.88 -11.40 24.81
N ASP C 184 2.91 -11.62 26.13
CA ASP C 184 1.70 -11.87 26.91
C ASP C 184 0.95 -10.63 27.42
N GLN C 185 0.82 -9.65 26.54
CA GLN C 185 0.09 -8.43 26.87
C GLN C 185 -1.25 -8.38 26.12
N LEU C 186 -2.17 -7.56 26.64
CA LEU C 186 -3.46 -7.35 26.00
C LEU C 186 -3.15 -6.46 24.80
N ALA C 187 -3.46 -6.93 23.59
CA ALA C 187 -3.14 -6.17 22.36
C ALA C 187 -3.69 -4.71 22.38
N SER C 188 -4.92 -4.55 22.83
CA SER C 188 -5.51 -3.20 22.83
C SER C 188 -4.78 -2.23 23.79
N GLU C 189 -4.00 -2.76 24.71
CA GLU C 189 -3.26 -1.89 25.63
C GLU C 189 -1.76 -2.14 25.54
N LYS C 190 -1.31 -2.77 24.47
CA LYS C 190 0.09 -3.09 24.29
C LYS C 190 1.08 -1.95 24.52
N LYS C 191 2.26 -2.29 25.05
CA LYS C 191 3.34 -1.33 25.36
C LYS C 191 4.73 -1.89 25.10
N CYS C 192 5.66 -0.98 24.83
CA CYS C 192 7.06 -1.36 24.71
C CYS C 192 7.34 -1.94 26.11
N GLY C 193 8.22 -2.93 26.20
CA GLY C 193 8.50 -3.57 27.49
C GLY C 193 8.99 -2.62 28.58
N HIS C 194 9.48 -1.46 28.14
CA HIS C 194 10.02 -0.48 29.08
C HIS C 194 9.17 0.78 29.28
N LEU C 195 7.90 0.70 28.92
CA LEU C 195 6.97 1.80 29.18
C LEU C 195 6.06 1.26 30.28
N GLY C 196 5.33 2.16 30.95
CA GLY C 196 4.42 1.71 31.98
C GLY C 196 3.07 1.45 31.36
N GLY C 197 2.07 1.11 32.18
CA GLY C 197 0.74 0.88 31.66
C GLY C 197 0.51 -0.46 30.97
N LYS C 198 1.32 -1.47 31.31
CA LYS C 198 1.21 -2.80 30.70
C LYS C 198 0.15 -3.66 31.37
N VAL C 199 -0.63 -4.34 30.55
CA VAL C 199 -1.71 -5.21 31.02
C VAL C 199 -1.45 -6.61 30.45
N LEU C 200 -1.30 -7.57 31.35
CA LEU C 200 -1.06 -8.93 30.91
C LEU C 200 -2.36 -9.65 30.59
N ILE C 201 -2.25 -10.75 29.85
CA ILE C 201 -3.44 -11.58 29.59
C ILE C 201 -3.13 -12.91 30.33
N PRO C 202 -4.15 -13.72 30.60
CA PRO C 202 -3.99 -14.99 31.31
C PRO C 202 -2.94 -15.89 30.69
N THR C 203 -2.27 -16.68 31.53
CA THR C 203 -1.21 -17.55 31.05
C THR C 203 -1.71 -18.45 29.91
N GLN C 204 -2.92 -18.98 30.07
CA GLN C 204 -3.50 -19.85 29.04
C GLN C 204 -3.74 -19.08 27.74
N GLN C 205 -4.08 -17.79 27.85
CA GLN C 205 -4.33 -17.08 26.61
C GLN C 205 -3.01 -16.95 25.85
N HIS C 206 -1.91 -16.77 26.55
CA HIS C 206 -0.66 -16.64 25.80
C HIS C 206 -0.23 -17.98 25.18
N ILE C 207 -0.55 -19.06 25.87
CA ILE C 207 -0.30 -20.39 25.31
C ILE C 207 -1.13 -20.52 24.01
N ARG C 208 -2.35 -19.96 24.01
CA ARG C 208 -3.17 -20.00 22.81
C ARG C 208 -2.47 -19.24 21.69
N THR C 209 -1.86 -18.12 22.03
CA THR C 209 -1.16 -17.34 21.03
C THR C 209 0.03 -18.09 20.47
N LEU C 210 0.77 -18.73 21.35
CA LEU C 210 1.93 -19.45 20.88
C LEU C 210 1.50 -20.66 20.03
N THR C 211 0.39 -21.26 20.38
CA THR C 211 -0.15 -22.41 19.64
C THR C 211 -0.62 -21.95 18.24
N SER C 212 -1.30 -20.81 18.19
CA SER C 212 -1.77 -20.27 16.91
C SER C 212 -0.57 -19.96 16.00
N ALA C 213 0.50 -19.43 16.57
CA ALA C 213 1.68 -19.07 15.80
C ALA C 213 2.36 -20.33 15.25
N ARG C 214 2.35 -21.42 16.02
CA ARG C 214 2.91 -22.69 15.54
C ARG C 214 2.03 -23.26 14.47
N LEU C 215 0.70 -23.25 14.69
CA LEU C 215 -0.21 -23.77 13.68
C LEU C 215 -0.05 -23.05 12.32
N ALA C 216 0.02 -21.72 12.32
CA ALA C 216 0.19 -21.03 11.06
C ALA C 216 1.47 -21.46 10.35
N ALA C 217 2.55 -21.66 11.11
CA ALA C 217 3.80 -22.10 10.49
C ALA C 217 3.60 -23.53 9.97
N ASP C 218 2.95 -24.39 10.75
CA ASP C 218 2.73 -25.76 10.29
C ASP C 218 1.86 -25.79 9.02
N VAL C 219 0.77 -24.99 8.97
CA VAL C 219 -0.06 -24.94 7.76
C VAL C 219 0.74 -24.41 6.56
N ALA C 220 1.68 -23.49 6.82
CA ALA C 220 2.52 -22.89 5.79
C ALA C 220 3.71 -23.81 5.46
N ASP C 221 3.79 -24.92 6.18
CA ASP C 221 4.85 -25.92 5.96
C ASP C 221 6.29 -25.42 6.12
N VAL C 222 6.55 -24.66 7.17
CA VAL C 222 7.89 -24.15 7.42
C VAL C 222 8.15 -24.18 8.92
N PRO C 223 9.40 -24.50 9.31
CA PRO C 223 9.88 -24.62 10.69
C PRO C 223 10.22 -23.33 11.42
N THR C 224 9.35 -22.32 11.24
CA THR C 224 9.55 -21.01 11.85
C THR C 224 9.89 -21.08 13.35
N VAL C 225 10.89 -20.33 13.75
CA VAL C 225 11.29 -20.26 15.15
C VAL C 225 10.26 -19.41 15.89
N VAL C 226 9.63 -19.97 16.92
CA VAL C 226 8.60 -19.26 17.68
C VAL C 226 9.16 -18.84 19.03
N ILE C 227 9.17 -17.52 19.31
CA ILE C 227 9.71 -17.00 20.56
C ILE C 227 8.60 -16.43 21.45
N ALA C 228 8.65 -16.77 22.75
CA ALA C 228 7.66 -16.28 23.70
C ALA C 228 8.28 -15.24 24.60
N ARG C 229 7.60 -14.12 24.71
CA ARG C 229 8.06 -13.02 25.57
C ARG C 229 7.07 -12.83 26.68
N THR C 230 7.57 -12.56 27.88
CA THR C 230 6.68 -12.29 29.01
C THR C 230 7.00 -10.91 29.55
N ASP C 231 5.96 -10.17 29.88
CA ASP C 231 6.09 -8.82 30.35
C ASP C 231 5.73 -8.72 31.81
N ALA C 232 5.82 -9.82 32.53
CA ALA C 232 5.40 -9.83 33.93
C ALA C 232 6.37 -9.24 34.95
N GLU C 233 7.53 -8.78 34.51
CA GLU C 233 8.52 -8.23 35.41
C GLU C 233 8.02 -6.89 35.94
N ALA C 234 7.46 -6.09 35.05
CA ALA C 234 6.94 -4.77 35.40
C ALA C 234 5.44 -4.59 35.35
N ALA C 235 4.72 -5.39 34.55
CA ALA C 235 3.26 -5.19 34.50
C ALA C 235 2.59 -5.37 35.84
N THR C 236 1.68 -4.47 36.20
CA THR C 236 0.99 -4.66 37.47
C THR C 236 -0.53 -4.80 37.25
N LEU C 237 -0.92 -5.12 36.01
CA LEU C 237 -2.34 -5.32 35.68
C LEU C 237 -2.47 -6.58 34.83
N ILE C 238 -3.64 -7.23 34.91
CA ILE C 238 -3.94 -8.43 34.11
C ILE C 238 -5.44 -8.35 33.82
N THR C 239 -5.85 -8.84 32.66
CA THR C 239 -7.25 -8.76 32.26
C THR C 239 -8.23 -9.61 33.07
N SER C 240 -7.76 -10.76 33.54
CA SER C 240 -8.66 -11.67 34.23
C SER C 240 -7.91 -12.56 35.22
N ASP C 241 -8.64 -13.11 36.18
CA ASP C 241 -8.04 -14.00 37.16
C ASP C 241 -8.51 -15.43 36.97
N VAL C 242 -9.00 -15.75 35.77
CA VAL C 242 -9.50 -17.09 35.45
C VAL C 242 -8.44 -18.23 35.58
N ASP C 243 -7.21 -17.91 35.24
CA ASP C 243 -6.15 -18.92 35.25
C ASP C 243 -5.54 -19.18 36.63
N GLU C 244 -5.69 -20.39 37.14
CA GLU C 244 -5.15 -20.73 38.45
C GLU C 244 -3.64 -20.52 38.54
N ARG C 245 -2.93 -20.52 37.43
CA ARG C 245 -1.48 -20.29 37.49
C ARG C 245 -1.18 -18.81 37.73
N ASP C 246 -2.16 -17.97 37.45
CA ASP C 246 -1.98 -16.51 37.64
C ASP C 246 -2.50 -16.04 39.00
N GLN C 247 -3.49 -16.76 39.53
CA GLN C 247 -4.12 -16.39 40.77
C GLN C 247 -3.22 -16.12 41.98
N PRO C 248 -2.07 -16.81 42.09
CA PRO C 248 -1.24 -16.50 43.27
C PRO C 248 -0.69 -15.08 43.28
N PHE C 249 -0.76 -14.40 42.15
CA PHE C 249 -0.20 -13.06 42.07
C PHE C 249 -1.31 -12.00 42.04
N ILE C 250 -2.54 -12.44 41.84
CA ILE C 250 -3.67 -11.53 41.78
C ILE C 250 -4.00 -11.02 43.17
N THR C 251 -4.07 -9.70 43.32
CA THR C 251 -4.35 -9.15 44.64
C THR C 251 -5.83 -9.01 44.99
N GLY C 252 -6.72 -9.15 44.01
CA GLY C 252 -8.13 -8.97 44.32
C GLY C 252 -8.61 -7.56 44.00
N GLU C 253 -7.70 -6.59 44.04
CA GLU C 253 -8.00 -5.19 43.74
C GLU C 253 -8.21 -5.02 42.22
N ARG C 254 -9.21 -4.24 41.83
CA ARG C 254 -9.52 -3.97 40.43
C ARG C 254 -9.51 -2.47 40.11
N THR C 255 -9.20 -2.12 38.86
CA THR C 255 -9.21 -0.72 38.46
C THR C 255 -10.60 -0.43 37.95
N ARG C 256 -10.87 0.83 37.62
CA ARG C 256 -12.20 1.19 37.13
C ARG C 256 -12.49 0.57 35.75
N GLU C 257 -11.44 0.26 34.98
CA GLU C 257 -11.66 -0.34 33.67
C GLU C 257 -12.01 -1.80 33.84
N GLY C 258 -11.75 -2.34 35.02
CA GLY C 258 -12.03 -3.73 35.32
C GLY C 258 -10.79 -4.63 35.29
N PHE C 259 -9.60 -4.04 35.18
CA PHE C 259 -8.37 -4.84 35.15
C PHE C 259 -8.06 -5.26 36.58
N TYR C 260 -7.36 -6.37 36.72
CA TYR C 260 -6.97 -6.85 38.04
C TYR C 260 -5.53 -6.48 38.38
N ARG C 261 -5.30 -5.94 39.58
CA ARG C 261 -3.94 -5.65 39.97
C ARG C 261 -3.25 -7.02 40.24
N THR C 262 -1.97 -7.10 39.92
CA THR C 262 -1.20 -8.31 40.11
C THR C 262 0.24 -7.95 40.50
N LYS C 263 0.84 -8.74 41.38
CA LYS C 263 2.22 -8.53 41.83
C LYS C 263 3.27 -8.93 40.80
N ASN C 264 4.06 -7.95 40.37
CA ASN C 264 5.09 -8.11 39.34
C ASN C 264 6.43 -8.59 39.85
N GLY C 265 7.33 -8.98 38.95
CA GLY C 265 8.63 -9.43 39.36
C GLY C 265 9.16 -10.64 38.62
N ILE C 266 10.34 -11.08 39.02
CA ILE C 266 10.94 -12.22 38.36
C ILE C 266 10.17 -13.51 38.65
N GLU C 267 9.52 -13.58 39.81
CA GLU C 267 8.77 -14.77 40.17
C GLU C 267 7.64 -15.08 39.15
N PRO C 268 6.76 -14.12 38.88
CA PRO C 268 5.73 -14.53 37.91
C PRO C 268 6.30 -14.73 36.49
N CYS C 269 7.49 -14.21 36.21
CA CYS C 269 8.10 -14.39 34.90
C CYS C 269 8.62 -15.83 34.78
N ILE C 270 9.17 -16.34 35.89
CA ILE C 270 9.67 -17.71 35.90
C ILE C 270 8.47 -18.64 35.70
N ALA C 271 7.39 -18.36 36.42
CA ALA C 271 6.17 -19.17 36.32
C ALA C 271 5.62 -19.18 34.90
N ARG C 272 5.49 -18.01 34.29
CA ARG C 272 4.98 -17.92 32.91
C ARG C 272 5.96 -18.61 31.94
N ALA C 273 7.25 -18.36 32.08
CA ALA C 273 8.22 -19.00 31.20
C ALA C 273 8.12 -20.52 31.21
N LYS C 274 7.95 -21.11 32.40
CA LYS C 274 7.83 -22.55 32.54
C LYS C 274 6.57 -23.03 31.83
N ALA C 275 5.49 -22.25 31.97
CA ALA C 275 4.23 -22.60 31.32
C ALA C 275 4.38 -22.51 29.82
N TYR C 276 5.14 -21.52 29.34
CA TYR C 276 5.32 -21.34 27.89
C TYR C 276 6.37 -22.27 27.26
N ALA C 277 7.29 -22.78 28.06
CA ALA C 277 8.37 -23.59 27.50
C ALA C 277 8.02 -24.67 26.50
N PRO C 278 6.98 -25.49 26.75
CA PRO C 278 6.62 -26.54 25.79
C PRO C 278 6.16 -25.99 24.44
N PHE C 279 5.85 -24.69 24.41
CA PHE C 279 5.36 -24.06 23.19
C PHE C 279 6.29 -22.96 22.62
N ALA C 280 7.52 -22.90 23.11
CA ALA C 280 8.46 -21.87 22.67
C ALA C 280 9.88 -22.36 22.32
N ASP C 281 10.39 -22.01 21.14
CA ASP C 281 11.74 -22.40 20.79
C ASP C 281 12.74 -21.54 21.58
N LEU C 282 12.31 -20.33 21.96
CA LEU C 282 13.09 -19.43 22.78
C LEU C 282 12.18 -18.70 23.73
N ILE C 283 12.69 -18.36 24.91
CA ILE C 283 11.90 -17.61 25.88
C ILE C 283 12.64 -16.38 26.29
N TRP C 284 11.89 -15.28 26.45
CA TRP C 284 12.46 -13.99 26.79
C TRP C 284 11.67 -13.26 27.86
N MET C 285 12.34 -12.69 28.84
CA MET C 285 11.61 -11.93 29.84
C MET C 285 12.12 -10.49 29.78
N GLU C 286 11.21 -9.52 29.68
CA GLU C 286 11.64 -8.12 29.62
C GLU C 286 12.06 -7.75 31.05
N THR C 287 13.14 -6.98 31.19
CA THR C 287 13.62 -6.57 32.52
C THR C 287 13.79 -5.05 32.59
N GLY C 288 13.76 -4.52 33.82
CA GLY C 288 13.90 -3.08 33.99
C GLY C 288 15.33 -2.52 33.91
N THR C 289 16.34 -3.38 33.97
CA THR C 289 17.72 -2.93 33.91
C THR C 289 18.60 -4.03 33.32
N PRO C 290 19.77 -3.68 32.76
CA PRO C 290 20.61 -4.72 32.22
C PRO C 290 21.39 -5.34 33.41
N ASP C 291 20.80 -6.35 34.05
CA ASP C 291 21.38 -7.01 35.24
C ASP C 291 21.74 -8.48 34.99
N LEU C 292 23.04 -8.77 34.92
CA LEU C 292 23.51 -10.13 34.68
C LEU C 292 23.08 -11.09 35.79
N GLU C 293 22.94 -10.56 37.00
CA GLU C 293 22.55 -11.40 38.13
C GLU C 293 21.09 -11.87 37.95
N ALA C 294 20.20 -10.92 37.65
CA ALA C 294 18.79 -11.20 37.42
C ALA C 294 18.67 -12.13 36.22
N ALA C 295 19.49 -11.91 35.20
CA ALA C 295 19.45 -12.78 34.05
C ALA C 295 19.75 -14.20 34.49
N ARG C 296 20.80 -14.36 35.31
CA ARG C 296 21.20 -15.68 35.77
C ARG C 296 20.11 -16.33 36.61
N GLN C 297 19.45 -15.53 37.45
CA GLN C 297 18.37 -16.05 38.27
C GLN C 297 17.22 -16.64 37.43
N PHE C 298 16.82 -15.92 36.39
CA PHE C 298 15.76 -16.36 35.49
C PHE C 298 16.22 -17.61 34.74
N SER C 299 17.40 -17.52 34.14
CA SER C 299 17.96 -18.63 33.40
C SER C 299 18.04 -19.95 34.21
N GLU C 300 18.65 -19.89 35.38
CA GLU C 300 18.77 -21.09 36.24
C GLU C 300 17.40 -21.65 36.63
N ALA C 301 16.52 -20.76 37.05
CA ALA C 301 15.18 -21.17 37.41
C ALA C 301 14.49 -21.92 36.24
N VAL C 302 14.53 -21.36 35.03
CA VAL C 302 13.88 -22.05 33.91
C VAL C 302 14.54 -23.37 33.49
N LYS C 303 15.87 -23.36 33.41
CA LYS C 303 16.59 -24.56 32.99
C LYS C 303 16.49 -25.71 33.99
N ALA C 304 16.17 -25.39 35.25
CA ALA C 304 16.01 -26.40 36.29
C ALA C 304 14.93 -27.40 35.87
N GLU C 305 13.94 -26.92 35.13
CA GLU C 305 12.85 -27.76 34.65
C GLU C 305 12.97 -28.08 33.16
N TYR C 306 13.59 -27.20 32.39
CA TYR C 306 13.75 -27.41 30.96
C TYR C 306 15.19 -27.07 30.66
N PRO C 307 16.10 -28.00 30.96
CA PRO C 307 17.52 -27.79 30.73
C PRO C 307 17.94 -27.40 29.33
N ASP C 308 17.26 -27.90 28.29
CA ASP C 308 17.65 -27.55 26.92
C ASP C 308 16.97 -26.28 26.37
N GLN C 309 16.11 -25.65 27.16
CA GLN C 309 15.40 -24.44 26.74
C GLN C 309 16.32 -23.28 26.43
N MET C 310 16.26 -22.79 25.19
CA MET C 310 17.09 -21.65 24.80
C MET C 310 16.39 -20.37 25.22
N LEU C 311 17.18 -19.36 25.55
CA LEU C 311 16.63 -18.08 25.98
C LEU C 311 17.01 -16.93 25.04
N ALA C 312 16.31 -15.81 25.15
CA ALA C 312 16.60 -14.66 24.30
C ALA C 312 16.70 -13.46 25.23
N TYR C 313 17.53 -12.47 24.90
CA TYR C 313 17.68 -11.30 25.75
C TYR C 313 17.76 -9.97 24.97
N ASN C 314 16.98 -9.00 25.44
CA ASN C 314 16.90 -7.68 24.84
C ASN C 314 17.86 -6.68 25.48
N CYS C 315 18.97 -6.40 24.81
CA CYS C 315 19.93 -5.40 25.33
C CYS C 315 19.34 -4.09 24.83
N SER C 316 18.33 -3.62 25.54
CA SER C 316 17.58 -2.44 25.14
C SER C 316 18.20 -1.07 25.19
N PRO C 317 17.99 -0.27 24.13
CA PRO C 317 18.54 1.09 24.13
C PRO C 317 17.69 1.87 25.13
N SER C 318 16.64 1.23 25.65
CA SER C 318 15.76 1.87 26.63
C SER C 318 16.44 1.91 28.01
N PHE C 319 17.62 1.28 28.12
CA PHE C 319 18.38 1.33 29.37
C PHE C 319 19.46 2.40 29.23
N ASN C 320 19.80 3.09 30.32
CA ASN C 320 20.90 4.06 30.29
C ASN C 320 22.06 3.18 30.72
N TRP C 321 22.75 2.60 29.74
CA TRP C 321 23.81 1.64 30.03
C TRP C 321 24.92 2.01 31.00
N LYS C 322 25.64 3.11 30.76
CA LYS C 322 26.72 3.44 31.68
C LYS C 322 26.23 3.81 33.07
N LYS C 323 24.97 4.22 33.18
CA LYS C 323 24.46 4.57 34.49
C LYS C 323 24.31 3.32 35.38
N HIS C 324 24.34 2.14 34.77
CA HIS C 324 24.17 0.90 35.52
C HIS C 324 25.40 0.04 35.56
N LEU C 325 26.06 -0.09 34.43
CA LEU C 325 27.21 -0.93 34.31
C LEU C 325 28.49 -0.16 34.08
N ASP C 326 29.62 -0.80 34.37
CA ASP C 326 30.94 -0.20 34.15
C ASP C 326 31.45 -0.80 32.85
N ASP C 327 32.46 -0.19 32.25
CA ASP C 327 32.99 -0.67 30.97
C ASP C 327 33.30 -2.16 30.85
N ALA C 328 33.92 -2.73 31.88
CA ALA C 328 34.30 -4.15 31.85
C ALA C 328 33.10 -5.09 31.71
N THR C 329 32.04 -4.80 32.45
CA THR C 329 30.84 -5.63 32.40
C THR C 329 30.13 -5.41 31.05
N ILE C 330 30.05 -4.15 30.63
CA ILE C 330 29.43 -3.84 29.36
C ILE C 330 30.13 -4.67 28.30
N ALA C 331 31.45 -4.70 28.37
CA ALA C 331 32.25 -5.47 27.41
C ALA C 331 31.98 -6.97 27.39
N LYS C 332 31.71 -7.57 28.55
CA LYS C 332 31.49 -9.01 28.58
C LYS C 332 30.02 -9.36 28.68
N PHE C 333 29.17 -8.34 28.71
CA PHE C 333 27.73 -8.55 28.84
C PHE C 333 27.17 -9.71 28.02
N GLN C 334 27.19 -9.61 26.70
CA GLN C 334 26.64 -10.68 25.86
C GLN C 334 27.35 -12.04 26.02
N LYS C 335 28.67 -12.03 26.15
CA LYS C 335 29.40 -13.30 26.31
C LYS C 335 28.91 -14.04 27.56
N GLU C 336 28.70 -13.28 28.62
CA GLU C 336 28.20 -13.85 29.88
C GLU C 336 26.79 -14.42 29.70
N LEU C 337 25.93 -13.60 29.12
CA LEU C 337 24.56 -14.01 28.93
C LEU C 337 24.53 -15.30 28.12
N ALA C 338 25.38 -15.36 27.11
CA ALA C 338 25.44 -16.54 26.27
C ALA C 338 25.71 -17.79 27.10
N ALA C 339 26.60 -17.67 28.08
CA ALA C 339 26.96 -18.82 28.92
C ALA C 339 25.77 -19.30 29.74
N MET C 340 24.85 -18.38 29.99
CA MET C 340 23.68 -18.70 30.75
C MET C 340 22.63 -19.37 29.88
N GLY C 341 22.79 -19.28 28.57
CA GLY C 341 21.83 -19.93 27.69
C GLY C 341 21.03 -18.96 26.84
N PHE C 342 21.36 -17.66 26.88
CA PHE C 342 20.69 -16.63 26.05
C PHE C 342 21.40 -16.72 24.73
N LYS C 343 20.81 -17.48 23.81
CA LYS C 343 21.45 -17.69 22.51
C LYS C 343 21.04 -16.69 21.43
N PHE C 344 20.08 -15.80 21.73
CA PHE C 344 19.70 -14.78 20.77
C PHE C 344 19.64 -13.50 21.53
N GLN C 345 20.51 -12.57 21.16
CA GLN C 345 20.59 -11.29 21.83
C GLN C 345 20.50 -10.21 20.77
N PHE C 346 19.84 -9.12 21.11
CA PHE C 346 19.59 -8.07 20.14
C PHE C 346 19.39 -6.70 20.78
N ILE C 347 19.76 -5.66 20.05
CA ILE C 347 19.55 -4.29 20.48
C ILE C 347 18.35 -3.83 19.62
N THR C 348 17.17 -3.85 20.22
CA THR C 348 15.93 -3.52 19.52
C THR C 348 15.92 -2.22 18.71
N LEU C 349 16.31 -1.11 19.37
CA LEU C 349 16.28 0.21 18.72
C LEU C 349 17.59 0.76 18.14
N ALA C 350 18.50 -0.12 17.75
CA ALA C 350 19.78 0.31 17.18
C ALA C 350 19.64 1.16 15.88
N GLY C 351 18.72 0.75 15.01
CA GLY C 351 18.51 1.43 13.76
C GLY C 351 17.99 2.81 14.02
N PHE C 352 16.97 2.93 14.88
CA PHE C 352 16.41 4.23 15.21
C PHE C 352 17.51 5.18 15.68
N HIS C 353 18.33 4.70 16.60
CA HIS C 353 19.36 5.58 17.13
C HIS C 353 20.45 5.93 16.15
N ALA C 354 20.88 4.97 15.34
CA ALA C 354 21.94 5.24 14.40
C ALA C 354 21.43 6.22 13.35
N LEU C 355 20.18 6.03 12.91
CA LEU C 355 19.59 6.92 11.93
C LEU C 355 19.34 8.33 12.46
N ASN C 356 18.71 8.45 13.61
CA ASN C 356 18.40 9.76 14.14
C ASN C 356 19.67 10.49 14.53
N TYR C 357 20.65 9.77 15.09
CA TYR C 357 21.87 10.48 15.48
C TYR C 357 22.71 10.87 14.27
N SER C 358 22.92 9.94 13.36
CA SER C 358 23.73 10.23 12.20
C SER C 358 23.17 11.41 11.40
N MET C 359 21.85 11.54 11.33
CA MET C 359 21.32 12.65 10.55
C MET C 359 21.44 13.97 11.29
N PHE C 360 21.08 13.96 12.58
CA PHE C 360 21.15 15.19 13.35
C PHE C 360 22.59 15.72 13.28
N ASP C 361 23.55 14.81 13.43
CA ASP C 361 24.96 15.18 13.38
C ASP C 361 25.29 15.83 12.03
N LEU C 362 24.88 15.17 10.96
CA LEU C 362 25.17 15.66 9.62
C LEU C 362 24.53 17.02 9.43
N ALA C 363 23.23 17.09 9.72
CA ALA C 363 22.46 18.31 9.57
C ALA C 363 22.94 19.48 10.43
N TYR C 364 23.44 19.14 11.61
CA TYR C 364 23.93 20.18 12.52
C TYR C 364 25.20 20.76 11.91
N GLY C 365 26.09 19.87 11.48
CA GLY C 365 27.34 20.30 10.88
C GLY C 365 27.16 20.98 9.54
N TYR C 366 26.10 20.61 8.81
CA TYR C 366 25.78 21.16 7.48
C TYR C 366 25.21 22.55 7.64
N ALA C 367 24.38 22.73 8.67
CA ALA C 367 23.78 24.02 8.91
C ALA C 367 24.88 25.03 9.27
N GLN C 368 26.01 24.54 9.77
CA GLN C 368 27.12 25.45 10.14
C GLN C 368 28.19 25.61 9.07
N ASN C 369 28.72 24.48 8.61
CA ASN C 369 29.79 24.47 7.63
C ASN C 369 29.48 23.90 6.23
N GLN C 370 28.19 23.79 5.89
CA GLN C 370 27.76 23.27 4.59
C GLN C 370 28.62 22.13 4.04
N MET C 371 29.19 22.27 2.84
CA MET C 371 29.92 21.14 2.27
C MET C 371 31.01 20.49 3.11
N SER C 372 31.67 21.25 3.98
CA SER C 372 32.73 20.72 4.83
C SER C 372 32.21 19.52 5.65
N ALA C 373 31.04 19.69 6.26
CA ALA C 373 30.38 18.63 7.06
C ALA C 373 30.17 17.34 6.24
N TYR C 374 29.58 17.49 5.05
CA TYR C 374 29.33 16.32 4.22
C TYR C 374 30.65 15.70 3.82
N VAL C 375 31.63 16.54 3.49
CA VAL C 375 32.89 16.00 3.08
C VAL C 375 33.49 15.15 4.17
N GLU C 376 33.28 15.55 5.42
CA GLU C 376 33.78 14.78 6.56
C GLU C 376 33.19 13.37 6.49
N LEU C 377 31.90 13.31 6.21
CA LEU C 377 31.24 12.01 6.15
C LEU C 377 31.81 11.17 5.02
N GLN C 378 31.96 11.76 3.83
CA GLN C 378 32.47 11.04 2.65
C GLN C 378 33.87 10.38 2.81
N GLU C 379 34.80 11.06 3.46
CA GLU C 379 36.13 10.47 3.65
C GLU C 379 36.05 9.29 4.62
N ARG C 380 35.17 9.42 5.60
CA ARG C 380 34.96 8.37 6.58
C ARG C 380 34.52 7.10 5.87
N GLU C 381 33.70 7.27 4.83
CA GLU C 381 33.19 6.17 4.01
C GLU C 381 34.33 5.56 3.20
N PHE C 382 35.16 6.42 2.61
CA PHE C 382 36.29 5.89 1.86
C PHE C 382 37.15 5.13 2.88
N ALA C 383 37.31 5.71 4.06
CA ALA C 383 38.11 5.06 5.09
C ALA C 383 37.55 3.66 5.43
N ALA C 384 36.25 3.58 5.64
CA ALA C 384 35.60 2.32 6.01
C ALA C 384 35.74 1.22 4.95
N GLU C 385 36.28 1.56 3.78
CA GLU C 385 36.40 0.55 2.76
C GLU C 385 37.35 -0.58 3.15
N GLU C 386 38.39 -0.25 3.92
CA GLU C 386 39.36 -1.24 4.36
C GLU C 386 38.67 -2.28 5.27
N ARG C 387 37.63 -1.82 5.96
CA ARG C 387 36.82 -2.67 6.84
C ARG C 387 35.75 -3.47 6.09
N GLY C 388 35.55 -3.15 4.82
CA GLY C 388 34.58 -3.88 4.02
C GLY C 388 33.37 -3.12 3.54
N TYR C 389 33.27 -1.86 3.93
CA TYR C 389 32.19 -0.97 3.51
C TYR C 389 32.27 -0.78 1.99
N THR C 390 31.11 -0.72 1.32
CA THR C 390 31.09 -0.57 -0.11
C THR C 390 30.13 0.49 -0.64
N ALA C 391 29.34 1.08 0.24
CA ALA C 391 28.32 2.06 -0.18
C ALA C 391 28.80 3.42 -0.69
N THR C 392 30.06 3.76 -0.46
CA THR C 392 30.61 5.03 -0.95
C THR C 392 30.28 5.10 -2.45
N LYS C 393 30.41 3.96 -3.11
CA LYS C 393 30.10 3.81 -4.52
C LYS C 393 28.65 3.36 -4.55
N HIS C 394 27.77 4.31 -4.30
CA HIS C 394 26.34 4.03 -4.23
C HIS C 394 25.62 3.48 -5.45
N GLN C 395 26.11 3.74 -6.65
CA GLN C 395 25.40 3.25 -7.84
C GLN C 395 25.46 1.74 -7.90
N ARG C 396 26.66 1.16 -7.76
CA ARG C 396 26.73 -0.30 -7.84
C ARG C 396 26.08 -0.95 -6.62
N GLU C 397 26.08 -0.22 -5.50
CA GLU C 397 25.52 -0.69 -4.24
C GLU C 397 24.02 -0.91 -4.36
N VAL C 398 23.35 -0.11 -5.20
CA VAL C 398 21.92 -0.30 -5.36
C VAL C 398 21.54 -1.10 -6.60
N GLY C 399 22.55 -1.64 -7.27
CA GLY C 399 22.25 -2.48 -8.42
C GLY C 399 22.36 -1.90 -9.80
N ALA C 400 22.97 -0.71 -9.92
CA ALA C 400 23.18 -0.10 -11.23
C ALA C 400 23.92 -1.10 -12.13
N GLY C 401 24.92 -1.81 -11.60
CA GLY C 401 25.61 -2.81 -12.42
C GLY C 401 24.78 -4.05 -12.69
N TYR C 402 23.92 -4.40 -11.73
CA TYR C 402 23.09 -5.58 -11.89
C TYR C 402 22.05 -5.31 -12.99
N PHE C 403 21.45 -4.12 -12.98
CA PHE C 403 20.46 -3.80 -14.00
C PHE C 403 21.11 -3.62 -15.39
N ASP C 404 22.36 -3.20 -15.40
CA ASP C 404 23.12 -3.06 -16.66
C ASP C 404 23.25 -4.46 -17.26
N ARG C 405 23.45 -5.46 -16.39
CA ARG C 405 23.59 -6.83 -16.84
C ARG C 405 22.30 -7.31 -17.46
N ILE C 406 21.17 -6.97 -16.82
CA ILE C 406 19.90 -7.38 -17.38
C ILE C 406 19.76 -6.73 -18.74
N ALA C 407 20.04 -5.44 -18.78
CA ALA C 407 19.91 -4.64 -19.99
C ALA C 407 20.71 -5.25 -21.16
N THR C 408 21.96 -5.62 -20.90
CA THR C 408 22.80 -6.19 -21.96
C THR C 408 22.43 -7.63 -22.27
N THR C 409 21.74 -8.29 -21.35
CA THR C 409 21.31 -9.66 -21.61
C THR C 409 20.18 -9.55 -22.61
N VAL C 410 19.33 -8.54 -22.40
CA VAL C 410 18.20 -8.30 -23.29
C VAL C 410 18.71 -7.78 -24.62
N ASP C 411 19.64 -6.83 -24.57
CA ASP C 411 20.18 -6.23 -25.79
C ASP C 411 21.65 -5.85 -25.58
N PRO C 412 22.57 -6.69 -26.06
CA PRO C 412 24.01 -6.44 -25.90
C PRO C 412 24.46 -5.09 -26.44
N ASN C 413 23.73 -4.58 -27.44
CA ASN C 413 24.06 -3.33 -28.10
C ASN C 413 23.39 -2.07 -27.56
N SER C 414 22.67 -2.20 -26.45
CA SER C 414 21.99 -1.05 -25.87
C SER C 414 22.91 0.14 -25.66
N SER C 415 22.48 1.32 -26.06
CA SER C 415 23.31 2.50 -25.85
C SER C 415 22.85 3.26 -24.61
N THR C 416 22.01 2.62 -23.79
CA THR C 416 21.51 3.32 -22.61
C THR C 416 21.82 2.66 -21.27
N THR C 417 22.97 1.98 -21.18
CA THR C 417 23.34 1.38 -19.90
C THR C 417 23.88 2.52 -19.01
N ALA C 418 23.91 2.29 -17.69
CA ALA C 418 24.25 3.30 -16.70
C ALA C 418 25.65 3.54 -16.14
N LEU C 419 26.39 2.47 -15.82
CA LEU C 419 27.71 2.67 -15.24
C LEU C 419 28.76 3.30 -16.17
N THR C 420 28.74 2.92 -17.45
CA THR C 420 29.68 3.47 -18.41
C THR C 420 29.44 4.97 -18.55
N GLY C 421 30.48 5.75 -18.26
CA GLY C 421 30.35 7.19 -18.36
C GLY C 421 29.81 7.85 -17.10
N SER C 422 29.67 7.05 -16.04
CA SER C 422 29.16 7.56 -14.76
C SER C 422 30.25 8.22 -13.95
N THR C 423 29.89 9.22 -13.17
CA THR C 423 30.89 9.88 -12.32
C THR C 423 31.45 8.90 -11.27
N GLU C 424 30.70 7.83 -10.97
CA GLU C 424 31.17 6.81 -10.02
C GLU C 424 32.38 6.09 -10.61
N GLU C 425 32.24 5.69 -11.87
CA GLU C 425 33.28 4.97 -12.60
C GLU C 425 34.52 5.83 -12.81
N GLY C 426 34.30 7.11 -13.08
CA GLY C 426 35.42 8.01 -13.32
C GLY C 426 35.99 8.76 -12.15
N GLN C 427 35.38 8.62 -10.98
CA GLN C 427 35.85 9.35 -9.79
C GLN C 427 35.92 8.59 -8.48
N PHE C 428 35.88 7.25 -8.52
CA PHE C 428 35.94 6.41 -7.30
C PHE C 428 36.83 5.14 -7.42
N ALA D 2 -26.52 19.38 -1.46
CA ALA D 2 -25.26 20.16 -1.75
C ALA D 2 -24.91 21.10 -0.59
N SER D 3 -23.72 21.68 -0.68
CA SER D 3 -23.18 22.58 0.35
C SER D 3 -22.26 23.54 -0.40
N VAL D 4 -21.74 24.58 0.27
CA VAL D 4 -20.83 25.47 -0.43
C VAL D 4 -19.38 25.19 -0.07
N VAL D 5 -19.11 24.32 0.91
CA VAL D 5 -17.72 24.02 1.28
C VAL D 5 -16.99 23.53 0.01
N GLY D 6 -15.78 24.03 -0.21
CA GLY D 6 -15.02 23.64 -1.39
C GLY D 6 -15.48 24.15 -2.76
N THR D 7 -16.33 25.18 -2.79
CA THR D 7 -16.77 25.69 -4.08
C THR D 7 -15.55 26.31 -4.78
N PRO D 8 -15.40 26.08 -6.08
CA PRO D 8 -14.24 26.63 -6.78
C PRO D 8 -14.30 28.16 -6.91
N LYS D 9 -13.14 28.78 -7.07
CA LYS D 9 -13.08 30.23 -7.29
C LYS D 9 -13.56 30.41 -8.72
N SER D 10 -14.11 31.58 -9.03
CA SER D 10 -14.55 31.87 -10.40
C SER D 10 -13.27 32.13 -11.23
N ALA D 11 -13.40 32.08 -12.55
CA ALA D 11 -12.29 32.30 -13.46
C ALA D 11 -11.73 33.71 -13.29
N GLU D 12 -12.63 34.66 -13.02
CA GLU D 12 -12.23 36.06 -12.83
C GLU D 12 -11.31 36.19 -11.63
N GLN D 13 -11.66 35.53 -10.53
CA GLN D 13 -10.84 35.61 -9.32
C GLN D 13 -9.44 35.10 -9.63
N ILE D 14 -9.34 33.98 -10.35
CA ILE D 14 -8.06 33.39 -10.69
C ILE D 14 -7.26 34.36 -11.53
N GLN D 15 -7.88 34.84 -12.60
CA GLN D 15 -7.25 35.77 -13.52
C GLN D 15 -6.70 36.95 -12.75
N GLN D 16 -7.44 37.39 -11.73
CA GLN D 16 -6.99 38.51 -10.94
C GLN D 16 -5.71 38.22 -10.19
N GLU D 17 -5.64 37.06 -9.55
CA GLU D 17 -4.45 36.70 -8.81
C GLU D 17 -3.28 36.62 -9.75
N TRP D 18 -3.51 36.00 -10.91
CA TRP D 18 -2.44 35.88 -11.89
C TRP D 18 -2.00 37.29 -12.31
N ASP D 19 -2.96 38.19 -12.43
CA ASP D 19 -2.66 39.57 -12.84
C ASP D 19 -2.00 40.45 -11.80
N THR D 20 -2.38 40.29 -10.54
CA THR D 20 -1.84 41.13 -9.48
C THR D 20 -0.81 40.55 -8.53
N ASN D 21 -0.90 39.27 -8.20
CA ASN D 21 0.07 38.72 -7.26
C ASN D 21 1.44 38.62 -7.87
N PRO D 22 2.46 39.16 -7.18
CA PRO D 22 3.85 39.18 -7.60
C PRO D 22 4.43 37.78 -7.72
N ARG D 23 3.69 36.80 -7.18
CA ARG D 23 4.09 35.40 -7.22
C ARG D 23 4.12 34.90 -8.68
N TRP D 24 3.16 35.37 -9.45
CA TRP D 24 3.00 35.02 -10.86
C TRP D 24 3.72 36.00 -11.81
N LYS D 25 4.48 36.91 -11.21
CA LYS D 25 5.23 37.92 -11.94
C LYS D 25 5.83 37.44 -13.23
N ASP D 26 6.76 36.49 -13.14
CA ASP D 26 7.46 35.96 -14.30
C ASP D 26 6.92 34.62 -14.82
N VAL D 27 5.68 34.31 -14.51
CA VAL D 27 5.09 33.01 -14.87
C VAL D 27 4.18 33.01 -16.10
N THR D 28 4.59 32.29 -17.13
CA THR D 28 3.78 32.16 -18.34
C THR D 28 2.83 30.95 -18.29
N ARG D 29 1.58 31.17 -18.66
CA ARG D 29 0.59 30.09 -18.70
C ARG D 29 0.01 30.10 -20.10
N THR D 30 0.19 29.02 -20.84
CA THR D 30 -0.31 28.98 -22.20
C THR D 30 -1.78 28.59 -22.25
N TYR D 31 -2.37 28.33 -21.09
CA TYR D 31 -3.78 27.99 -21.02
C TYR D 31 -4.45 29.15 -20.26
N SER D 32 -5.78 29.18 -20.26
CA SER D 32 -6.51 30.26 -19.60
C SER D 32 -7.07 29.92 -18.22
N ALA D 33 -7.48 30.95 -17.50
CA ALA D 33 -8.07 30.75 -16.19
C ALA D 33 -9.35 29.93 -16.37
N GLU D 34 -10.11 30.20 -17.42
CA GLU D 34 -11.34 29.45 -17.63
C GLU D 34 -11.04 27.96 -17.83
N ASP D 35 -9.92 27.65 -18.49
CA ASP D 35 -9.48 26.26 -18.74
C ASP D 35 -9.34 25.51 -17.41
N VAL D 36 -8.73 26.20 -16.44
CA VAL D 36 -8.50 25.67 -15.10
C VAL D 36 -9.80 25.35 -14.42
N VAL D 37 -10.72 26.32 -14.43
CA VAL D 37 -12.02 26.12 -13.81
C VAL D 37 -12.77 24.93 -14.42
N ALA D 38 -12.65 24.76 -15.73
CA ALA D 38 -13.32 23.68 -16.44
C ALA D 38 -12.90 22.32 -15.89
N LEU D 39 -11.68 22.21 -15.36
CA LEU D 39 -11.18 20.90 -14.83
C LEU D 39 -11.39 20.64 -13.33
N GLN D 40 -11.94 21.62 -12.62
CA GLN D 40 -12.11 21.50 -11.19
C GLN D 40 -13.40 20.86 -10.66
N GLY D 41 -14.32 20.49 -11.54
CA GLY D 41 -15.57 19.89 -11.06
C GLY D 41 -16.30 20.91 -10.17
N SER D 42 -17.11 20.46 -9.22
CA SER D 42 -17.81 21.42 -8.37
C SER D 42 -17.24 21.56 -6.95
N VAL D 43 -16.15 20.87 -6.68
CA VAL D 43 -15.54 20.93 -5.37
C VAL D 43 -14.03 20.88 -5.49
N VAL D 44 -13.36 21.77 -4.79
CA VAL D 44 -11.93 21.77 -4.81
C VAL D 44 -11.41 21.48 -3.40
N GLU D 45 -10.74 20.35 -3.21
CA GLU D 45 -10.20 20.09 -1.89
C GLU D 45 -9.08 21.08 -1.54
N GLU D 46 -9.11 21.55 -0.30
CA GLU D 46 -8.08 22.42 0.20
C GLU D 46 -6.87 21.54 0.49
N HIS D 47 -5.67 21.99 0.13
CA HIS D 47 -4.44 21.24 0.39
C HIS D 47 -3.58 22.13 1.30
N THR D 48 -3.89 22.05 2.60
CA THR D 48 -3.26 22.89 3.60
C THR D 48 -1.76 22.88 3.62
N LEU D 49 -1.16 21.71 3.79
CA LEU D 49 0.29 21.71 3.84
C LEU D 49 0.94 22.08 2.50
N ALA D 50 0.33 21.72 1.36
CA ALA D 50 0.92 22.07 0.08
C ALA D 50 0.94 23.62 -0.08
N ARG D 51 -0.14 24.25 0.32
CA ARG D 51 -0.22 25.70 0.18
C ARG D 51 0.73 26.36 1.15
N ARG D 52 0.59 26.06 2.44
CA ARG D 52 1.47 26.65 3.44
C ARG D 52 2.92 26.41 3.05
N GLY D 53 3.27 25.19 2.69
CA GLY D 53 4.65 24.93 2.30
C GLY D 53 5.14 25.74 1.11
N ALA D 54 4.30 25.84 0.07
CA ALA D 54 4.65 26.59 -1.13
C ALA D 54 4.84 28.08 -0.74
N GLU D 55 3.88 28.65 -0.02
CA GLU D 55 4.03 30.05 0.38
C GLU D 55 5.34 30.23 1.15
N VAL D 56 5.58 29.44 2.21
CA VAL D 56 6.80 29.56 2.97
C VAL D 56 8.08 29.44 2.15
N LEU D 57 8.13 28.45 1.27
CA LEU D 57 9.32 28.25 0.45
C LEU D 57 9.58 29.48 -0.45
N TRP D 58 8.51 30.04 -0.99
CA TRP D 58 8.67 31.19 -1.86
C TRP D 58 9.29 32.34 -1.02
N GLU D 59 8.64 32.66 0.10
CA GLU D 59 9.16 33.69 0.99
C GLU D 59 10.60 33.45 1.37
N GLN D 60 10.95 32.23 1.73
CA GLN D 60 12.32 31.95 2.12
C GLN D 60 13.29 32.15 1.00
N LEU D 61 12.92 31.71 -0.21
CA LEU D 61 13.81 31.86 -1.36
C LEU D 61 14.21 33.34 -1.59
N HIS D 62 13.32 34.25 -1.24
CA HIS D 62 13.62 35.67 -1.38
C HIS D 62 14.14 36.35 -0.11
N ASP D 63 13.98 35.72 1.06
CA ASP D 63 14.44 36.36 2.30
C ASP D 63 15.72 35.87 2.92
N LEU D 64 16.21 34.71 2.53
CA LEU D 64 17.45 34.18 3.08
C LEU D 64 18.54 34.33 2.05
N GLU D 65 19.80 34.20 2.47
CA GLU D 65 20.92 34.32 1.54
C GLU D 65 20.70 33.23 0.50
N TRP D 66 20.34 32.05 1.00
CA TRP D 66 20.05 30.90 0.17
C TRP D 66 19.39 29.84 1.05
N VAL D 67 18.75 28.88 0.41
CA VAL D 67 18.06 27.81 1.11
C VAL D 67 18.78 26.51 0.83
N ASN D 68 19.26 25.83 1.87
CA ASN D 68 19.90 24.55 1.63
C ASN D 68 19.08 23.40 2.19
N ALA D 69 19.50 22.18 1.85
CA ALA D 69 18.79 21.01 2.35
C ALA D 69 19.58 19.73 2.10
N LEU D 70 19.18 18.70 2.84
CA LEU D 70 19.75 17.37 2.74
C LEU D 70 18.62 16.44 2.27
N GLY D 71 18.95 15.37 1.55
CA GLY D 71 17.90 14.44 1.11
C GLY D 71 17.38 13.71 2.33
N ALA D 72 16.05 13.53 2.41
CA ALA D 72 15.43 12.80 3.53
C ALA D 72 14.64 11.64 2.93
N LEU D 73 14.84 10.44 3.45
CA LEU D 73 14.11 9.29 2.95
C LEU D 73 13.22 8.68 4.03
N THR D 74 13.34 9.15 5.28
CA THR D 74 12.42 8.68 6.31
C THR D 74 11.85 9.90 7.04
N GLY D 75 10.74 9.71 7.73
CA GLY D 75 10.16 10.84 8.44
C GLY D 75 11.07 11.34 9.58
N ASN D 76 11.75 10.41 10.28
CA ASN D 76 12.62 10.83 11.38
C ASN D 76 13.79 11.64 10.82
N MET D 77 14.27 11.25 9.64
CA MET D 77 15.39 11.95 8.99
C MET D 77 15.09 13.44 8.84
N ALA D 78 13.87 13.73 8.38
CA ALA D 78 13.39 15.09 8.17
C ALA D 78 13.26 15.82 9.50
N VAL D 79 12.73 15.13 10.50
CA VAL D 79 12.57 15.70 11.84
C VAL D 79 13.92 16.14 12.39
N GLN D 80 14.96 15.31 12.21
CA GLN D 80 16.29 15.67 12.71
C GLN D 80 16.90 16.82 11.92
N GLN D 81 16.61 16.83 10.62
CA GLN D 81 17.09 17.90 9.76
C GLN D 81 16.54 19.23 10.26
N VAL D 82 15.27 19.25 10.60
CA VAL D 82 14.68 20.48 11.09
C VAL D 82 15.21 20.81 12.50
N ARG D 83 15.25 19.81 13.38
CA ARG D 83 15.73 20.03 14.74
C ARG D 83 17.11 20.70 14.67
N ALA D 84 18.00 20.21 13.80
CA ALA D 84 19.33 20.78 13.65
C ALA D 84 19.36 22.20 13.06
N GLY D 85 18.20 22.71 12.64
CA GLY D 85 18.16 24.06 12.08
C GLY D 85 17.95 24.24 10.59
N LEU D 86 17.85 23.15 9.82
CA LEU D 86 17.68 23.31 8.37
C LEU D 86 16.28 23.87 8.16
N LYS D 87 16.03 24.57 7.06
CA LYS D 87 14.70 25.17 6.86
C LYS D 87 13.89 24.67 5.65
N ALA D 88 14.32 23.53 5.11
CA ALA D 88 13.62 22.92 3.99
C ALA D 88 14.09 21.47 3.96
N ILE D 89 13.30 20.62 3.30
CA ILE D 89 13.65 19.20 3.19
C ILE D 89 13.72 18.86 1.70
N TYR D 90 14.68 18.04 1.32
CA TYR D 90 14.78 17.63 -0.08
C TYR D 90 14.36 16.15 -0.11
N LEU D 91 13.50 15.78 -1.05
CA LEU D 91 13.04 14.40 -1.19
C LEU D 91 13.56 13.87 -2.55
N SER D 92 14.68 13.16 -2.47
CA SER D 92 15.40 12.58 -3.60
C SER D 92 14.66 11.34 -4.10
N GLY D 93 14.58 11.17 -5.41
CA GLY D 93 13.93 10.01 -6.01
C GLY D 93 14.95 8.89 -6.05
N TRP D 94 16.23 9.27 -6.11
CA TRP D 94 17.31 8.32 -6.09
C TRP D 94 17.20 7.53 -4.77
N GLN D 95 17.05 8.25 -3.65
CA GLN D 95 16.96 7.57 -2.35
C GLN D 95 15.69 6.73 -2.26
N VAL D 96 14.62 7.23 -2.85
CA VAL D 96 13.37 6.48 -2.82
C VAL D 96 13.60 5.18 -3.57
N ALA D 97 14.28 5.26 -4.71
CA ALA D 97 14.61 4.06 -5.50
C ALA D 97 15.43 3.03 -4.71
N GLY D 98 16.46 3.52 -4.04
CA GLY D 98 17.35 2.64 -3.30
C GLY D 98 16.88 2.14 -1.96
N ASP D 99 15.97 2.83 -1.27
CA ASP D 99 15.61 2.32 0.05
C ASP D 99 14.25 2.72 0.61
N ALA D 100 13.37 3.32 -0.22
CA ALA D 100 12.06 3.73 0.28
C ALA D 100 10.96 3.86 -0.76
N ASN D 101 10.79 2.85 -1.61
CA ASN D 101 9.73 2.93 -2.62
C ASN D 101 8.70 1.83 -2.42
N LEU D 102 7.53 1.99 -3.05
CA LEU D 102 6.41 1.05 -2.87
C LEU D 102 6.49 -0.36 -3.44
N SER D 103 7.53 -0.68 -4.23
CA SER D 103 7.74 -2.03 -4.77
C SER D 103 8.41 -2.88 -3.67
N GLY D 104 9.04 -2.21 -2.72
CA GLY D 104 9.76 -2.88 -1.65
C GLY D 104 11.16 -3.28 -2.13
N HIS D 105 11.46 -3.05 -3.41
CA HIS D 105 12.78 -3.46 -3.95
C HIS D 105 13.85 -2.37 -3.90
N THR D 106 15.11 -2.78 -3.98
CA THR D 106 16.21 -1.83 -4.02
C THR D 106 16.51 -1.58 -5.52
N TYR D 107 16.50 -0.32 -5.94
CA TYR D 107 16.74 -0.02 -7.34
C TYR D 107 17.70 1.10 -7.64
N PRO D 108 18.32 1.00 -8.82
CA PRO D 108 19.27 1.99 -9.34
C PRO D 108 18.30 3.12 -9.75
N ASP D 109 18.84 4.31 -9.96
CA ASP D 109 18.06 5.49 -10.25
C ASP D 109 17.67 5.57 -11.73
N GLN D 110 16.64 4.81 -12.09
CA GLN D 110 16.19 4.75 -13.46
C GLN D 110 14.68 4.75 -13.63
N SER D 111 14.01 5.40 -12.69
CA SER D 111 12.54 5.49 -12.71
C SER D 111 11.94 4.11 -12.76
N LEU D 112 12.43 3.18 -11.93
CA LEU D 112 11.86 1.81 -11.94
C LEU D 112 10.75 1.57 -10.93
N TYR D 113 10.67 2.40 -9.89
CA TYR D 113 9.69 2.19 -8.80
C TYR D 113 8.29 2.77 -9.15
N PRO D 114 7.24 2.39 -8.38
CA PRO D 114 5.87 2.87 -8.66
C PRO D 114 5.76 4.39 -8.53
N ALA D 115 5.08 5.00 -9.50
CA ALA D 115 4.96 6.45 -9.61
C ALA D 115 4.41 7.18 -8.43
N ASN D 116 3.71 6.49 -7.52
CA ASN D 116 3.18 7.16 -6.34
C ASN D 116 4.11 7.04 -5.12
N SER D 117 5.36 6.59 -5.32
CA SER D 117 6.27 6.41 -4.21
C SER D 117 6.71 7.72 -3.57
N VAL D 118 7.10 8.67 -4.40
CA VAL D 118 7.57 9.92 -3.81
C VAL D 118 6.40 10.61 -3.10
N PRO D 119 5.20 10.63 -3.70
CA PRO D 119 4.12 11.29 -2.93
C PRO D 119 3.91 10.64 -1.54
N GLN D 120 4.00 9.31 -1.47
CA GLN D 120 3.84 8.66 -0.18
C GLN D 120 4.92 9.13 0.80
N VAL D 121 6.13 9.37 0.31
CA VAL D 121 7.21 9.80 1.20
C VAL D 121 6.98 11.25 1.60
N VAL D 122 6.42 12.05 0.71
CA VAL D 122 6.10 13.40 1.09
C VAL D 122 5.07 13.35 2.22
N ARG D 123 4.02 12.52 2.09
CA ARG D 123 3.01 12.45 3.14
C ARG D 123 3.68 11.96 4.43
N ARG D 124 4.60 11.00 4.30
CA ARG D 124 5.30 10.48 5.47
C ARG D 124 6.09 11.57 6.20
N ILE D 125 6.93 12.28 5.46
CA ILE D 125 7.73 13.36 6.04
C ILE D 125 6.78 14.36 6.70
N ASN D 126 5.75 14.80 6.01
CA ASN D 126 4.80 15.74 6.63
C ASN D 126 4.18 15.21 7.91
N ASN D 127 3.80 13.92 7.93
CA ASN D 127 3.20 13.38 9.14
C ASN D 127 4.23 13.36 10.26
N ALA D 128 5.49 13.10 9.94
CA ALA D 128 6.53 13.04 10.97
C ALA D 128 6.76 14.45 11.52
N LEU D 129 6.83 15.41 10.61
CA LEU D 129 7.02 16.78 11.05
C LEU D 129 5.81 17.20 11.89
N GLN D 130 4.61 16.82 11.49
CA GLN D 130 3.45 17.22 12.27
C GLN D 130 3.49 16.58 13.64
N ARG D 131 4.09 15.41 13.77
CA ARG D 131 4.15 14.80 15.09
C ARG D 131 5.17 15.60 15.92
N ALA D 132 6.33 15.92 15.34
CA ALA D 132 7.35 16.67 16.13
C ALA D 132 6.79 18.01 16.58
N ASP D 133 5.87 18.56 15.79
CA ASP D 133 5.23 19.85 16.06
C ASP D 133 4.22 19.68 17.18
N GLN D 134 3.45 18.60 17.14
CA GLN D 134 2.45 18.34 18.18
C GLN D 134 3.12 18.09 19.54
N ILE D 135 4.28 17.43 19.53
CA ILE D 135 5.04 17.12 20.72
C ILE D 135 5.66 18.40 21.29
N ALA D 136 6.30 19.18 20.41
CA ALA D 136 6.95 20.42 20.87
C ALA D 136 5.93 21.30 21.57
N LYS D 137 4.69 21.26 21.10
CA LYS D 137 3.66 22.08 21.70
C LYS D 137 3.39 21.67 23.11
N ILE D 138 3.05 20.40 23.31
CA ILE D 138 2.75 19.99 24.68
C ILE D 138 3.98 20.07 25.60
N GLU D 139 5.17 20.12 25.04
CA GLU D 139 6.35 20.19 25.88
C GLU D 139 6.82 21.64 26.10
N GLY D 140 6.12 22.57 25.47
CA GLY D 140 6.50 23.97 25.60
C GLY D 140 7.85 24.23 24.93
N ASP D 141 8.20 23.42 23.94
CA ASP D 141 9.46 23.58 23.22
C ASP D 141 9.29 24.59 22.08
N THR D 142 10.04 25.69 22.13
CA THR D 142 9.99 26.73 21.12
C THR D 142 11.33 26.82 20.39
N SER D 143 12.14 25.79 20.61
CA SER D 143 13.45 25.65 20.01
C SER D 143 13.40 25.80 18.47
N VAL D 144 12.24 25.46 17.89
CA VAL D 144 11.98 25.51 16.45
C VAL D 144 10.77 26.39 16.14
N GLU D 145 10.95 27.32 15.23
CA GLU D 145 9.87 28.23 14.86
C GLU D 145 8.89 27.60 13.88
N ASN D 146 9.40 26.80 12.95
CA ASN D 146 8.49 26.20 12.00
C ASN D 146 8.83 24.75 11.82
N TRP D 147 8.01 23.86 12.36
CA TRP D 147 8.29 22.44 12.23
C TRP D 147 7.97 21.96 10.83
N LEU D 148 7.00 22.62 10.21
CA LEU D 148 6.61 22.27 8.85
C LEU D 148 7.45 22.93 7.77
N ALA D 149 8.73 22.57 7.77
CA ALA D 149 9.67 23.05 6.77
C ALA D 149 9.10 22.64 5.39
N PRO D 150 9.32 23.45 4.35
CA PRO D 150 8.79 23.09 3.03
C PRO D 150 9.56 21.93 2.44
N ILE D 151 8.83 21.05 1.75
CA ILE D 151 9.42 19.89 1.11
C ILE D 151 9.57 20.09 -0.40
N VAL D 152 10.75 19.84 -0.93
CA VAL D 152 11.01 19.95 -2.35
C VAL D 152 11.24 18.53 -2.78
N ALA D 153 10.37 18.04 -3.69
CA ALA D 153 10.42 16.66 -4.11
C ALA D 153 10.74 16.40 -5.56
N ASP D 154 11.28 15.21 -5.81
CA ASP D 154 11.71 14.73 -7.10
C ASP D 154 10.56 14.18 -7.96
N GLY D 155 10.29 14.81 -9.09
CA GLY D 155 9.23 14.34 -9.97
C GLY D 155 9.87 13.63 -11.14
N GLU D 156 11.19 13.43 -11.04
CA GLU D 156 11.99 12.76 -12.06
C GLU D 156 11.67 13.24 -13.48
N ALA D 157 11.35 12.30 -14.38
CA ALA D 157 11.00 12.61 -15.77
C ALA D 157 9.51 12.45 -16.03
N GLY D 158 8.75 12.43 -14.95
CA GLY D 158 7.32 12.37 -15.07
C GLY D 158 6.71 10.99 -15.15
N PHE D 159 7.52 9.95 -15.28
CA PHE D 159 7.01 8.56 -15.37
C PHE D 159 6.06 8.35 -16.55
N GLY D 160 6.32 9.03 -17.66
CA GLY D 160 5.46 8.87 -18.81
C GLY D 160 5.25 10.12 -19.63
N GLY D 161 4.00 10.41 -19.95
CA GLY D 161 3.67 11.56 -20.77
C GLY D 161 3.16 12.73 -19.96
N ALA D 162 2.59 13.75 -20.60
CA ALA D 162 2.09 14.90 -19.85
C ALA D 162 1.02 14.56 -18.81
N LEU D 163 0.21 13.51 -19.07
CA LEU D 163 -0.82 13.14 -18.11
C LEU D 163 -0.21 12.41 -16.90
N ASN D 164 0.89 11.67 -17.10
CA ASN D 164 1.56 11.02 -15.96
C ASN D 164 2.18 12.15 -15.10
N VAL D 165 2.73 13.18 -15.74
CA VAL D 165 3.31 14.31 -15.00
C VAL D 165 2.22 14.96 -14.15
N TYR D 166 1.08 15.21 -14.78
CA TYR D 166 -0.07 15.84 -14.15
C TYR D 166 -0.45 15.05 -12.89
N GLU D 167 -0.62 13.74 -13.01
CA GLU D 167 -1.00 12.96 -11.84
C GLU D 167 0.03 12.95 -10.75
N LEU D 168 1.32 12.90 -11.12
CA LEU D 168 2.36 12.90 -10.11
C LEU D 168 2.34 14.22 -9.36
N GLN D 169 2.22 15.34 -10.08
CA GLN D 169 2.17 16.64 -9.43
C GLN D 169 0.98 16.72 -8.49
N LYS D 170 -0.18 16.25 -8.96
CA LYS D 170 -1.41 16.25 -8.16
C LYS D 170 -1.25 15.43 -6.88
N ALA D 171 -0.64 14.24 -7.00
CA ALA D 171 -0.43 13.42 -5.83
C ALA D 171 0.61 14.07 -4.87
N LEU D 172 1.63 14.71 -5.43
CA LEU D 172 2.62 15.38 -4.57
C LEU D 172 1.95 16.47 -3.73
N ILE D 173 1.04 17.19 -4.37
CA ILE D 173 0.30 18.26 -3.72
C ILE D 173 -0.68 17.74 -2.69
N ALA D 174 -1.34 16.62 -2.99
CA ALA D 174 -2.27 16.10 -2.02
C ALA D 174 -1.48 15.67 -0.77
N ALA D 175 -0.24 15.27 -0.96
CA ALA D 175 0.64 14.81 0.13
C ALA D 175 1.25 15.97 0.94
N GLY D 176 1.16 17.17 0.38
CA GLY D 176 1.66 18.37 1.05
C GLY D 176 3.02 18.88 0.61
N VAL D 177 3.39 18.67 -0.65
CA VAL D 177 4.68 19.13 -1.14
C VAL D 177 4.66 20.66 -1.35
N ALA D 178 5.81 21.31 -1.21
CA ALA D 178 5.95 22.77 -1.44
C ALA D 178 6.46 23.04 -2.87
N GLY D 179 7.36 22.19 -3.35
CA GLY D 179 7.87 22.35 -4.69
C GLY D 179 8.24 21.04 -5.32
N SER D 180 8.29 21.01 -6.64
CA SER D 180 8.66 19.78 -7.35
C SER D 180 9.57 20.07 -8.53
N HIS D 181 10.50 19.17 -8.81
CA HIS D 181 11.42 19.36 -9.94
C HIS D 181 11.19 18.31 -11.04
N TRP D 182 11.37 18.74 -12.27
CA TRP D 182 11.12 17.93 -13.46
C TRP D 182 12.28 18.03 -14.43
N GLU D 183 12.78 16.91 -14.94
CA GLU D 183 13.92 16.91 -15.87
C GLU D 183 13.60 16.55 -17.31
N ASP D 184 14.42 17.06 -18.23
CA ASP D 184 14.26 16.83 -19.65
C ASP D 184 14.85 15.53 -20.17
N GLN D 185 14.60 14.42 -19.46
CA GLN D 185 15.06 13.11 -19.93
C GLN D 185 13.86 12.27 -20.34
N LEU D 186 14.14 11.27 -21.16
CA LEU D 186 13.15 10.31 -21.64
C LEU D 186 12.85 9.46 -20.39
N ALA D 187 11.60 9.49 -19.89
CA ALA D 187 11.29 8.72 -18.68
C ALA D 187 11.64 7.22 -18.77
N SER D 188 11.38 6.60 -19.91
CA SER D 188 11.67 5.18 -20.04
C SER D 188 13.14 4.85 -20.02
N GLU D 189 14.00 5.86 -20.04
CA GLU D 189 15.45 5.64 -20.01
C GLU D 189 16.09 6.55 -18.97
N LYS D 190 15.25 7.10 -18.10
CA LYS D 190 15.70 8.02 -17.06
C LYS D 190 16.91 7.49 -16.29
N LYS D 191 17.79 8.42 -15.95
CA LYS D 191 19.00 8.10 -15.21
C LYS D 191 19.24 9.16 -14.16
N CYS D 192 20.01 8.78 -13.15
CA CYS D 192 20.47 9.68 -12.14
C CYS D 192 21.29 10.68 -13.04
N GLY D 193 21.46 11.92 -12.61
CA GLY D 193 22.21 12.86 -13.44
C GLY D 193 23.68 12.56 -13.62
N HIS D 194 24.21 11.65 -12.78
CA HIS D 194 25.61 11.30 -12.81
C HIS D 194 25.89 9.89 -13.32
N LEU D 195 24.87 9.27 -13.88
CA LEU D 195 25.02 7.96 -14.48
C LEU D 195 25.14 8.23 -15.97
N GLY D 196 25.58 7.24 -16.73
CA GLY D 196 25.69 7.42 -18.16
C GLY D 196 24.41 6.89 -18.77
N GLY D 197 24.38 6.86 -20.10
CA GLY D 197 23.24 6.32 -20.80
C GLY D 197 22.01 7.21 -20.76
N LYS D 198 22.20 8.53 -20.63
CA LYS D 198 21.05 9.45 -20.59
C LYS D 198 20.56 9.84 -21.98
N VAL D 199 19.25 10.11 -22.10
CA VAL D 199 18.63 10.51 -23.36
C VAL D 199 17.68 11.67 -23.09
N LEU D 200 17.91 12.79 -23.77
CA LEU D 200 17.04 13.99 -23.64
C LEU D 200 15.83 13.83 -24.52
N ILE D 201 14.83 14.66 -24.23
CA ILE D 201 13.64 14.71 -25.02
C ILE D 201 13.70 16.13 -25.60
N PRO D 202 12.93 16.40 -26.64
CA PRO D 202 12.97 17.75 -27.23
C PRO D 202 12.65 18.86 -26.26
N THR D 203 13.22 20.05 -26.50
CA THR D 203 12.97 21.20 -25.66
C THR D 203 11.48 21.47 -25.45
N GLN D 204 10.71 21.42 -26.52
CA GLN D 204 9.26 21.69 -26.41
C GLN D 204 8.57 20.62 -25.57
N GLN D 205 9.08 19.39 -25.61
CA GLN D 205 8.44 18.36 -24.83
C GLN D 205 8.61 18.67 -23.35
N HIS D 206 9.77 19.19 -22.96
CA HIS D 206 9.91 19.47 -21.56
C HIS D 206 9.05 20.68 -21.18
N ILE D 207 8.87 21.64 -22.08
CA ILE D 207 7.99 22.78 -21.78
C ILE D 207 6.57 22.24 -21.57
N ARG D 208 6.24 21.18 -22.28
CA ARG D 208 4.91 20.58 -22.09
C ARG D 208 4.89 19.99 -20.67
N THR D 209 5.99 19.36 -20.23
CA THR D 209 6.04 18.80 -18.88
C THR D 209 5.87 19.93 -17.84
N LEU D 210 6.62 21.03 -17.98
CA LEU D 210 6.51 22.13 -17.02
C LEU D 210 5.12 22.76 -17.02
N THR D 211 4.50 22.80 -18.18
CA THR D 211 3.16 23.35 -18.33
C THR D 211 2.19 22.44 -17.59
N SER D 212 2.34 21.14 -17.80
CA SER D 212 1.47 20.18 -17.10
C SER D 212 1.64 20.27 -15.57
N ALA D 213 2.88 20.38 -15.10
CA ALA D 213 3.12 20.47 -13.66
C ALA D 213 2.45 21.73 -13.12
N ARG D 214 2.51 22.83 -13.88
CA ARG D 214 1.86 24.07 -13.43
C ARG D 214 0.34 23.95 -13.44
N LEU D 215 -0.21 23.39 -14.51
CA LEU D 215 -1.63 23.20 -14.65
C LEU D 215 -2.20 22.38 -13.47
N ALA D 216 -1.49 21.34 -13.04
CA ALA D 216 -2.03 20.51 -11.93
C ALA D 216 -2.10 21.32 -10.64
N ALA D 217 -1.09 22.14 -10.43
CA ALA D 217 -1.04 22.98 -9.23
C ALA D 217 -2.17 24.02 -9.29
N ASP D 218 -2.38 24.64 -10.46
CA ASP D 218 -3.50 25.59 -10.59
C ASP D 218 -4.85 24.90 -10.37
N VAL D 219 -5.03 23.70 -10.92
CA VAL D 219 -6.29 23.01 -10.74
C VAL D 219 -6.49 22.69 -9.27
N ALA D 220 -5.42 22.34 -8.57
CA ALA D 220 -5.52 22.03 -7.14
C ALA D 220 -5.58 23.34 -6.34
N ASP D 221 -5.31 24.47 -6.99
CA ASP D 221 -5.37 25.78 -6.33
C ASP D 221 -4.29 26.09 -5.29
N VAL D 222 -3.05 25.67 -5.54
CA VAL D 222 -1.94 25.96 -4.65
C VAL D 222 -0.74 26.44 -5.48
N PRO D 223 0.04 27.40 -4.92
CA PRO D 223 1.22 28.02 -5.52
C PRO D 223 2.50 27.21 -5.53
N THR D 224 2.41 25.91 -5.84
CA THR D 224 3.59 25.08 -5.85
C THR D 224 4.80 25.68 -6.57
N VAL D 225 5.97 25.43 -6.04
CA VAL D 225 7.14 25.96 -6.72
C VAL D 225 7.53 24.92 -7.79
N VAL D 226 7.53 25.33 -9.06
CA VAL D 226 7.89 24.44 -10.13
C VAL D 226 9.36 24.62 -10.52
N ILE D 227 10.14 23.55 -10.47
CA ILE D 227 11.55 23.61 -10.78
C ILE D 227 11.92 22.87 -12.06
N ALA D 228 12.65 23.55 -12.95
CA ALA D 228 13.07 22.91 -14.18
C ALA D 228 14.52 22.44 -14.14
N ARG D 229 14.77 21.19 -14.52
CA ARG D 229 16.13 20.66 -14.52
C ARG D 229 16.55 20.18 -15.90
N THR D 230 17.77 20.53 -16.33
CA THR D 230 18.20 20.05 -17.62
C THR D 230 19.36 19.10 -17.43
N ASP D 231 19.39 18.03 -18.22
CA ASP D 231 20.47 17.05 -18.16
C ASP D 231 21.41 17.10 -19.37
N ALA D 232 21.44 18.23 -20.07
CA ALA D 232 22.22 18.36 -21.31
C ALA D 232 23.74 18.45 -21.24
N GLU D 233 24.29 18.65 -20.05
CA GLU D 233 25.72 18.80 -19.90
C GLU D 233 26.39 17.47 -20.22
N ALA D 234 25.81 16.35 -19.76
CA ALA D 234 26.40 15.03 -20.00
C ALA D 234 25.71 14.20 -21.07
N ALA D 235 24.41 14.43 -21.25
CA ALA D 235 23.67 13.63 -22.24
C ALA D 235 24.18 13.76 -23.68
N THR D 236 24.44 12.62 -24.32
CA THR D 236 24.90 12.63 -25.71
C THR D 236 23.84 12.04 -26.62
N LEU D 237 22.62 11.84 -26.09
CA LEU D 237 21.53 11.26 -26.86
C LEU D 237 20.26 12.05 -26.66
N ILE D 238 19.44 12.07 -27.71
CA ILE D 238 18.15 12.76 -27.72
C ILE D 238 17.17 11.92 -28.54
N THR D 239 15.90 11.93 -28.14
CA THR D 239 14.95 11.11 -28.83
C THR D 239 14.65 11.56 -30.25
N SER D 240 14.68 12.87 -30.49
CA SER D 240 14.32 13.40 -31.81
C SER D 240 14.95 14.74 -32.11
N ASP D 241 15.07 15.04 -33.41
CA ASP D 241 15.64 16.32 -33.86
C ASP D 241 14.51 17.22 -34.35
N VAL D 242 13.30 16.93 -33.91
CA VAL D 242 12.13 17.68 -34.33
C VAL D 242 12.13 19.15 -33.92
N ASP D 243 12.71 19.48 -32.76
CA ASP D 243 12.72 20.87 -32.27
C ASP D 243 13.90 21.66 -32.85
N GLU D 244 13.59 22.81 -33.43
CA GLU D 244 14.61 23.64 -34.04
C GLU D 244 15.64 24.15 -33.06
N ARG D 245 15.27 24.26 -31.80
CA ARG D 245 16.22 24.75 -30.81
C ARG D 245 17.27 23.67 -30.45
N ASP D 246 16.97 22.42 -30.77
CA ASP D 246 17.87 21.31 -30.46
C ASP D 246 18.77 20.90 -31.63
N GLN D 247 18.31 21.18 -32.84
CA GLN D 247 19.01 20.84 -34.05
C GLN D 247 20.46 21.34 -34.13
N PRO D 248 20.75 22.50 -33.56
CA PRO D 248 22.16 22.89 -33.69
C PRO D 248 23.14 21.95 -33.02
N PHE D 249 22.64 21.10 -32.12
CA PHE D 249 23.53 20.21 -31.40
C PHE D 249 23.48 18.81 -31.93
N ILE D 250 22.54 18.56 -32.83
CA ILE D 250 22.36 17.25 -33.45
C ILE D 250 23.49 16.94 -34.40
N THR D 251 24.12 15.78 -34.25
CA THR D 251 25.26 15.41 -35.09
C THR D 251 24.95 14.62 -36.37
N GLY D 252 23.85 13.88 -36.40
CA GLY D 252 23.52 13.09 -37.56
C GLY D 252 23.62 11.60 -37.28
N GLU D 253 24.58 11.23 -36.44
CA GLU D 253 24.77 9.82 -36.06
C GLU D 253 23.54 9.33 -35.30
N ARG D 254 23.26 8.03 -35.40
CA ARG D 254 22.08 7.43 -34.77
C ARG D 254 22.43 6.06 -34.21
N THR D 255 21.62 5.60 -33.25
CA THR D 255 21.81 4.31 -32.61
C THR D 255 20.81 3.31 -33.16
N ARG D 256 21.04 2.02 -32.92
CA ARG D 256 20.12 1.01 -33.38
C ARG D 256 18.73 1.22 -32.75
N GLU D 257 18.65 1.94 -31.65
CA GLU D 257 17.33 2.15 -31.02
C GLU D 257 16.59 3.26 -31.76
N GLY D 258 17.34 4.03 -32.54
CA GLY D 258 16.76 5.12 -33.29
C GLY D 258 17.05 6.47 -32.67
N PHE D 259 17.78 6.45 -31.55
CA PHE D 259 18.10 7.70 -30.87
C PHE D 259 19.02 8.51 -31.76
N TYR D 260 19.13 9.80 -31.46
CA TYR D 260 20.00 10.74 -32.17
C TYR D 260 21.14 11.18 -31.27
N ARG D 261 22.37 11.16 -31.79
CA ARG D 261 23.52 11.62 -31.00
C ARG D 261 23.45 13.15 -31.04
N THR D 262 23.82 13.79 -29.94
CA THR D 262 23.80 15.24 -29.82
C THR D 262 25.07 15.70 -29.08
N LYS D 263 25.44 16.97 -29.26
CA LYS D 263 26.63 17.53 -28.64
C LYS D 263 26.27 18.13 -27.32
N ASN D 264 26.83 17.54 -26.27
CA ASN D 264 26.59 17.92 -24.88
C ASN D 264 27.50 19.04 -24.41
N GLY D 265 27.25 19.58 -23.22
CA GLY D 265 28.08 20.64 -22.71
C GLY D 265 27.23 21.71 -22.08
N ILE D 266 27.83 22.83 -21.69
CA ILE D 266 27.07 23.90 -21.07
C ILE D 266 26.23 24.72 -22.07
N GLU D 267 26.60 24.67 -23.35
CA GLU D 267 25.88 25.41 -24.38
C GLU D 267 24.43 24.92 -24.46
N PRO D 268 24.22 23.61 -24.71
CA PRO D 268 22.82 23.16 -24.76
C PRO D 268 22.06 23.44 -23.44
N CYS D 269 22.76 23.39 -22.30
CA CYS D 269 22.09 23.62 -21.00
C CYS D 269 21.66 25.06 -20.89
N ILE D 270 22.50 25.98 -21.35
CA ILE D 270 22.13 27.40 -21.31
C ILE D 270 20.94 27.69 -22.21
N ALA D 271 20.96 27.14 -23.42
CA ALA D 271 19.83 27.37 -24.35
C ALA D 271 18.54 26.79 -23.76
N ARG D 272 18.65 25.57 -23.24
CA ARG D 272 17.47 24.95 -22.67
C ARG D 272 16.96 25.73 -21.48
N ALA D 273 17.91 26.20 -20.68
CA ALA D 273 17.56 26.94 -19.49
C ALA D 273 16.77 28.16 -19.92
N LYS D 274 17.20 28.83 -20.99
CA LYS D 274 16.45 30.01 -21.39
C LYS D 274 15.07 29.67 -21.89
N ALA D 275 14.95 28.53 -22.57
CA ALA D 275 13.63 28.16 -23.10
C ALA D 275 12.65 27.81 -21.97
N TYR D 276 13.18 27.19 -20.90
CA TYR D 276 12.34 26.78 -19.78
C TYR D 276 12.04 27.93 -18.84
N ALA D 277 12.90 28.94 -18.82
CA ALA D 277 12.73 30.05 -17.89
C ALA D 277 11.32 30.60 -17.67
N PRO D 278 10.55 30.87 -18.74
CA PRO D 278 9.19 31.40 -18.54
C PRO D 278 8.29 30.37 -17.89
N PHE D 279 8.75 29.11 -17.84
CA PHE D 279 7.91 28.05 -17.28
C PHE D 279 8.45 27.47 -15.97
N ALA D 280 9.49 28.10 -15.42
CA ALA D 280 10.13 27.60 -14.20
C ALA D 280 10.45 28.63 -13.11
N ASP D 281 10.07 28.31 -11.87
CA ASP D 281 10.37 29.20 -10.74
C ASP D 281 11.84 29.09 -10.37
N LEU D 282 12.45 27.98 -10.75
CA LEU D 282 13.88 27.77 -10.49
C LEU D 282 14.40 26.88 -11.59
N ILE D 283 15.66 27.10 -11.97
CA ILE D 283 16.28 26.29 -13.00
C ILE D 283 17.55 25.64 -12.47
N TRP D 284 17.80 24.41 -12.91
CA TRP D 284 18.93 23.67 -12.43
C TRP D 284 19.55 22.82 -13.53
N MET D 285 20.88 22.88 -13.65
CA MET D 285 21.58 22.05 -14.63
C MET D 285 22.50 21.10 -13.88
N GLU D 286 22.44 19.82 -14.22
CA GLU D 286 23.30 18.85 -13.58
C GLU D 286 24.69 19.04 -14.17
N THR D 287 25.72 18.81 -13.36
CA THR D 287 27.10 18.97 -13.81
C THR D 287 27.91 17.71 -13.51
N GLY D 288 29.06 17.58 -14.17
CA GLY D 288 29.92 16.41 -14.00
C GLY D 288 30.92 16.48 -12.84
N THR D 289 31.15 17.69 -12.34
CA THR D 289 32.07 17.91 -11.23
C THR D 289 31.55 19.14 -10.51
N PRO D 290 32.01 19.40 -9.26
CA PRO D 290 31.56 20.57 -8.49
C PRO D 290 32.54 21.72 -8.84
N ASP D 291 32.17 22.50 -9.85
CA ASP D 291 33.04 23.57 -10.36
C ASP D 291 32.43 24.95 -10.28
N LEU D 292 32.99 25.79 -9.41
CA LEU D 292 32.46 27.13 -9.28
C LEU D 292 32.55 27.94 -10.58
N GLU D 293 33.58 27.74 -11.38
CA GLU D 293 33.69 28.52 -12.63
C GLU D 293 32.51 28.18 -13.55
N ALA D 294 32.39 26.89 -13.86
CA ALA D 294 31.33 26.37 -14.70
C ALA D 294 29.98 26.87 -14.20
N ALA D 295 29.80 26.82 -12.89
CA ALA D 295 28.55 27.29 -12.30
C ALA D 295 28.32 28.77 -12.60
N ARG D 296 29.36 29.60 -12.50
CA ARG D 296 29.18 31.03 -12.77
C ARG D 296 28.89 31.26 -14.25
N GLN D 297 29.56 30.47 -15.07
CA GLN D 297 29.42 30.49 -16.51
C GLN D 297 27.93 30.29 -16.84
N PHE D 298 27.31 29.27 -16.23
CA PHE D 298 25.90 28.98 -16.48
C PHE D 298 24.98 30.08 -15.96
N SER D 299 25.23 30.54 -14.74
CA SER D 299 24.41 31.58 -14.11
C SER D 299 24.37 32.93 -14.83
N GLU D 300 25.54 33.41 -15.23
CA GLU D 300 25.62 34.70 -15.91
C GLU D 300 24.82 34.66 -17.22
N ALA D 301 25.09 33.61 -17.99
CA ALA D 301 24.40 33.42 -19.26
C ALA D 301 22.91 33.54 -19.08
N VAL D 302 22.37 32.78 -18.14
CA VAL D 302 20.95 32.79 -17.91
C VAL D 302 20.38 34.06 -17.37
N LYS D 303 21.03 34.67 -16.39
CA LYS D 303 20.48 35.91 -15.84
C LYS D 303 20.68 37.06 -16.82
N ALA D 304 21.56 36.83 -17.79
CA ALA D 304 21.84 37.81 -18.84
C ALA D 304 20.55 38.09 -19.58
N GLU D 305 19.64 37.12 -19.57
CA GLU D 305 18.38 37.28 -20.27
C GLU D 305 17.19 37.28 -19.31
N TYR D 306 17.35 36.62 -18.16
CA TYR D 306 16.30 36.56 -17.14
C TYR D 306 16.90 36.93 -15.78
N PRO D 307 17.06 38.24 -15.51
CA PRO D 307 17.64 38.79 -14.27
C PRO D 307 17.05 38.31 -12.93
N ASP D 308 15.73 38.15 -12.87
CA ASP D 308 15.09 37.70 -11.63
C ASP D 308 15.00 36.16 -11.49
N GLN D 309 15.48 35.42 -12.49
CA GLN D 309 15.40 33.95 -12.45
C GLN D 309 16.28 33.29 -11.39
N MET D 310 15.64 32.60 -10.44
CA MET D 310 16.39 31.92 -9.38
C MET D 310 16.84 30.58 -9.91
N LEU D 311 17.96 30.12 -9.40
CA LEU D 311 18.53 28.88 -9.84
C LEU D 311 18.61 27.94 -8.65
N ALA D 312 18.93 26.67 -8.91
CA ALA D 312 19.06 25.64 -7.86
C ALA D 312 20.27 24.83 -8.21
N TYR D 313 21.01 24.39 -7.19
CA TYR D 313 22.22 23.63 -7.43
C TYR D 313 22.30 22.33 -6.64
N ASN D 314 22.74 21.26 -7.30
CA ASN D 314 22.85 19.94 -6.69
C ASN D 314 24.26 19.58 -6.23
N CYS D 315 24.52 19.74 -4.92
CA CYS D 315 25.82 19.37 -4.38
C CYS D 315 25.81 17.87 -4.14
N SER D 316 25.89 17.10 -5.22
CA SER D 316 25.82 15.64 -5.18
C SER D 316 26.98 14.78 -4.66
N PRO D 317 26.63 13.75 -3.89
CA PRO D 317 27.57 12.78 -3.31
C PRO D 317 28.14 11.96 -4.45
N SER D 318 27.59 12.15 -5.65
CA SER D 318 28.10 11.39 -6.79
C SER D 318 29.44 11.97 -7.24
N PHE D 319 29.82 13.10 -6.65
CA PHE D 319 31.09 13.78 -6.91
C PHE D 319 32.07 13.35 -5.82
N ASN D 320 33.33 13.13 -6.19
CA ASN D 320 34.36 12.77 -5.20
C ASN D 320 34.88 14.15 -4.84
N TRP D 321 34.25 14.79 -3.86
CA TRP D 321 34.60 16.16 -3.51
C TRP D 321 36.04 16.60 -3.31
N LYS D 322 36.84 15.83 -2.60
CA LYS D 322 38.23 16.26 -2.40
C LYS D 322 39.15 15.90 -3.56
N LYS D 323 38.68 15.05 -4.47
CA LYS D 323 39.46 14.70 -5.63
C LYS D 323 39.40 15.89 -6.57
N HIS D 324 38.42 16.76 -6.36
CA HIS D 324 38.27 17.94 -7.21
C HIS D 324 38.67 19.22 -6.50
N LEU D 325 38.13 19.41 -5.31
CA LEU D 325 38.41 20.63 -4.57
C LEU D 325 39.25 20.40 -3.33
N ASP D 326 39.82 21.50 -2.84
CA ASP D 326 40.63 21.47 -1.63
C ASP D 326 39.69 22.05 -0.56
N ASP D 327 40.06 21.86 0.71
CA ASP D 327 39.24 22.31 1.86
C ASP D 327 38.79 23.76 1.85
N ALA D 328 39.60 24.63 1.28
CA ALA D 328 39.26 26.05 1.22
C ALA D 328 38.08 26.27 0.29
N THR D 329 38.11 25.57 -0.83
CA THR D 329 37.07 25.70 -1.85
C THR D 329 35.80 24.98 -1.38
N ILE D 330 35.96 23.81 -0.76
CA ILE D 330 34.82 23.05 -0.27
C ILE D 330 34.09 23.87 0.78
N ALA D 331 34.86 24.53 1.63
CA ALA D 331 34.33 25.35 2.72
C ALA D 331 33.48 26.54 2.26
N LYS D 332 33.85 27.16 1.13
CA LYS D 332 33.04 28.29 0.68
C LYS D 332 32.10 27.95 -0.46
N PHE D 333 32.18 26.71 -0.93
CA PHE D 333 31.36 26.28 -2.06
C PHE D 333 29.95 26.80 -2.15
N GLN D 334 29.12 26.52 -1.15
CA GLN D 334 27.73 26.98 -1.18
C GLN D 334 27.59 28.51 -1.10
N LYS D 335 28.40 29.16 -0.27
CA LYS D 335 28.27 30.62 -0.17
C LYS D 335 28.57 31.28 -1.50
N GLU D 336 29.57 30.76 -2.23
CA GLU D 336 29.94 31.30 -3.55
C GLU D 336 28.78 31.08 -4.52
N LEU D 337 28.35 29.83 -4.65
CA LEU D 337 27.22 29.51 -5.52
C LEU D 337 26.05 30.45 -5.22
N ALA D 338 25.79 30.71 -3.95
CA ALA D 338 24.66 31.56 -3.61
C ALA D 338 24.85 32.93 -4.23
N ALA D 339 26.09 33.40 -4.25
CA ALA D 339 26.35 34.71 -4.83
C ALA D 339 25.89 34.63 -6.28
N MET D 340 26.32 33.57 -6.97
CA MET D 340 25.95 33.39 -8.36
C MET D 340 24.42 33.38 -8.62
N GLY D 341 23.61 33.24 -7.57
CA GLY D 341 22.16 33.24 -7.77
C GLY D 341 21.46 31.90 -7.57
N PHE D 342 22.19 30.93 -7.03
CA PHE D 342 21.59 29.62 -6.76
C PHE D 342 20.95 29.74 -5.38
N LYS D 343 19.64 30.00 -5.35
CA LYS D 343 18.90 30.17 -4.10
C LYS D 343 18.44 28.85 -3.41
N PHE D 344 18.62 27.72 -4.12
CA PHE D 344 18.24 26.42 -3.56
C PHE D 344 19.40 25.45 -3.83
N GLN D 345 20.02 24.97 -2.75
CA GLN D 345 21.12 24.06 -2.92
C GLN D 345 20.81 22.85 -2.05
N PHE D 346 21.26 21.67 -2.48
CA PHE D 346 20.94 20.44 -1.77
C PHE D 346 21.87 19.27 -2.07
N ILE D 347 22.08 18.42 -1.06
CA ILE D 347 22.89 17.21 -1.20
C ILE D 347 21.84 16.09 -1.36
N THR D 348 21.60 15.72 -2.62
CA THR D 348 20.62 14.71 -2.95
C THR D 348 20.66 13.42 -2.15
N LEU D 349 21.83 12.73 -2.14
CA LEU D 349 21.92 11.46 -1.44
C LEU D 349 22.42 11.47 0.02
N ALA D 350 22.26 12.62 0.70
CA ALA D 350 22.68 12.79 2.10
C ALA D 350 22.20 11.68 3.02
N GLY D 351 20.91 11.37 2.94
CA GLY D 351 20.33 10.34 3.80
C GLY D 351 20.83 8.95 3.50
N PHE D 352 20.96 8.61 2.23
CA PHE D 352 21.44 7.29 1.94
C PHE D 352 22.83 7.11 2.57
N HIS D 353 23.71 8.10 2.41
CA HIS D 353 25.06 7.89 2.98
C HIS D 353 25.10 7.89 4.49
N ALA D 354 24.37 8.78 5.13
CA ALA D 354 24.35 8.82 6.57
C ALA D 354 23.81 7.52 7.19
N LEU D 355 22.77 6.98 6.57
CA LEU D 355 22.17 5.75 7.06
C LEU D 355 23.04 4.51 6.74
N ASN D 356 23.58 4.42 5.52
CA ASN D 356 24.39 3.24 5.21
C ASN D 356 25.66 3.26 6.04
N TYR D 357 26.35 4.39 6.03
CA TYR D 357 27.59 4.46 6.82
C TYR D 357 27.37 4.25 8.32
N SER D 358 26.45 5.01 8.93
CA SER D 358 26.23 4.84 10.36
C SER D 358 25.93 3.40 10.80
N MET D 359 25.20 2.63 9.99
CA MET D 359 24.86 1.28 10.40
C MET D 359 26.00 0.31 10.16
N PHE D 360 26.76 0.55 9.11
CA PHE D 360 27.87 -0.34 8.88
C PHE D 360 28.86 -0.14 10.05
N ASP D 361 28.99 1.10 10.47
CA ASP D 361 29.93 1.45 11.55
C ASP D 361 29.51 0.79 12.85
N LEU D 362 28.23 0.93 13.18
CA LEU D 362 27.73 0.31 14.39
C LEU D 362 27.79 -1.21 14.30
N ALA D 363 27.27 -1.78 13.20
CA ALA D 363 27.27 -3.24 13.08
C ALA D 363 28.71 -3.78 13.08
N TYR D 364 29.64 -3.02 12.49
CA TYR D 364 31.01 -3.49 12.46
C TYR D 364 31.55 -3.62 13.90
N GLY D 365 31.44 -2.54 14.66
CA GLY D 365 31.92 -2.56 16.03
C GLY D 365 31.20 -3.59 16.89
N TYR D 366 29.89 -3.76 16.63
CA TYR D 366 29.06 -4.73 17.37
C TYR D 366 29.51 -6.18 17.09
N ALA D 367 29.85 -6.48 15.84
CA ALA D 367 30.30 -7.82 15.50
C ALA D 367 31.59 -8.13 16.25
N GLN D 368 32.37 -7.09 16.53
CA GLN D 368 33.65 -7.28 17.23
C GLN D 368 33.49 -7.22 18.74
N ASN D 369 32.98 -6.08 19.22
CA ASN D 369 32.85 -5.79 20.64
C ASN D 369 31.43 -5.81 21.31
N GLN D 370 30.45 -6.42 20.67
CA GLN D 370 29.10 -6.45 21.24
C GLN D 370 28.66 -5.14 21.87
N MET D 371 28.14 -5.16 23.09
CA MET D 371 27.62 -3.93 23.72
C MET D 371 28.50 -2.66 23.79
N SER D 372 29.82 -2.82 23.86
CA SER D 372 30.67 -1.63 23.93
C SER D 372 30.42 -0.70 22.74
N ALA D 373 30.28 -1.28 21.55
CA ALA D 373 30.06 -0.47 20.36
C ALA D 373 28.75 0.31 20.47
N TYR D 374 27.70 -0.30 21.01
CA TYR D 374 26.46 0.45 21.10
C TYR D 374 26.56 1.54 22.15
N VAL D 375 27.19 1.22 23.27
CA VAL D 375 27.33 2.23 24.32
C VAL D 375 28.11 3.45 23.80
N GLU D 376 29.07 3.24 22.91
CA GLU D 376 29.81 4.37 22.33
C GLU D 376 28.82 5.28 21.63
N LEU D 377 27.87 4.67 20.91
CA LEU D 377 26.86 5.47 20.25
C LEU D 377 25.94 6.15 21.27
N GLN D 378 25.45 5.41 22.27
CA GLN D 378 24.57 6.05 23.24
C GLN D 378 25.22 7.27 23.92
N GLU D 379 26.51 7.16 24.20
CA GLU D 379 27.21 8.26 24.84
C GLU D 379 27.33 9.48 23.90
N ARG D 380 27.55 9.23 22.60
CA ARG D 380 27.59 10.32 21.64
C ARG D 380 26.24 11.02 21.65
N GLU D 381 25.15 10.24 21.70
CA GLU D 381 23.84 10.88 21.72
C GLU D 381 23.65 11.71 22.98
N PHE D 382 24.11 11.19 24.11
CA PHE D 382 24.02 11.94 25.37
C PHE D 382 24.83 13.24 25.22
N ALA D 383 26.02 13.09 24.67
CA ALA D 383 26.90 14.23 24.44
C ALA D 383 26.20 15.25 23.55
N ALA D 384 25.67 14.79 22.41
CA ALA D 384 25.01 15.68 21.48
C ALA D 384 23.79 16.43 22.01
N GLU D 385 23.37 16.13 23.24
CA GLU D 385 22.18 16.80 23.78
C GLU D 385 22.42 18.28 24.03
N GLU D 386 23.68 18.66 24.19
CA GLU D 386 24.01 20.07 24.42
C GLU D 386 23.84 20.84 23.10
N ARG D 387 23.80 20.11 21.98
CA ARG D 387 23.62 20.73 20.67
C ARG D 387 22.14 20.87 20.33
N GLY D 388 21.28 20.21 21.10
CA GLY D 388 19.86 20.31 20.85
C GLY D 388 19.21 18.95 20.57
N TYR D 389 20.04 17.93 20.35
CA TYR D 389 19.59 16.57 20.05
C TYR D 389 18.63 16.10 21.14
N THR D 390 17.58 15.41 20.75
CA THR D 390 16.58 14.97 21.72
C THR D 390 16.13 13.52 21.60
N ALA D 391 16.61 12.82 20.57
CA ALA D 391 16.20 11.44 20.37
C ALA D 391 16.80 10.35 21.29
N THR D 392 17.67 10.76 22.22
CA THR D 392 18.23 9.77 23.15
C THR D 392 17.00 9.32 23.98
N LYS D 393 16.09 10.25 24.20
CA LYS D 393 14.87 9.96 24.94
C LYS D 393 13.86 9.57 23.88
N HIS D 394 14.10 8.41 23.27
CA HIS D 394 13.25 7.92 22.19
C HIS D 394 11.73 7.82 22.40
N GLN D 395 11.23 7.55 23.62
CA GLN D 395 9.77 7.43 23.81
C GLN D 395 9.03 8.77 23.55
N ARG D 396 9.46 9.83 24.21
CA ARG D 396 8.80 11.12 23.97
C ARG D 396 9.07 11.57 22.52
N GLU D 397 10.20 11.19 21.95
CA GLU D 397 10.55 11.61 20.60
C GLU D 397 9.51 11.17 19.59
N VAL D 398 9.02 9.96 19.77
CA VAL D 398 8.03 9.41 18.85
C VAL D 398 6.58 9.63 19.31
N GLY D 399 6.39 10.46 20.34
CA GLY D 399 5.05 10.77 20.82
C GLY D 399 4.37 10.02 21.97
N ALA D 400 5.10 9.22 22.75
CA ALA D 400 4.48 8.53 23.88
C ALA D 400 3.79 9.55 24.75
N GLY D 401 4.38 10.73 24.89
CA GLY D 401 3.72 11.71 25.75
C GLY D 401 2.51 12.37 25.14
N TYR D 402 2.54 12.50 23.81
CA TYR D 402 1.42 13.10 23.12
C TYR D 402 0.22 12.17 23.23
N PHE D 403 0.49 10.90 23.00
CA PHE D 403 -0.59 9.93 23.09
C PHE D 403 -1.09 9.74 24.53
N ASP D 404 -0.21 9.88 25.51
CA ASP D 404 -0.66 9.80 26.88
C ASP D 404 -1.68 10.97 27.07
N ARG D 405 -1.43 12.10 26.42
CA ARG D 405 -2.36 13.26 26.57
C ARG D 405 -3.71 12.96 25.98
N ILE D 406 -3.72 12.34 24.80
CA ILE D 406 -4.98 11.95 24.20
C ILE D 406 -5.67 10.95 25.14
N ALA D 407 -4.91 9.99 25.67
CA ALA D 407 -5.56 8.99 26.53
C ALA D 407 -6.18 9.66 27.75
N THR D 408 -5.46 10.58 28.37
CA THR D 408 -6.03 11.24 29.53
C THR D 408 -7.10 12.26 29.19
N THR D 409 -7.16 12.68 27.93
CA THR D 409 -8.21 13.64 27.59
C THR D 409 -9.47 12.83 27.47
N VAL D 410 -9.34 11.61 26.99
CA VAL D 410 -10.48 10.73 26.86
C VAL D 410 -10.90 10.17 28.22
N ASP D 411 -9.93 9.93 29.09
CA ASP D 411 -10.25 9.38 30.42
C ASP D 411 -9.12 9.74 31.32
N PRO D 412 -9.27 10.83 32.09
CA PRO D 412 -8.19 11.26 32.99
C PRO D 412 -7.76 10.19 33.99
N ASN D 413 -8.65 9.24 34.26
CA ASN D 413 -8.36 8.18 35.22
C ASN D 413 -7.78 6.88 34.65
N SER D 414 -7.49 6.85 33.35
CA SER D 414 -6.96 5.64 32.77
C SER D 414 -5.70 5.13 33.50
N SER D 415 -5.66 3.82 33.72
CA SER D 415 -4.52 3.23 34.41
C SER D 415 -3.50 2.60 33.45
N THR D 416 -3.61 2.95 32.18
CA THR D 416 -2.74 2.41 31.15
C THR D 416 -1.94 3.44 30.33
N THR D 417 -1.54 4.55 30.94
CA THR D 417 -0.78 5.54 30.22
C THR D 417 0.64 5.01 30.22
N ALA D 418 1.48 5.53 29.32
CA ALA D 418 2.82 5.02 29.08
C ALA D 418 4.09 5.59 29.70
N LEU D 419 4.22 6.91 29.79
CA LEU D 419 5.47 7.48 30.32
C LEU D 419 5.74 7.23 31.83
N THR D 420 4.68 7.20 32.63
CA THR D 420 4.77 6.97 34.06
C THR D 420 5.13 5.51 34.29
N GLY D 421 6.23 5.31 34.98
CA GLY D 421 6.68 3.96 35.25
C GLY D 421 7.67 3.49 34.19
N SER D 422 7.90 4.32 33.16
CA SER D 422 8.83 3.95 32.09
C SER D 422 10.30 4.08 32.48
N THR D 423 11.17 3.27 31.85
CA THR D 423 12.58 3.37 32.14
C THR D 423 13.11 4.70 31.61
N GLU D 424 12.36 5.34 30.70
CA GLU D 424 12.83 6.62 30.17
C GLU D 424 12.75 7.64 31.30
N GLU D 425 11.59 7.69 31.94
CA GLU D 425 11.36 8.60 33.07
C GLU D 425 12.26 8.26 34.29
N GLY D 426 12.64 6.98 34.43
CA GLY D 426 13.48 6.62 35.57
C GLY D 426 14.98 6.53 35.34
N GLN D 427 15.43 6.55 34.08
CA GLN D 427 16.85 6.42 33.79
C GLN D 427 17.45 7.51 32.91
N PHE D 428 16.63 8.40 32.35
CA PHE D 428 17.15 9.43 31.47
C PHE D 428 16.99 10.86 31.97
MG MG E . -19.56 -3.94 10.20
C PYR F . -24.01 -6.98 8.49
O PYR F . -25.17 -6.78 8.10
OXT PYR F . -23.07 -6.14 8.47
CA PYR F . -23.85 -8.33 9.04
O3 PYR F . -24.80 -9.11 9.17
CB PYR F . -22.43 -8.68 9.45
MG MG G . -5.26 -3.59 -21.53
C PYR H . -10.23 -3.54 -24.06
O PYR H . -11.14 -4.31 -24.47
OXT PYR H . -9.25 -3.87 -23.35
CA PYR H . -10.23 -2.19 -24.63
O3 PYR H . -11.13 -1.93 -25.45
CB PYR H . -9.19 -1.17 -24.23
MG MG I . 8.56 -4.68 20.12
C PYR J . 12.53 -2.18 23.30
O PYR J . 13.74 -2.34 23.62
OXT PYR J . 11.92 -2.78 22.38
CA PYR J . 11.75 -1.24 24.11
O3 PYR J . 12.32 -0.74 25.07
CB PYR J . 10.33 -0.90 23.75
MG MG K . 16.51 12.17 -8.84
C PYR L . 22.15 12.52 -7.64
O PYR L . 22.90 13.34 -7.07
OXT PYR L . 20.91 12.43 -7.47
CA PYR L . 22.80 11.61 -8.58
O3 PYR L . 24.03 11.47 -8.66
CB PYR L . 21.87 10.83 -9.45
#